data_1RGJ
# 
_entry.id   1RGJ 
# 
_audit_conform.dict_name       mmcif_pdbx.dic 
_audit_conform.dict_version    5.398 
_audit_conform.dict_location   http://mmcif.pdb.org/dictionaries/ascii/mmcif_pdbx.dic 
# 
loop_
_database_2.database_id 
_database_2.database_code 
_database_2.pdbx_database_accession 
_database_2.pdbx_DOI 
PDB   1RGJ         pdb_00001rgj 10.2210/pdb1rgj/pdb 
RCSB  RCSB020727   ?            ?                   
WWPDB D_1000020727 ?            ?                   
# 
loop_
_pdbx_audit_revision_history.ordinal 
_pdbx_audit_revision_history.data_content_type 
_pdbx_audit_revision_history.major_revision 
_pdbx_audit_revision_history.minor_revision 
_pdbx_audit_revision_history.revision_date 
1 'Structure model' 1 0 2003-11-25 
2 'Structure model' 1 1 2008-04-29 
3 'Structure model' 1 2 2011-07-13 
4 'Structure model' 1 3 2022-03-02 
5 'Structure model' 1 4 2024-11-13 
# 
_pdbx_audit_revision_details.ordinal             1 
_pdbx_audit_revision_details.revision_ordinal    1 
_pdbx_audit_revision_details.data_content_type   'Structure model' 
_pdbx_audit_revision_details.provider            repository 
_pdbx_audit_revision_details.type                'Initial release' 
_pdbx_audit_revision_details.description         ? 
_pdbx_audit_revision_details.details             ? 
# 
loop_
_pdbx_audit_revision_group.ordinal 
_pdbx_audit_revision_group.revision_ordinal 
_pdbx_audit_revision_group.data_content_type 
_pdbx_audit_revision_group.group 
1 2 'Structure model' 'Version format compliance' 
2 3 'Structure model' 'Version format compliance' 
3 4 'Structure model' 'Data collection'           
4 4 'Structure model' 'Database references'       
5 4 'Structure model' 'Derived calculations'      
6 5 'Structure model' 'Data collection'           
7 5 'Structure model' 'Structure summary'         
# 
loop_
_pdbx_audit_revision_category.ordinal 
_pdbx_audit_revision_category.revision_ordinal 
_pdbx_audit_revision_category.data_content_type 
_pdbx_audit_revision_category.category 
1 4 'Structure model' database_2                
2 4 'Structure model' pdbx_nmr_software         
3 4 'Structure model' pdbx_struct_assembly      
4 4 'Structure model' pdbx_struct_oper_list     
5 5 'Structure model' chem_comp_atom            
6 5 'Structure model' chem_comp_bond            
7 5 'Structure model' pdbx_entry_details        
8 5 'Structure model' pdbx_modification_feature 
# 
loop_
_pdbx_audit_revision_item.ordinal 
_pdbx_audit_revision_item.revision_ordinal 
_pdbx_audit_revision_item.data_content_type 
_pdbx_audit_revision_item.item 
1 4 'Structure model' '_database_2.pdbx_DOI'                
2 4 'Structure model' '_database_2.pdbx_database_accession' 
3 4 'Structure model' '_pdbx_nmr_software.name'             
# 
_pdbx_database_PDB_obs_spr.id               SPRSDE 
_pdbx_database_PDB_obs_spr.date             2003-11-25 
_pdbx_database_PDB_obs_spr.pdb_id           1RGJ 
_pdbx_database_PDB_obs_spr.replace_pdb_id   1P67 
_pdbx_database_PDB_obs_spr.details          ? 
# 
_pdbx_database_status.status_code                     REL 
_pdbx_database_status.entry_id                        1RGJ 
_pdbx_database_status.recvd_initial_deposition_date   2003-11-12 
_pdbx_database_status.deposit_site                    RCSB 
_pdbx_database_status.process_site                    RCSB 
_pdbx_database_status.status_code_sf                  ? 
_pdbx_database_status.status_code_mr                  ? 
_pdbx_database_status.SG_entry                        ? 
_pdbx_database_status.pdb_format_compatible           Y 
_pdbx_database_status.status_code_cs                  ? 
_pdbx_database_status.status_code_nmr_data            ? 
_pdbx_database_status.methods_development_category    ? 
# 
loop_
_pdbx_database_related.db_name 
_pdbx_database_related.db_id 
_pdbx_database_related.details 
_pdbx_database_related.content_type 
PDB 1JBD 'ALPHA-BUNGAROTOXIN COMPLEXED WITH ANOTHER PEPTIDE'                    unspecified 
PDB 1HOY 'ALPHA-BUNGAROTOXIN COMPLEXED WITH ANOTHER PEPTIDE. 20 NMR STRUCTURES' unspecified 
PDB 1IK8 'ALPHA-BUNGAROTOXIN. MINIMIZED AVERAGE STRUCTURE'                      unspecified 
PDB 1IKC 'ALPHA-BUNGAROTOXIN. 30 NMR STRUCTURES'                                unspecified 
# 
loop_
_audit_author.name 
_audit_author.pdbx_ordinal 
'Bernini, A.'   1 
'Spiga, O.'     2 
'Ciutti, A.'    3 
'Scarselli, M.' 4 
'Bracci, L.'    5 
'Lozzi, L.'     6 
'Lelli, B.'     7 
'Neri, P.'      8 
'Niccolai, N.'  9 
# 
_citation.id                        primary 
_citation.title                     'NMR and MD studies on the interaction between ligand peptides and alpha-bungarotoxin.' 
_citation.journal_abbrev            J.Mol.Biol. 
_citation.journal_volume            339 
_citation.page_first                1169 
_citation.page_last                 1177 
_citation.year                      2004 
_citation.journal_id_ASTM           JMOBAK 
_citation.country                   UK 
_citation.journal_id_ISSN           0022-2836 
_citation.journal_id_CSD            0070 
_citation.book_publisher            ? 
_citation.pdbx_database_id_PubMed   15178256 
_citation.pdbx_database_id_DOI      10.1016/j.jmb.2004.04.041 
# 
loop_
_citation_author.citation_id 
_citation_author.name 
_citation_author.ordinal 
_citation_author.identifier_ORCID 
primary 'Bernini, A.'   1  ? 
primary 'Ciutti, A.'    2  ? 
primary 'Spiga, O.'     3  ? 
primary 'Scarselli, M.' 4  ? 
primary 'Klein, S.'     5  ? 
primary 'Vannetti, S.'  6  ? 
primary 'Bracci, L.'    7  ? 
primary 'Lozzi, L.'     8  ? 
primary 'Lelli, B.'     9  ? 
primary 'Falciani, C.'  10 ? 
primary 'Neri, P.'      11 ? 
primary 'Niccolai, N.'  12 ? 
# 
loop_
_entity.id 
_entity.type 
_entity.src_method 
_entity.pdbx_description 
_entity.formula_weight 
_entity.pdbx_number_of_molecules 
_entity.pdbx_ec 
_entity.pdbx_mutation 
_entity.pdbx_fragment 
_entity.details 
1 polymer nat 'long neurotoxin 1'                                8005.281 1 ? ? ? ? 
2 polymer syn 'MIMOTOPE OF THE NICOTINIC ACETYLCHOLINE RECEPTOR' 1707.772 1 ? ? ? ? 
# 
_entity_name_com.entity_id   1 
_entity_name_com.name        'Alpha-bungarotoxin, Alpha-BTX, BGTX' 
# 
loop_
_entity_poly.entity_id 
_entity_poly.type 
_entity_poly.nstd_linkage 
_entity_poly.nstd_monomer 
_entity_poly.pdbx_seq_one_letter_code 
_entity_poly.pdbx_seq_one_letter_code_can 
_entity_poly.pdbx_strand_id 
_entity_poly.pdbx_target_identifier 
1 'polypeptide(L)' no no IVCHTTATSPISAVTCPPGENLCYRKMWCDAFCSSRGKVVELGCAATCPSKKPYEEVTCCSTDKCNPHPKQRPG 
IVCHTTATSPISAVTCPPGENLCYRKMWCDAFCSSRGKVVELGCAATCPSKKPYEEVTCCSTDKCNPHPKQRPG A ? 
2 'polypeptide(L)' no no FRYYESSLEPWDD                                                              FRYYESSLEPWDD B ? 
# 
loop_
_entity_poly_seq.entity_id 
_entity_poly_seq.num 
_entity_poly_seq.mon_id 
_entity_poly_seq.hetero 
1 1  ILE n 
1 2  VAL n 
1 3  CYS n 
1 4  HIS n 
1 5  THR n 
1 6  THR n 
1 7  ALA n 
1 8  THR n 
1 9  SER n 
1 10 PRO n 
1 11 ILE n 
1 12 SER n 
1 13 ALA n 
1 14 VAL n 
1 15 THR n 
1 16 CYS n 
1 17 PRO n 
1 18 PRO n 
1 19 GLY n 
1 20 GLU n 
1 21 ASN n 
1 22 LEU n 
1 23 CYS n 
1 24 TYR n 
1 25 ARG n 
1 26 LYS n 
1 27 MET n 
1 28 TRP n 
1 29 CYS n 
1 30 ASP n 
1 31 ALA n 
1 32 PHE n 
1 33 CYS n 
1 34 SER n 
1 35 SER n 
1 36 ARG n 
1 37 GLY n 
1 38 LYS n 
1 39 VAL n 
1 40 VAL n 
1 41 GLU n 
1 42 LEU n 
1 43 GLY n 
1 44 CYS n 
1 45 ALA n 
1 46 ALA n 
1 47 THR n 
1 48 CYS n 
1 49 PRO n 
1 50 SER n 
1 51 LYS n 
1 52 LYS n 
1 53 PRO n 
1 54 TYR n 
1 55 GLU n 
1 56 GLU n 
1 57 VAL n 
1 58 THR n 
1 59 CYS n 
1 60 CYS n 
1 61 SER n 
1 62 THR n 
1 63 ASP n 
1 64 LYS n 
1 65 CYS n 
1 66 ASN n 
1 67 PRO n 
1 68 HIS n 
1 69 PRO n 
1 70 LYS n 
1 71 GLN n 
1 72 ARG n 
1 73 PRO n 
1 74 GLY n 
2 1  PHE n 
2 2  ARG n 
2 3  TYR n 
2 4  TYR n 
2 5  GLU n 
2 6  SER n 
2 7  SER n 
2 8  LEU n 
2 9  GLU n 
2 10 PRO n 
2 11 TRP n 
2 12 ASP n 
2 13 ASP n 
# 
_entity_src_nat.entity_id                  1 
_entity_src_nat.pdbx_src_id                1 
_entity_src_nat.pdbx_alt_source_flag       sample 
_entity_src_nat.pdbx_beg_seq_num           ? 
_entity_src_nat.pdbx_end_seq_num           ? 
_entity_src_nat.common_name                'many-banded krait' 
_entity_src_nat.pdbx_organism_scientific   'Bungarus multicinctus' 
_entity_src_nat.pdbx_ncbi_taxonomy_id      8616 
_entity_src_nat.genus                      Bungarus 
_entity_src_nat.species                    ? 
_entity_src_nat.strain                     ? 
_entity_src_nat.tissue                     ? 
_entity_src_nat.tissue_fraction            ? 
_entity_src_nat.pdbx_secretion             venom 
_entity_src_nat.pdbx_fragment              ? 
_entity_src_nat.pdbx_variant               ? 
_entity_src_nat.pdbx_cell_line             ? 
_entity_src_nat.pdbx_atcc                  ? 
_entity_src_nat.pdbx_cellular_location     ? 
_entity_src_nat.pdbx_organ                 ? 
_entity_src_nat.pdbx_organelle             ? 
_entity_src_nat.pdbx_cell                  ? 
_entity_src_nat.pdbx_plasmid_name          ? 
_entity_src_nat.pdbx_plasmid_details       ? 
_entity_src_nat.details                    ? 
# 
_pdbx_entity_src_syn.entity_id              2 
_pdbx_entity_src_syn.pdbx_src_id            1 
_pdbx_entity_src_syn.pdbx_alt_source_flag   sample 
_pdbx_entity_src_syn.pdbx_beg_seq_num       ? 
_pdbx_entity_src_syn.pdbx_end_seq_num       ? 
_pdbx_entity_src_syn.organism_scientific    ? 
_pdbx_entity_src_syn.organism_common_name   ? 
_pdbx_entity_src_syn.ncbi_taxonomy_id       ? 
_pdbx_entity_src_syn.details                'THE PEPTIDE WAS CHEMICALLY SYNTHESIZED' 
# 
loop_
_chem_comp.id 
_chem_comp.type 
_chem_comp.mon_nstd_flag 
_chem_comp.name 
_chem_comp.pdbx_synonyms 
_chem_comp.formula 
_chem_comp.formula_weight 
ALA 'L-peptide linking' y ALANINE         ? 'C3 H7 N O2'     89.093  
ARG 'L-peptide linking' y ARGININE        ? 'C6 H15 N4 O2 1' 175.209 
ASN 'L-peptide linking' y ASPARAGINE      ? 'C4 H8 N2 O3'    132.118 
ASP 'L-peptide linking' y 'ASPARTIC ACID' ? 'C4 H7 N O4'     133.103 
CYS 'L-peptide linking' y CYSTEINE        ? 'C3 H7 N O2 S'   121.158 
GLN 'L-peptide linking' y GLUTAMINE       ? 'C5 H10 N2 O3'   146.144 
GLU 'L-peptide linking' y 'GLUTAMIC ACID' ? 'C5 H9 N O4'     147.129 
GLY 'peptide linking'   y GLYCINE         ? 'C2 H5 N O2'     75.067  
HIS 'L-peptide linking' y HISTIDINE       ? 'C6 H10 N3 O2 1' 156.162 
ILE 'L-peptide linking' y ISOLEUCINE      ? 'C6 H13 N O2'    131.173 
LEU 'L-peptide linking' y LEUCINE         ? 'C6 H13 N O2'    131.173 
LYS 'L-peptide linking' y LYSINE          ? 'C6 H15 N2 O2 1' 147.195 
MET 'L-peptide linking' y METHIONINE      ? 'C5 H11 N O2 S'  149.211 
PHE 'L-peptide linking' y PHENYLALANINE   ? 'C9 H11 N O2'    165.189 
PRO 'L-peptide linking' y PROLINE         ? 'C5 H9 N O2'     115.130 
SER 'L-peptide linking' y SERINE          ? 'C3 H7 N O3'     105.093 
THR 'L-peptide linking' y THREONINE       ? 'C4 H9 N O3'     119.119 
TRP 'L-peptide linking' y TRYPTOPHAN      ? 'C11 H12 N2 O2'  204.225 
TYR 'L-peptide linking' y TYROSINE        ? 'C9 H11 N O3'    181.189 
VAL 'L-peptide linking' y VALINE          ? 'C5 H11 N O2'    117.146 
# 
loop_
_pdbx_poly_seq_scheme.asym_id 
_pdbx_poly_seq_scheme.entity_id 
_pdbx_poly_seq_scheme.seq_id 
_pdbx_poly_seq_scheme.mon_id 
_pdbx_poly_seq_scheme.ndb_seq_num 
_pdbx_poly_seq_scheme.pdb_seq_num 
_pdbx_poly_seq_scheme.auth_seq_num 
_pdbx_poly_seq_scheme.pdb_mon_id 
_pdbx_poly_seq_scheme.auth_mon_id 
_pdbx_poly_seq_scheme.pdb_strand_id 
_pdbx_poly_seq_scheme.pdb_ins_code 
_pdbx_poly_seq_scheme.hetero 
A 1 1  ILE 1  1  1  ILE ILE A . n 
A 1 2  VAL 2  2  2  VAL VAL A . n 
A 1 3  CYS 3  3  3  CYS CYS A . n 
A 1 4  HIS 4  4  4  HIS HIS A . n 
A 1 5  THR 5  5  5  THR THR A . n 
A 1 6  THR 6  6  6  THR THR A . n 
A 1 7  ALA 7  7  7  ALA ALA A . n 
A 1 8  THR 8  8  8  THR THR A . n 
A 1 9  SER 9  9  9  SER SER A . n 
A 1 10 PRO 10 10 10 PRO PRO A . n 
A 1 11 ILE 11 11 11 ILE ILE A . n 
A 1 12 SER 12 12 12 SER SER A . n 
A 1 13 ALA 13 13 13 ALA ALA A . n 
A 1 14 VAL 14 14 14 VAL VAL A . n 
A 1 15 THR 15 15 15 THR THR A . n 
A 1 16 CYS 16 16 16 CYS CYS A . n 
A 1 17 PRO 17 17 17 PRO PRO A . n 
A 1 18 PRO 18 18 18 PRO PRO A . n 
A 1 19 GLY 19 19 19 GLY GLY A . n 
A 1 20 GLU 20 20 20 GLU GLU A . n 
A 1 21 ASN 21 21 21 ASN ASN A . n 
A 1 22 LEU 22 22 22 LEU LEU A . n 
A 1 23 CYS 23 23 23 CYS CYS A . n 
A 1 24 TYR 24 24 24 TYR TYR A . n 
A 1 25 ARG 25 25 25 ARG ARG A . n 
A 1 26 LYS 26 26 26 LYS LYS A . n 
A 1 27 MET 27 27 27 MET MET A . n 
A 1 28 TRP 28 28 28 TRP TRP A . n 
A 1 29 CYS 29 29 29 CYS CYS A . n 
A 1 30 ASP 30 30 30 ASP ASP A . n 
A 1 31 ALA 31 31 31 ALA ALA A . n 
A 1 32 PHE 32 32 32 PHE PHE A . n 
A 1 33 CYS 33 33 33 CYS CYS A . n 
A 1 34 SER 34 34 34 SER SER A . n 
A 1 35 SER 35 35 35 SER SER A . n 
A 1 36 ARG 36 36 36 ARG ARG A . n 
A 1 37 GLY 37 37 37 GLY GLY A . n 
A 1 38 LYS 38 38 38 LYS LYS A . n 
A 1 39 VAL 39 39 39 VAL VAL A . n 
A 1 40 VAL 40 40 40 VAL VAL A . n 
A 1 41 GLU 41 41 41 GLU GLU A . n 
A 1 42 LEU 42 42 42 LEU LEU A . n 
A 1 43 GLY 43 43 43 GLY GLY A . n 
A 1 44 CYS 44 44 44 CYS CYS A . n 
A 1 45 ALA 45 45 45 ALA ALA A . n 
A 1 46 ALA 46 46 46 ALA ALA A . n 
A 1 47 THR 47 47 47 THR THR A . n 
A 1 48 CYS 48 48 48 CYS CYS A . n 
A 1 49 PRO 49 49 49 PRO PRO A . n 
A 1 50 SER 50 50 50 SER SER A . n 
A 1 51 LYS 51 51 51 LYS LYS A . n 
A 1 52 LYS 52 52 52 LYS LYS A . n 
A 1 53 PRO 53 53 53 PRO PRO A . n 
A 1 54 TYR 54 54 54 TYR TYR A . n 
A 1 55 GLU 55 55 55 GLU GLU A . n 
A 1 56 GLU 56 56 56 GLU GLU A . n 
A 1 57 VAL 57 57 57 VAL VAL A . n 
A 1 58 THR 58 58 58 THR THR A . n 
A 1 59 CYS 59 59 59 CYS CYS A . n 
A 1 60 CYS 60 60 60 CYS CYS A . n 
A 1 61 SER 61 61 61 SER SER A . n 
A 1 62 THR 62 62 62 THR THR A . n 
A 1 63 ASP 63 63 63 ASP ASP A . n 
A 1 64 LYS 64 64 64 LYS LYS A . n 
A 1 65 CYS 65 65 65 CYS CYS A . n 
A 1 66 ASN 66 66 66 ASN ASN A . n 
A 1 67 PRO 67 67 67 PRO PRO A . n 
A 1 68 HIS 68 68 68 HIS HIS A . n 
A 1 69 PRO 69 69 69 PRO PRO A . n 
A 1 70 LYS 70 70 70 LYS LYS A . n 
A 1 71 GLN 71 71 71 GLN GLN A . n 
A 1 72 ARG 72 72 72 ARG ARG A . n 
A 1 73 PRO 73 73 73 PRO PRO A . n 
A 1 74 GLY 74 74 74 GLY GLY A . n 
B 2 1  PHE 1  1  1  PHE PHE B . n 
B 2 2  ARG 2  2  2  ARG ARG B . n 
B 2 3  TYR 3  3  3  TYR TYR B . n 
B 2 4  TYR 4  4  4  TYR TYR B . n 
B 2 5  GLU 5  5  5  GLU GLU B . n 
B 2 6  SER 6  6  6  SER SER B . n 
B 2 7  SER 7  7  7  SER SER B . n 
B 2 8  LEU 8  8  8  LEU LEU B . n 
B 2 9  GLU 9  9  9  GLU GLU B . n 
B 2 10 PRO 10 10 10 PRO PRO B . n 
B 2 11 TRP 11 11 11 TRP TRP B . n 
B 2 12 ASP 12 12 12 ASP ASP B . n 
B 2 13 ASP 13 13 13 ASP ASP B . n 
# 
_cell.entry_id           1RGJ 
_cell.length_a           1.000 
_cell.length_b           1.000 
_cell.length_c           1.000 
_cell.angle_alpha        90.00 
_cell.angle_beta         90.00 
_cell.angle_gamma        90.00 
_cell.Z_PDB              1 
_cell.pdbx_unique_axis   ? 
# 
_symmetry.entry_id                         1RGJ 
_symmetry.space_group_name_H-M             'P 1' 
_symmetry.pdbx_full_space_group_name_H-M   ? 
_symmetry.cell_setting                     ? 
_symmetry.Int_Tables_number                1 
# 
_exptl.entry_id          1RGJ 
_exptl.method            'SOLUTION NMR' 
_exptl.crystals_number   ? 
# 
_exptl_crystal.id                    1 
_exptl_crystal.density_meas          ? 
_exptl_crystal.density_percent_sol   ? 
_exptl_crystal.description           ? 
_exptl_crystal.density_Matthews      ? 
# 
_diffrn.id                     1 
_diffrn.ambient_temp           ? 
_diffrn.ambient_temp_details   ? 
_diffrn.crystal_id             1 
# 
_diffrn_radiation.diffrn_id                        1 
_diffrn_radiation.wavelength_id                    1 
_diffrn_radiation.pdbx_monochromatic_or_laue_m_l   M 
_diffrn_radiation.monochromator                    ? 
_diffrn_radiation.pdbx_diffrn_protocol             'SINGLE WAVELENGTH' 
_diffrn_radiation.pdbx_scattering_type             ? 
# 
_diffrn_radiation_wavelength.id           1 
_diffrn_radiation_wavelength.wavelength   . 
_diffrn_radiation_wavelength.wt           1.0 
# 
_struct.entry_id                  1RGJ 
_struct.title                     
'NMR STRUCTURE OF THE COMPLEX BETWEEN ALPHA-BUNGAROTOXIN AND MIMOTOPE OF THE NICOTINIC ACETYLCHOLINE RECEPTOR WITH ENHANCED ACTIVITY' 
_struct.pdbx_model_details        ? 
_struct.pdbx_CASP_flag            ? 
_struct.pdbx_model_type_details   'minimized average' 
# 
_struct_keywords.entry_id        1RGJ 
_struct_keywords.pdbx_keywords   TOXIN 
_struct_keywords.text            'NEUROTOXIN, PROTEIN-PEPTIDE COMPLEX, ALPHA-BUNGAROTOXIN, BETA-STRANDS, TOXIN' 
# 
loop_
_struct_asym.id 
_struct_asym.pdbx_blank_PDB_chainid_flag 
_struct_asym.pdbx_modified 
_struct_asym.entity_id 
_struct_asym.details 
A N N 1 ? 
B N N 2 ? 
# 
loop_
_struct_ref.id 
_struct_ref.db_name 
_struct_ref.db_code 
_struct_ref.entity_id 
_struct_ref.pdbx_seq_one_letter_code 
_struct_ref.pdbx_align_begin 
_struct_ref.pdbx_db_accession 
_struct_ref.pdbx_db_isoform 
1 UNP NXL1A_BUNMU 1 IVCHTTATSPISAVTCPPGENLCYRKMWCDAFCSSRGKVVELGCAATCPSKKPYEEVTCCSTDKCNPHPKQRPG 1 P60615 ? 
2 PDB 1RGJ        2 ?                                                                          ? 1RGJ   ? 
# 
loop_
_struct_ref_seq.align_id 
_struct_ref_seq.ref_id 
_struct_ref_seq.pdbx_PDB_id_code 
_struct_ref_seq.pdbx_strand_id 
_struct_ref_seq.seq_align_beg 
_struct_ref_seq.pdbx_seq_align_beg_ins_code 
_struct_ref_seq.seq_align_end 
_struct_ref_seq.pdbx_seq_align_end_ins_code 
_struct_ref_seq.pdbx_db_accession 
_struct_ref_seq.db_align_beg 
_struct_ref_seq.pdbx_db_align_beg_ins_code 
_struct_ref_seq.db_align_end 
_struct_ref_seq.pdbx_db_align_end_ins_code 
_struct_ref_seq.pdbx_auth_seq_align_beg 
_struct_ref_seq.pdbx_auth_seq_align_end 
1 1 1RGJ A 1 ? 74 ? P60615 1 ? 74 ? 1 74 
2 2 1RGJ B 1 ? 13 ? 1RGJ   1 ? 13 ? 1 13 
# 
_pdbx_struct_assembly.id                   1 
_pdbx_struct_assembly.details              author_defined_assembly 
_pdbx_struct_assembly.method_details       ? 
_pdbx_struct_assembly.oligomeric_details   dimeric 
_pdbx_struct_assembly.oligomeric_count     2 
# 
_pdbx_struct_assembly_gen.assembly_id       1 
_pdbx_struct_assembly_gen.oper_expression   1 
_pdbx_struct_assembly_gen.asym_id_list      A,B 
# 
_pdbx_struct_oper_list.id                   1 
_pdbx_struct_oper_list.type                 'identity operation' 
_pdbx_struct_oper_list.name                 1_555 
_pdbx_struct_oper_list.symmetry_operation   x,y,z 
_pdbx_struct_oper_list.matrix[1][1]         1.0000000000 
_pdbx_struct_oper_list.matrix[1][2]         0.0000000000 
_pdbx_struct_oper_list.matrix[1][3]         0.0000000000 
_pdbx_struct_oper_list.vector[1]            0.0000000000 
_pdbx_struct_oper_list.matrix[2][1]         0.0000000000 
_pdbx_struct_oper_list.matrix[2][2]         1.0000000000 
_pdbx_struct_oper_list.matrix[2][3]         0.0000000000 
_pdbx_struct_oper_list.vector[2]            0.0000000000 
_pdbx_struct_oper_list.matrix[3][1]         0.0000000000 
_pdbx_struct_oper_list.matrix[3][2]         0.0000000000 
_pdbx_struct_oper_list.matrix[3][3]         1.0000000000 
_pdbx_struct_oper_list.vector[3]            0.0000000000 
# 
_struct_biol.id   1 
# 
loop_
_struct_conn.id 
_struct_conn.conn_type_id 
_struct_conn.pdbx_leaving_atom_flag 
_struct_conn.pdbx_PDB_id 
_struct_conn.ptnr1_label_asym_id 
_struct_conn.ptnr1_label_comp_id 
_struct_conn.ptnr1_label_seq_id 
_struct_conn.ptnr1_label_atom_id 
_struct_conn.pdbx_ptnr1_label_alt_id 
_struct_conn.pdbx_ptnr1_PDB_ins_code 
_struct_conn.pdbx_ptnr1_standard_comp_id 
_struct_conn.ptnr1_symmetry 
_struct_conn.ptnr2_label_asym_id 
_struct_conn.ptnr2_label_comp_id 
_struct_conn.ptnr2_label_seq_id 
_struct_conn.ptnr2_label_atom_id 
_struct_conn.pdbx_ptnr2_label_alt_id 
_struct_conn.pdbx_ptnr2_PDB_ins_code 
_struct_conn.ptnr1_auth_asym_id 
_struct_conn.ptnr1_auth_comp_id 
_struct_conn.ptnr1_auth_seq_id 
_struct_conn.ptnr2_auth_asym_id 
_struct_conn.ptnr2_auth_comp_id 
_struct_conn.ptnr2_auth_seq_id 
_struct_conn.ptnr2_symmetry 
_struct_conn.pdbx_ptnr3_label_atom_id 
_struct_conn.pdbx_ptnr3_label_seq_id 
_struct_conn.pdbx_ptnr3_label_comp_id 
_struct_conn.pdbx_ptnr3_label_asym_id 
_struct_conn.pdbx_ptnr3_label_alt_id 
_struct_conn.pdbx_ptnr3_PDB_ins_code 
_struct_conn.details 
_struct_conn.pdbx_dist_value 
_struct_conn.pdbx_value_order 
_struct_conn.pdbx_role 
disulf1 disulf ? ? A CYS 3  SG ? ? ? 1_555 A CYS 23 SG ? ? A CYS 3  A CYS 23 1_555 ? ? ? ? ? ? ? 1.464 ? ? 
disulf2 disulf ? ? A CYS 16 SG ? ? ? 1_555 A CYS 44 SG ? ? A CYS 16 A CYS 44 1_555 ? ? ? ? ? ? ? 0.888 ? ? 
disulf3 disulf ? ? A CYS 29 SG ? ? ? 1_555 A CYS 33 SG ? ? A CYS 29 A CYS 33 1_555 ? ? ? ? ? ? ? 1.643 ? ? 
disulf4 disulf ? ? A CYS 48 SG ? ? ? 1_555 A CYS 59 SG ? ? A CYS 48 A CYS 59 1_555 ? ? ? ? ? ? ? 2.151 ? ? 
disulf5 disulf ? ? A CYS 60 SG ? ? ? 1_555 A CYS 65 SG ? ? A CYS 60 A CYS 65 1_555 ? ? ? ? ? ? ? 1.429 ? ? 
# 
_struct_conn_type.id          disulf 
_struct_conn_type.criteria    ? 
_struct_conn_type.reference   ? 
# 
loop_
_pdbx_modification_feature.ordinal 
_pdbx_modification_feature.label_comp_id 
_pdbx_modification_feature.label_asym_id 
_pdbx_modification_feature.label_seq_id 
_pdbx_modification_feature.label_alt_id 
_pdbx_modification_feature.modified_residue_label_comp_id 
_pdbx_modification_feature.modified_residue_label_asym_id 
_pdbx_modification_feature.modified_residue_label_seq_id 
_pdbx_modification_feature.modified_residue_label_alt_id 
_pdbx_modification_feature.auth_comp_id 
_pdbx_modification_feature.auth_asym_id 
_pdbx_modification_feature.auth_seq_id 
_pdbx_modification_feature.PDB_ins_code 
_pdbx_modification_feature.symmetry 
_pdbx_modification_feature.modified_residue_auth_comp_id 
_pdbx_modification_feature.modified_residue_auth_asym_id 
_pdbx_modification_feature.modified_residue_auth_seq_id 
_pdbx_modification_feature.modified_residue_PDB_ins_code 
_pdbx_modification_feature.modified_residue_symmetry 
_pdbx_modification_feature.comp_id_linking_atom 
_pdbx_modification_feature.modified_residue_id_linking_atom 
_pdbx_modification_feature.modified_residue_id 
_pdbx_modification_feature.ref_pcm_id 
_pdbx_modification_feature.ref_comp_id 
_pdbx_modification_feature.type 
_pdbx_modification_feature.category 
1 CYS A 3  ? CYS A 23 ? CYS A 3  ? 1_555 CYS A 23 ? 1_555 SG SG . . . None 'Disulfide bridge' 
2 CYS A 16 ? CYS A 44 ? CYS A 16 ? 1_555 CYS A 44 ? 1_555 SG SG . . . None 'Disulfide bridge' 
3 CYS A 29 ? CYS A 33 ? CYS A 29 ? 1_555 CYS A 33 ? 1_555 SG SG . . . None 'Disulfide bridge' 
4 CYS A 48 ? CYS A 59 ? CYS A 48 ? 1_555 CYS A 59 ? 1_555 SG SG . . . None 'Disulfide bridge' 
5 CYS A 60 ? CYS A 65 ? CYS A 60 ? 1_555 CYS A 65 ? 1_555 SG SG . . . None 'Disulfide bridge' 
# 
loop_
_struct_sheet.id 
_struct_sheet.type 
_struct_sheet.number_strands 
_struct_sheet.details 
A ? 2 ? 
B ? 2 ? 
C ? 2 ? 
# 
loop_
_struct_sheet_order.sheet_id 
_struct_sheet_order.range_id_1 
_struct_sheet_order.range_id_2 
_struct_sheet_order.offset 
_struct_sheet_order.sense 
A 1 2 ? anti-parallel 
B 1 2 ? anti-parallel 
C 1 2 ? anti-parallel 
# 
loop_
_struct_sheet_range.sheet_id 
_struct_sheet_range.id 
_struct_sheet_range.beg_label_comp_id 
_struct_sheet_range.beg_label_asym_id 
_struct_sheet_range.beg_label_seq_id 
_struct_sheet_range.pdbx_beg_PDB_ins_code 
_struct_sheet_range.end_label_comp_id 
_struct_sheet_range.end_label_asym_id 
_struct_sheet_range.end_label_seq_id 
_struct_sheet_range.pdbx_end_PDB_ins_code 
_struct_sheet_range.beg_auth_comp_id 
_struct_sheet_range.beg_auth_asym_id 
_struct_sheet_range.beg_auth_seq_id 
_struct_sheet_range.end_auth_comp_id 
_struct_sheet_range.end_auth_asym_id 
_struct_sheet_range.end_auth_seq_id 
A 1 VAL A 2  ? HIS A 4  ? VAL A 2  HIS A 4  
A 2 ALA A 13 ? THR A 15 ? ALA A 13 THR A 15 
B 1 LEU A 22 ? TYR A 24 ? LEU A 22 TYR A 24 
B 2 GLY A 43 ? ALA A 45 ? GLY A 43 ALA A 45 
C 1 LYS A 26 ? MET A 27 ? LYS A 26 MET A 27 
C 2 GLU A 56 ? VAL A 57 ? GLU A 56 VAL A 57 
# 
loop_
_pdbx_struct_sheet_hbond.sheet_id 
_pdbx_struct_sheet_hbond.range_id_1 
_pdbx_struct_sheet_hbond.range_id_2 
_pdbx_struct_sheet_hbond.range_1_label_atom_id 
_pdbx_struct_sheet_hbond.range_1_label_comp_id 
_pdbx_struct_sheet_hbond.range_1_label_asym_id 
_pdbx_struct_sheet_hbond.range_1_label_seq_id 
_pdbx_struct_sheet_hbond.range_1_PDB_ins_code 
_pdbx_struct_sheet_hbond.range_1_auth_atom_id 
_pdbx_struct_sheet_hbond.range_1_auth_comp_id 
_pdbx_struct_sheet_hbond.range_1_auth_asym_id 
_pdbx_struct_sheet_hbond.range_1_auth_seq_id 
_pdbx_struct_sheet_hbond.range_2_label_atom_id 
_pdbx_struct_sheet_hbond.range_2_label_comp_id 
_pdbx_struct_sheet_hbond.range_2_label_asym_id 
_pdbx_struct_sheet_hbond.range_2_label_seq_id 
_pdbx_struct_sheet_hbond.range_2_PDB_ins_code 
_pdbx_struct_sheet_hbond.range_2_auth_atom_id 
_pdbx_struct_sheet_hbond.range_2_auth_comp_id 
_pdbx_struct_sheet_hbond.range_2_auth_asym_id 
_pdbx_struct_sheet_hbond.range_2_auth_seq_id 
A 1 2 N CYS A 3  ? N CYS A 3  O VAL A 14 ? O VAL A 14 
B 1 2 N LEU A 22 ? N LEU A 22 O ALA A 45 ? O ALA A 45 
C 1 2 N MET A 27 ? N MET A 27 O GLU A 56 ? O GLU A 56 
# 
_pdbx_entry_details.entry_id                   1RGJ 
_pdbx_entry_details.compound_details           ? 
_pdbx_entry_details.source_details             ? 
_pdbx_entry_details.nonpolymer_details         ? 
_pdbx_entry_details.sequence_details           ? 
_pdbx_entry_details.has_ligand_of_interest     ? 
_pdbx_entry_details.has_protein_modification   Y 
# 
loop_
_pdbx_validate_close_contact.id 
_pdbx_validate_close_contact.PDB_model_num 
_pdbx_validate_close_contact.auth_atom_id_1 
_pdbx_validate_close_contact.auth_asym_id_1 
_pdbx_validate_close_contact.auth_comp_id_1 
_pdbx_validate_close_contact.auth_seq_id_1 
_pdbx_validate_close_contact.PDB_ins_code_1 
_pdbx_validate_close_contact.label_alt_id_1 
_pdbx_validate_close_contact.auth_atom_id_2 
_pdbx_validate_close_contact.auth_asym_id_2 
_pdbx_validate_close_contact.auth_comp_id_2 
_pdbx_validate_close_contact.auth_seq_id_2 
_pdbx_validate_close_contact.PDB_ins_code_2 
_pdbx_validate_close_contact.label_alt_id_2 
_pdbx_validate_close_contact.dist 
1 1 SG A CYS 23 ? ? HB2  A ASN 66 ? ? 1.25 
2 1 HB A THR 58 ? ? HD22 A ASN 66 ? ? 1.30 
3 1 SG A CYS 60 ? ? HG   A CYS 65 ? ? 1.30 
4 1 H  A LEU 22 ? ? O    A ALA 45 ? ? 1.58 
5 1 O  A ASP 30 ? ? H    A PHE 32 ? ? 1.59 
6 1 O  A VAL 2  ? ? OD2  A ASP 63 ? ? 2.16 
# 
loop_
_pdbx_validate_torsion.id 
_pdbx_validate_torsion.PDB_model_num 
_pdbx_validate_torsion.auth_comp_id 
_pdbx_validate_torsion.auth_asym_id 
_pdbx_validate_torsion.auth_seq_id 
_pdbx_validate_torsion.PDB_ins_code 
_pdbx_validate_torsion.label_alt_id 
_pdbx_validate_torsion.phi 
_pdbx_validate_torsion.psi 
1  1 PRO A 10 ? ? -74.99  -159.18 
2  1 SER A 12 ? ? -179.63 -179.40 
3  1 CYS A 16 ? ? -47.61  172.37  
4  1 PRO A 18 ? ? -74.90  29.08   
5  1 ARG A 25 ? ? -168.14 89.07   
6  1 LYS A 26 ? ? -45.88  174.90  
7  1 MET A 27 ? ? 177.03  137.44  
8  1 TRP A 28 ? ? -175.35 143.49  
9  1 CYS A 29 ? ? -61.67  83.11   
10 1 ASP A 30 ? ? -43.45  177.35  
11 1 ALA A 31 ? ? -70.40  44.80   
12 1 PHE A 32 ? ? -176.77 32.41   
13 1 CYS A 33 ? ? -49.85  -14.74  
14 1 ARG A 36 ? ? -91.24  -92.32  
15 1 LYS A 38 ? ? 59.52   83.81   
16 1 GLU A 41 ? ? -95.44  52.56   
17 1 LEU A 42 ? ? -27.00  141.28  
18 1 THR A 47 ? ? 179.33  -165.41 
19 1 PRO A 49 ? ? -74.96  -158.48 
20 1 SER A 50 ? ? -57.68  -72.28  
21 1 LYS A 51 ? ? 99.79   165.06  
22 1 THR A 58 ? ? -65.19  -171.73 
23 1 LYS A 70 ? ? -151.17 12.30   
24 1 GLN A 71 ? ? -19.40  131.79  
25 1 ARG A 72 ? ? 168.26  141.43  
26 1 TYR B 4  ? ? 4.66    128.66  
27 1 GLU B 5  ? ? -40.58  -18.12  
28 1 SER B 7  ? ? -158.47 -119.56 
29 1 LEU B 8  ? ? -155.40 22.45   
30 1 TRP B 11 ? ? 174.93  66.15   
# 
_pdbx_nmr_ensemble.entry_id                                      1RGJ 
_pdbx_nmr_ensemble.conformers_calculated_total_number            100 
_pdbx_nmr_ensemble.conformers_submitted_total_number             1 
_pdbx_nmr_ensemble.conformer_selection_criteria                  'structures with favorable non-bond energy' 
_pdbx_nmr_ensemble.average_constraints_per_residue               ? 
_pdbx_nmr_ensemble.average_constraint_violations_per_residue     ? 
_pdbx_nmr_ensemble.maximum_distance_constraint_violation         ? 
_pdbx_nmr_ensemble.average_distance_constraint_violation         ? 
_pdbx_nmr_ensemble.maximum_upper_distance_constraint_violation   ? 
_pdbx_nmr_ensemble.maximum_lower_distance_constraint_violation   ? 
_pdbx_nmr_ensemble.distance_constraint_violation_method          ? 
_pdbx_nmr_ensemble.maximum_torsion_angle_constraint_violation    ? 
_pdbx_nmr_ensemble.average_torsion_angle_constraint_violation    ? 
_pdbx_nmr_ensemble.torsion_angle_constraint_violation_method     ? 
# 
_pdbx_nmr_representative.entry_id             1RGJ 
_pdbx_nmr_representative.conformer_id         1 
_pdbx_nmr_representative.selection_criteria   'minimized average structure' 
# 
_pdbx_nmr_sample_details.solution_id      1 
_pdbx_nmr_sample_details.contents         '2MM ALPHA-BUNGAROTOXIN, 2MM PEPTIDE' 
_pdbx_nmr_sample_details.solvent_system   '90% H2O/10% D2O' 
# 
_pdbx_nmr_exptl_sample_conditions.conditions_id       1 
_pdbx_nmr_exptl_sample_conditions.temperature         303 
_pdbx_nmr_exptl_sample_conditions.pressure            AMBIENT 
_pdbx_nmr_exptl_sample_conditions.pH                  5.6 
_pdbx_nmr_exptl_sample_conditions.ionic_strength      ? 
_pdbx_nmr_exptl_sample_conditions.pressure_units      ? 
_pdbx_nmr_exptl_sample_conditions.temperature_units   K 
# 
loop_
_pdbx_nmr_exptl.experiment_id 
_pdbx_nmr_exptl.solution_id 
_pdbx_nmr_exptl.conditions_id 
_pdbx_nmr_exptl.type 
1 1 1 '2D TOCSY' 
2 1 1 '2D NOESY' 
# 
_pdbx_nmr_details.entry_id   1RGJ 
_pdbx_nmr_details.text       'This structure was determined using standard 2D homonuclear techniques' 
# 
_pdbx_nmr_refine.entry_id           1RGJ 
_pdbx_nmr_refine.method             'distance geometry' 
_pdbx_nmr_refine.details            ? 
_pdbx_nmr_refine.software_ordinal   1 
# 
loop_
_pdbx_nmr_software.name 
_pdbx_nmr_software.version 
_pdbx_nmr_software.classification 
_pdbx_nmr_software.authors 
_pdbx_nmr_software.ordinal 
XwinNMR 2.1 processing      ?       1 
DYANA   1.5 'data analysis' ?       2 
Amber   4.1 refinement      Kollman 3 
# 
loop_
_chem_comp_atom.comp_id 
_chem_comp_atom.atom_id 
_chem_comp_atom.type_symbol 
_chem_comp_atom.pdbx_aromatic_flag 
_chem_comp_atom.pdbx_stereo_config 
_chem_comp_atom.pdbx_ordinal 
ALA N    N N N 1   
ALA CA   C N S 2   
ALA C    C N N 3   
ALA O    O N N 4   
ALA CB   C N N 5   
ALA OXT  O N N 6   
ALA H    H N N 7   
ALA H2   H N N 8   
ALA HA   H N N 9   
ALA HB1  H N N 10  
ALA HB2  H N N 11  
ALA HB3  H N N 12  
ALA HXT  H N N 13  
ARG N    N N N 14  
ARG CA   C N S 15  
ARG C    C N N 16  
ARG O    O N N 17  
ARG CB   C N N 18  
ARG CG   C N N 19  
ARG CD   C N N 20  
ARG NE   N N N 21  
ARG CZ   C N N 22  
ARG NH1  N N N 23  
ARG NH2  N N N 24  
ARG OXT  O N N 25  
ARG H    H N N 26  
ARG H2   H N N 27  
ARG HA   H N N 28  
ARG HB2  H N N 29  
ARG HB3  H N N 30  
ARG HG2  H N N 31  
ARG HG3  H N N 32  
ARG HD2  H N N 33  
ARG HD3  H N N 34  
ARG HE   H N N 35  
ARG HH11 H N N 36  
ARG HH12 H N N 37  
ARG HH21 H N N 38  
ARG HH22 H N N 39  
ARG HXT  H N N 40  
ASN N    N N N 41  
ASN CA   C N S 42  
ASN C    C N N 43  
ASN O    O N N 44  
ASN CB   C N N 45  
ASN CG   C N N 46  
ASN OD1  O N N 47  
ASN ND2  N N N 48  
ASN OXT  O N N 49  
ASN H    H N N 50  
ASN H2   H N N 51  
ASN HA   H N N 52  
ASN HB2  H N N 53  
ASN HB3  H N N 54  
ASN HD21 H N N 55  
ASN HD22 H N N 56  
ASN HXT  H N N 57  
ASP N    N N N 58  
ASP CA   C N S 59  
ASP C    C N N 60  
ASP O    O N N 61  
ASP CB   C N N 62  
ASP CG   C N N 63  
ASP OD1  O N N 64  
ASP OD2  O N N 65  
ASP OXT  O N N 66  
ASP H    H N N 67  
ASP H2   H N N 68  
ASP HA   H N N 69  
ASP HB2  H N N 70  
ASP HB3  H N N 71  
ASP HD2  H N N 72  
ASP HXT  H N N 73  
CYS N    N N N 74  
CYS CA   C N R 75  
CYS C    C N N 76  
CYS O    O N N 77  
CYS CB   C N N 78  
CYS SG   S N N 79  
CYS OXT  O N N 80  
CYS H    H N N 81  
CYS H2   H N N 82  
CYS HA   H N N 83  
CYS HB2  H N N 84  
CYS HB3  H N N 85  
CYS HG   H N N 86  
CYS HXT  H N N 87  
GLN N    N N N 88  
GLN CA   C N S 89  
GLN C    C N N 90  
GLN O    O N N 91  
GLN CB   C N N 92  
GLN CG   C N N 93  
GLN CD   C N N 94  
GLN OE1  O N N 95  
GLN NE2  N N N 96  
GLN OXT  O N N 97  
GLN H    H N N 98  
GLN H2   H N N 99  
GLN HA   H N N 100 
GLN HB2  H N N 101 
GLN HB3  H N N 102 
GLN HG2  H N N 103 
GLN HG3  H N N 104 
GLN HE21 H N N 105 
GLN HE22 H N N 106 
GLN HXT  H N N 107 
GLU N    N N N 108 
GLU CA   C N S 109 
GLU C    C N N 110 
GLU O    O N N 111 
GLU CB   C N N 112 
GLU CG   C N N 113 
GLU CD   C N N 114 
GLU OE1  O N N 115 
GLU OE2  O N N 116 
GLU OXT  O N N 117 
GLU H    H N N 118 
GLU H2   H N N 119 
GLU HA   H N N 120 
GLU HB2  H N N 121 
GLU HB3  H N N 122 
GLU HG2  H N N 123 
GLU HG3  H N N 124 
GLU HE2  H N N 125 
GLU HXT  H N N 126 
GLY N    N N N 127 
GLY CA   C N N 128 
GLY C    C N N 129 
GLY O    O N N 130 
GLY OXT  O N N 131 
GLY H    H N N 132 
GLY H2   H N N 133 
GLY HA2  H N N 134 
GLY HA3  H N N 135 
GLY HXT  H N N 136 
HIS N    N N N 137 
HIS CA   C N S 138 
HIS C    C N N 139 
HIS O    O N N 140 
HIS CB   C N N 141 
HIS CG   C Y N 142 
HIS ND1  N Y N 143 
HIS CD2  C Y N 144 
HIS CE1  C Y N 145 
HIS NE2  N Y N 146 
HIS OXT  O N N 147 
HIS H    H N N 148 
HIS H2   H N N 149 
HIS HA   H N N 150 
HIS HB2  H N N 151 
HIS HB3  H N N 152 
HIS HD1  H N N 153 
HIS HD2  H N N 154 
HIS HE1  H N N 155 
HIS HE2  H N N 156 
HIS HXT  H N N 157 
ILE N    N N N 158 
ILE CA   C N S 159 
ILE C    C N N 160 
ILE O    O N N 161 
ILE CB   C N S 162 
ILE CG1  C N N 163 
ILE CG2  C N N 164 
ILE CD1  C N N 165 
ILE OXT  O N N 166 
ILE H    H N N 167 
ILE H2   H N N 168 
ILE HA   H N N 169 
ILE HB   H N N 170 
ILE HG12 H N N 171 
ILE HG13 H N N 172 
ILE HG21 H N N 173 
ILE HG22 H N N 174 
ILE HG23 H N N 175 
ILE HD11 H N N 176 
ILE HD12 H N N 177 
ILE HD13 H N N 178 
ILE HXT  H N N 179 
LEU N    N N N 180 
LEU CA   C N S 181 
LEU C    C N N 182 
LEU O    O N N 183 
LEU CB   C N N 184 
LEU CG   C N N 185 
LEU CD1  C N N 186 
LEU CD2  C N N 187 
LEU OXT  O N N 188 
LEU H    H N N 189 
LEU H2   H N N 190 
LEU HA   H N N 191 
LEU HB2  H N N 192 
LEU HB3  H N N 193 
LEU HG   H N N 194 
LEU HD11 H N N 195 
LEU HD12 H N N 196 
LEU HD13 H N N 197 
LEU HD21 H N N 198 
LEU HD22 H N N 199 
LEU HD23 H N N 200 
LEU HXT  H N N 201 
LYS N    N N N 202 
LYS CA   C N S 203 
LYS C    C N N 204 
LYS O    O N N 205 
LYS CB   C N N 206 
LYS CG   C N N 207 
LYS CD   C N N 208 
LYS CE   C N N 209 
LYS NZ   N N N 210 
LYS OXT  O N N 211 
LYS H    H N N 212 
LYS H2   H N N 213 
LYS HA   H N N 214 
LYS HB2  H N N 215 
LYS HB3  H N N 216 
LYS HG2  H N N 217 
LYS HG3  H N N 218 
LYS HD2  H N N 219 
LYS HD3  H N N 220 
LYS HE2  H N N 221 
LYS HE3  H N N 222 
LYS HZ1  H N N 223 
LYS HZ2  H N N 224 
LYS HZ3  H N N 225 
LYS HXT  H N N 226 
MET N    N N N 227 
MET CA   C N S 228 
MET C    C N N 229 
MET O    O N N 230 
MET CB   C N N 231 
MET CG   C N N 232 
MET SD   S N N 233 
MET CE   C N N 234 
MET OXT  O N N 235 
MET H    H N N 236 
MET H2   H N N 237 
MET HA   H N N 238 
MET HB2  H N N 239 
MET HB3  H N N 240 
MET HG2  H N N 241 
MET HG3  H N N 242 
MET HE1  H N N 243 
MET HE2  H N N 244 
MET HE3  H N N 245 
MET HXT  H N N 246 
PHE N    N N N 247 
PHE CA   C N S 248 
PHE C    C N N 249 
PHE O    O N N 250 
PHE CB   C N N 251 
PHE CG   C Y N 252 
PHE CD1  C Y N 253 
PHE CD2  C Y N 254 
PHE CE1  C Y N 255 
PHE CE2  C Y N 256 
PHE CZ   C Y N 257 
PHE OXT  O N N 258 
PHE H    H N N 259 
PHE H2   H N N 260 
PHE HA   H N N 261 
PHE HB2  H N N 262 
PHE HB3  H N N 263 
PHE HD1  H N N 264 
PHE HD2  H N N 265 
PHE HE1  H N N 266 
PHE HE2  H N N 267 
PHE HZ   H N N 268 
PHE HXT  H N N 269 
PRO N    N N N 270 
PRO CA   C N S 271 
PRO C    C N N 272 
PRO O    O N N 273 
PRO CB   C N N 274 
PRO CG   C N N 275 
PRO CD   C N N 276 
PRO OXT  O N N 277 
PRO H    H N N 278 
PRO HA   H N N 279 
PRO HB2  H N N 280 
PRO HB3  H N N 281 
PRO HG2  H N N 282 
PRO HG3  H N N 283 
PRO HD2  H N N 284 
PRO HD3  H N N 285 
PRO HXT  H N N 286 
SER N    N N N 287 
SER CA   C N S 288 
SER C    C N N 289 
SER O    O N N 290 
SER CB   C N N 291 
SER OG   O N N 292 
SER OXT  O N N 293 
SER H    H N N 294 
SER H2   H N N 295 
SER HA   H N N 296 
SER HB2  H N N 297 
SER HB3  H N N 298 
SER HG   H N N 299 
SER HXT  H N N 300 
THR N    N N N 301 
THR CA   C N S 302 
THR C    C N N 303 
THR O    O N N 304 
THR CB   C N R 305 
THR OG1  O N N 306 
THR CG2  C N N 307 
THR OXT  O N N 308 
THR H    H N N 309 
THR H2   H N N 310 
THR HA   H N N 311 
THR HB   H N N 312 
THR HG1  H N N 313 
THR HG21 H N N 314 
THR HG22 H N N 315 
THR HG23 H N N 316 
THR HXT  H N N 317 
TRP N    N N N 318 
TRP CA   C N S 319 
TRP C    C N N 320 
TRP O    O N N 321 
TRP CB   C N N 322 
TRP CG   C Y N 323 
TRP CD1  C Y N 324 
TRP CD2  C Y N 325 
TRP NE1  N Y N 326 
TRP CE2  C Y N 327 
TRP CE3  C Y N 328 
TRP CZ2  C Y N 329 
TRP CZ3  C Y N 330 
TRP CH2  C Y N 331 
TRP OXT  O N N 332 
TRP H    H N N 333 
TRP H2   H N N 334 
TRP HA   H N N 335 
TRP HB2  H N N 336 
TRP HB3  H N N 337 
TRP HD1  H N N 338 
TRP HE1  H N N 339 
TRP HE3  H N N 340 
TRP HZ2  H N N 341 
TRP HZ3  H N N 342 
TRP HH2  H N N 343 
TRP HXT  H N N 344 
TYR N    N N N 345 
TYR CA   C N S 346 
TYR C    C N N 347 
TYR O    O N N 348 
TYR CB   C N N 349 
TYR CG   C Y N 350 
TYR CD1  C Y N 351 
TYR CD2  C Y N 352 
TYR CE1  C Y N 353 
TYR CE2  C Y N 354 
TYR CZ   C Y N 355 
TYR OH   O N N 356 
TYR OXT  O N N 357 
TYR H    H N N 358 
TYR H2   H N N 359 
TYR HA   H N N 360 
TYR HB2  H N N 361 
TYR HB3  H N N 362 
TYR HD1  H N N 363 
TYR HD2  H N N 364 
TYR HE1  H N N 365 
TYR HE2  H N N 366 
TYR HH   H N N 367 
TYR HXT  H N N 368 
VAL N    N N N 369 
VAL CA   C N S 370 
VAL C    C N N 371 
VAL O    O N N 372 
VAL CB   C N N 373 
VAL CG1  C N N 374 
VAL CG2  C N N 375 
VAL OXT  O N N 376 
VAL H    H N N 377 
VAL H2   H N N 378 
VAL HA   H N N 379 
VAL HB   H N N 380 
VAL HG11 H N N 381 
VAL HG12 H N N 382 
VAL HG13 H N N 383 
VAL HG21 H N N 384 
VAL HG22 H N N 385 
VAL HG23 H N N 386 
VAL HXT  H N N 387 
# 
loop_
_chem_comp_bond.comp_id 
_chem_comp_bond.atom_id_1 
_chem_comp_bond.atom_id_2 
_chem_comp_bond.value_order 
_chem_comp_bond.pdbx_aromatic_flag 
_chem_comp_bond.pdbx_stereo_config 
_chem_comp_bond.pdbx_ordinal 
ALA N   CA   sing N N 1   
ALA N   H    sing N N 2   
ALA N   H2   sing N N 3   
ALA CA  C    sing N N 4   
ALA CA  CB   sing N N 5   
ALA CA  HA   sing N N 6   
ALA C   O    doub N N 7   
ALA C   OXT  sing N N 8   
ALA CB  HB1  sing N N 9   
ALA CB  HB2  sing N N 10  
ALA CB  HB3  sing N N 11  
ALA OXT HXT  sing N N 12  
ARG N   CA   sing N N 13  
ARG N   H    sing N N 14  
ARG N   H2   sing N N 15  
ARG CA  C    sing N N 16  
ARG CA  CB   sing N N 17  
ARG CA  HA   sing N N 18  
ARG C   O    doub N N 19  
ARG C   OXT  sing N N 20  
ARG CB  CG   sing N N 21  
ARG CB  HB2  sing N N 22  
ARG CB  HB3  sing N N 23  
ARG CG  CD   sing N N 24  
ARG CG  HG2  sing N N 25  
ARG CG  HG3  sing N N 26  
ARG CD  NE   sing N N 27  
ARG CD  HD2  sing N N 28  
ARG CD  HD3  sing N N 29  
ARG NE  CZ   sing N N 30  
ARG NE  HE   sing N N 31  
ARG CZ  NH1  sing N N 32  
ARG CZ  NH2  doub N N 33  
ARG NH1 HH11 sing N N 34  
ARG NH1 HH12 sing N N 35  
ARG NH2 HH21 sing N N 36  
ARG NH2 HH22 sing N N 37  
ARG OXT HXT  sing N N 38  
ASN N   CA   sing N N 39  
ASN N   H    sing N N 40  
ASN N   H2   sing N N 41  
ASN CA  C    sing N N 42  
ASN CA  CB   sing N N 43  
ASN CA  HA   sing N N 44  
ASN C   O    doub N N 45  
ASN C   OXT  sing N N 46  
ASN CB  CG   sing N N 47  
ASN CB  HB2  sing N N 48  
ASN CB  HB3  sing N N 49  
ASN CG  OD1  doub N N 50  
ASN CG  ND2  sing N N 51  
ASN ND2 HD21 sing N N 52  
ASN ND2 HD22 sing N N 53  
ASN OXT HXT  sing N N 54  
ASP N   CA   sing N N 55  
ASP N   H    sing N N 56  
ASP N   H2   sing N N 57  
ASP CA  C    sing N N 58  
ASP CA  CB   sing N N 59  
ASP CA  HA   sing N N 60  
ASP C   O    doub N N 61  
ASP C   OXT  sing N N 62  
ASP CB  CG   sing N N 63  
ASP CB  HB2  sing N N 64  
ASP CB  HB3  sing N N 65  
ASP CG  OD1  doub N N 66  
ASP CG  OD2  sing N N 67  
ASP OD2 HD2  sing N N 68  
ASP OXT HXT  sing N N 69  
CYS N   CA   sing N N 70  
CYS N   H    sing N N 71  
CYS N   H2   sing N N 72  
CYS CA  C    sing N N 73  
CYS CA  CB   sing N N 74  
CYS CA  HA   sing N N 75  
CYS C   O    doub N N 76  
CYS C   OXT  sing N N 77  
CYS CB  SG   sing N N 78  
CYS CB  HB2  sing N N 79  
CYS CB  HB3  sing N N 80  
CYS SG  HG   sing N N 81  
CYS OXT HXT  sing N N 82  
GLN N   CA   sing N N 83  
GLN N   H    sing N N 84  
GLN N   H2   sing N N 85  
GLN CA  C    sing N N 86  
GLN CA  CB   sing N N 87  
GLN CA  HA   sing N N 88  
GLN C   O    doub N N 89  
GLN C   OXT  sing N N 90  
GLN CB  CG   sing N N 91  
GLN CB  HB2  sing N N 92  
GLN CB  HB3  sing N N 93  
GLN CG  CD   sing N N 94  
GLN CG  HG2  sing N N 95  
GLN CG  HG3  sing N N 96  
GLN CD  OE1  doub N N 97  
GLN CD  NE2  sing N N 98  
GLN NE2 HE21 sing N N 99  
GLN NE2 HE22 sing N N 100 
GLN OXT HXT  sing N N 101 
GLU N   CA   sing N N 102 
GLU N   H    sing N N 103 
GLU N   H2   sing N N 104 
GLU CA  C    sing N N 105 
GLU CA  CB   sing N N 106 
GLU CA  HA   sing N N 107 
GLU C   O    doub N N 108 
GLU C   OXT  sing N N 109 
GLU CB  CG   sing N N 110 
GLU CB  HB2  sing N N 111 
GLU CB  HB3  sing N N 112 
GLU CG  CD   sing N N 113 
GLU CG  HG2  sing N N 114 
GLU CG  HG3  sing N N 115 
GLU CD  OE1  doub N N 116 
GLU CD  OE2  sing N N 117 
GLU OE2 HE2  sing N N 118 
GLU OXT HXT  sing N N 119 
GLY N   CA   sing N N 120 
GLY N   H    sing N N 121 
GLY N   H2   sing N N 122 
GLY CA  C    sing N N 123 
GLY CA  HA2  sing N N 124 
GLY CA  HA3  sing N N 125 
GLY C   O    doub N N 126 
GLY C   OXT  sing N N 127 
GLY OXT HXT  sing N N 128 
HIS N   CA   sing N N 129 
HIS N   H    sing N N 130 
HIS N   H2   sing N N 131 
HIS CA  C    sing N N 132 
HIS CA  CB   sing N N 133 
HIS CA  HA   sing N N 134 
HIS C   O    doub N N 135 
HIS C   OXT  sing N N 136 
HIS CB  CG   sing N N 137 
HIS CB  HB2  sing N N 138 
HIS CB  HB3  sing N N 139 
HIS CG  ND1  sing Y N 140 
HIS CG  CD2  doub Y N 141 
HIS ND1 CE1  doub Y N 142 
HIS ND1 HD1  sing N N 143 
HIS CD2 NE2  sing Y N 144 
HIS CD2 HD2  sing N N 145 
HIS CE1 NE2  sing Y N 146 
HIS CE1 HE1  sing N N 147 
HIS NE2 HE2  sing N N 148 
HIS OXT HXT  sing N N 149 
ILE N   CA   sing N N 150 
ILE N   H    sing N N 151 
ILE N   H2   sing N N 152 
ILE CA  C    sing N N 153 
ILE CA  CB   sing N N 154 
ILE CA  HA   sing N N 155 
ILE C   O    doub N N 156 
ILE C   OXT  sing N N 157 
ILE CB  CG1  sing N N 158 
ILE CB  CG2  sing N N 159 
ILE CB  HB   sing N N 160 
ILE CG1 CD1  sing N N 161 
ILE CG1 HG12 sing N N 162 
ILE CG1 HG13 sing N N 163 
ILE CG2 HG21 sing N N 164 
ILE CG2 HG22 sing N N 165 
ILE CG2 HG23 sing N N 166 
ILE CD1 HD11 sing N N 167 
ILE CD1 HD12 sing N N 168 
ILE CD1 HD13 sing N N 169 
ILE OXT HXT  sing N N 170 
LEU N   CA   sing N N 171 
LEU N   H    sing N N 172 
LEU N   H2   sing N N 173 
LEU CA  C    sing N N 174 
LEU CA  CB   sing N N 175 
LEU CA  HA   sing N N 176 
LEU C   O    doub N N 177 
LEU C   OXT  sing N N 178 
LEU CB  CG   sing N N 179 
LEU CB  HB2  sing N N 180 
LEU CB  HB3  sing N N 181 
LEU CG  CD1  sing N N 182 
LEU CG  CD2  sing N N 183 
LEU CG  HG   sing N N 184 
LEU CD1 HD11 sing N N 185 
LEU CD1 HD12 sing N N 186 
LEU CD1 HD13 sing N N 187 
LEU CD2 HD21 sing N N 188 
LEU CD2 HD22 sing N N 189 
LEU CD2 HD23 sing N N 190 
LEU OXT HXT  sing N N 191 
LYS N   CA   sing N N 192 
LYS N   H    sing N N 193 
LYS N   H2   sing N N 194 
LYS CA  C    sing N N 195 
LYS CA  CB   sing N N 196 
LYS CA  HA   sing N N 197 
LYS C   O    doub N N 198 
LYS C   OXT  sing N N 199 
LYS CB  CG   sing N N 200 
LYS CB  HB2  sing N N 201 
LYS CB  HB3  sing N N 202 
LYS CG  CD   sing N N 203 
LYS CG  HG2  sing N N 204 
LYS CG  HG3  sing N N 205 
LYS CD  CE   sing N N 206 
LYS CD  HD2  sing N N 207 
LYS CD  HD3  sing N N 208 
LYS CE  NZ   sing N N 209 
LYS CE  HE2  sing N N 210 
LYS CE  HE3  sing N N 211 
LYS NZ  HZ1  sing N N 212 
LYS NZ  HZ2  sing N N 213 
LYS NZ  HZ3  sing N N 214 
LYS OXT HXT  sing N N 215 
MET N   CA   sing N N 216 
MET N   H    sing N N 217 
MET N   H2   sing N N 218 
MET CA  C    sing N N 219 
MET CA  CB   sing N N 220 
MET CA  HA   sing N N 221 
MET C   O    doub N N 222 
MET C   OXT  sing N N 223 
MET CB  CG   sing N N 224 
MET CB  HB2  sing N N 225 
MET CB  HB3  sing N N 226 
MET CG  SD   sing N N 227 
MET CG  HG2  sing N N 228 
MET CG  HG3  sing N N 229 
MET SD  CE   sing N N 230 
MET CE  HE1  sing N N 231 
MET CE  HE2  sing N N 232 
MET CE  HE3  sing N N 233 
MET OXT HXT  sing N N 234 
PHE N   CA   sing N N 235 
PHE N   H    sing N N 236 
PHE N   H2   sing N N 237 
PHE CA  C    sing N N 238 
PHE CA  CB   sing N N 239 
PHE CA  HA   sing N N 240 
PHE C   O    doub N N 241 
PHE C   OXT  sing N N 242 
PHE CB  CG   sing N N 243 
PHE CB  HB2  sing N N 244 
PHE CB  HB3  sing N N 245 
PHE CG  CD1  doub Y N 246 
PHE CG  CD2  sing Y N 247 
PHE CD1 CE1  sing Y N 248 
PHE CD1 HD1  sing N N 249 
PHE CD2 CE2  doub Y N 250 
PHE CD2 HD2  sing N N 251 
PHE CE1 CZ   doub Y N 252 
PHE CE1 HE1  sing N N 253 
PHE CE2 CZ   sing Y N 254 
PHE CE2 HE2  sing N N 255 
PHE CZ  HZ   sing N N 256 
PHE OXT HXT  sing N N 257 
PRO N   CA   sing N N 258 
PRO N   CD   sing N N 259 
PRO N   H    sing N N 260 
PRO CA  C    sing N N 261 
PRO CA  CB   sing N N 262 
PRO CA  HA   sing N N 263 
PRO C   O    doub N N 264 
PRO C   OXT  sing N N 265 
PRO CB  CG   sing N N 266 
PRO CB  HB2  sing N N 267 
PRO CB  HB3  sing N N 268 
PRO CG  CD   sing N N 269 
PRO CG  HG2  sing N N 270 
PRO CG  HG3  sing N N 271 
PRO CD  HD2  sing N N 272 
PRO CD  HD3  sing N N 273 
PRO OXT HXT  sing N N 274 
SER N   CA   sing N N 275 
SER N   H    sing N N 276 
SER N   H2   sing N N 277 
SER CA  C    sing N N 278 
SER CA  CB   sing N N 279 
SER CA  HA   sing N N 280 
SER C   O    doub N N 281 
SER C   OXT  sing N N 282 
SER CB  OG   sing N N 283 
SER CB  HB2  sing N N 284 
SER CB  HB3  sing N N 285 
SER OG  HG   sing N N 286 
SER OXT HXT  sing N N 287 
THR N   CA   sing N N 288 
THR N   H    sing N N 289 
THR N   H2   sing N N 290 
THR CA  C    sing N N 291 
THR CA  CB   sing N N 292 
THR CA  HA   sing N N 293 
THR C   O    doub N N 294 
THR C   OXT  sing N N 295 
THR CB  OG1  sing N N 296 
THR CB  CG2  sing N N 297 
THR CB  HB   sing N N 298 
THR OG1 HG1  sing N N 299 
THR CG2 HG21 sing N N 300 
THR CG2 HG22 sing N N 301 
THR CG2 HG23 sing N N 302 
THR OXT HXT  sing N N 303 
TRP N   CA   sing N N 304 
TRP N   H    sing N N 305 
TRP N   H2   sing N N 306 
TRP CA  C    sing N N 307 
TRP CA  CB   sing N N 308 
TRP CA  HA   sing N N 309 
TRP C   O    doub N N 310 
TRP C   OXT  sing N N 311 
TRP CB  CG   sing N N 312 
TRP CB  HB2  sing N N 313 
TRP CB  HB3  sing N N 314 
TRP CG  CD1  doub Y N 315 
TRP CG  CD2  sing Y N 316 
TRP CD1 NE1  sing Y N 317 
TRP CD1 HD1  sing N N 318 
TRP CD2 CE2  doub Y N 319 
TRP CD2 CE3  sing Y N 320 
TRP NE1 CE2  sing Y N 321 
TRP NE1 HE1  sing N N 322 
TRP CE2 CZ2  sing Y N 323 
TRP CE3 CZ3  doub Y N 324 
TRP CE3 HE3  sing N N 325 
TRP CZ2 CH2  doub Y N 326 
TRP CZ2 HZ2  sing N N 327 
TRP CZ3 CH2  sing Y N 328 
TRP CZ3 HZ3  sing N N 329 
TRP CH2 HH2  sing N N 330 
TRP OXT HXT  sing N N 331 
TYR N   CA   sing N N 332 
TYR N   H    sing N N 333 
TYR N   H2   sing N N 334 
TYR CA  C    sing N N 335 
TYR CA  CB   sing N N 336 
TYR CA  HA   sing N N 337 
TYR C   O    doub N N 338 
TYR C   OXT  sing N N 339 
TYR CB  CG   sing N N 340 
TYR CB  HB2  sing N N 341 
TYR CB  HB3  sing N N 342 
TYR CG  CD1  doub Y N 343 
TYR CG  CD2  sing Y N 344 
TYR CD1 CE1  sing Y N 345 
TYR CD1 HD1  sing N N 346 
TYR CD2 CE2  doub Y N 347 
TYR CD2 HD2  sing N N 348 
TYR CE1 CZ   doub Y N 349 
TYR CE1 HE1  sing N N 350 
TYR CE2 CZ   sing Y N 351 
TYR CE2 HE2  sing N N 352 
TYR CZ  OH   sing N N 353 
TYR OH  HH   sing N N 354 
TYR OXT HXT  sing N N 355 
VAL N   CA   sing N N 356 
VAL N   H    sing N N 357 
VAL N   H2   sing N N 358 
VAL CA  C    sing N N 359 
VAL CA  CB   sing N N 360 
VAL CA  HA   sing N N 361 
VAL C   O    doub N N 362 
VAL C   OXT  sing N N 363 
VAL CB  CG1  sing N N 364 
VAL CB  CG2  sing N N 365 
VAL CB  HB   sing N N 366 
VAL CG1 HG11 sing N N 367 
VAL CG1 HG12 sing N N 368 
VAL CG1 HG13 sing N N 369 
VAL CG2 HG21 sing N N 370 
VAL CG2 HG22 sing N N 371 
VAL CG2 HG23 sing N N 372 
VAL OXT HXT  sing N N 373 
# 
_pdbx_nmr_spectrometer.spectrometer_id   1 
_pdbx_nmr_spectrometer.type              ? 
_pdbx_nmr_spectrometer.manufacturer      Bruker 
_pdbx_nmr_spectrometer.model             DRX 
_pdbx_nmr_spectrometer.field_strength    600 
# 
_atom_sites.entry_id                    1RGJ 
_atom_sites.fract_transf_matrix[1][1]   1.000000 
_atom_sites.fract_transf_matrix[1][2]   0.000000 
_atom_sites.fract_transf_matrix[1][3]   0.000000 
_atom_sites.fract_transf_matrix[2][1]   0.000000 
_atom_sites.fract_transf_matrix[2][2]   1.000000 
_atom_sites.fract_transf_matrix[2][3]   0.000000 
_atom_sites.fract_transf_matrix[3][1]   0.000000 
_atom_sites.fract_transf_matrix[3][2]   0.000000 
_atom_sites.fract_transf_matrix[3][3]   1.000000 
_atom_sites.fract_transf_vector[1]      0.00000 
_atom_sites.fract_transf_vector[2]      0.00000 
_atom_sites.fract_transf_vector[3]      0.00000 
# 
loop_
_atom_type.symbol 
C 
H 
N 
O 
S 
# 
loop_
_atom_site.group_PDB 
_atom_site.id 
_atom_site.type_symbol 
_atom_site.label_atom_id 
_atom_site.label_alt_id 
_atom_site.label_comp_id 
_atom_site.label_asym_id 
_atom_site.label_entity_id 
_atom_site.label_seq_id 
_atom_site.pdbx_PDB_ins_code 
_atom_site.Cartn_x 
_atom_site.Cartn_y 
_atom_site.Cartn_z 
_atom_site.occupancy 
_atom_site.B_iso_or_equiv 
_atom_site.pdbx_formal_charge 
_atom_site.auth_seq_id 
_atom_site.auth_comp_id 
_atom_site.auth_asym_id 
_atom_site.auth_atom_id 
_atom_site.pdbx_PDB_model_num 
ATOM 1    N N    . ILE A 1 1  ? -4.830  -13.903 4.036   1.00 99.99 ? 1  ILE A N    1 
ATOM 2    C CA   . ILE A 1 1  ? -3.496  -14.051 3.481   1.00 99.99 ? 1  ILE A CA   1 
ATOM 3    C C    . ILE A 1 1  ? -2.584  -12.969 4.062   1.00 99.99 ? 1  ILE A C    1 
ATOM 4    O O    . ILE A 1 1  ? -2.959  -12.279 5.010   1.00 99.99 ? 1  ILE A O    1 
ATOM 5    C CB   . ILE A 1 1  ? -3.549  -14.051 1.953   1.00 99.99 ? 1  ILE A CB   1 
ATOM 6    C CG1  . ILE A 1 1  ? -2.396  -14.866 1.363   1.00 99.99 ? 1  ILE A CG1  1 
ATOM 7    C CG2  . ILE A 1 1  ? -3.581  -12.623 1.403   1.00 99.99 ? 1  ILE A CG2  1 
ATOM 8    C CD1  . ILE A 1 1  ? -2.853  -15.657 0.136   1.00 99.99 ? 1  ILE A CD1  1 
ATOM 9    H H1   . ILE A 1 1  ? -4.999  -13.135 4.669   1.00 99.99 ? 1  ILE A H1   1 
ATOM 10   H HA   . ILE A 1 1  ? -3.118  -15.025 3.790   1.00 99.99 ? 1  ILE A HA   1 
ATOM 11   H HB   . ILE A 1 1  ? -4.476  -14.534 1.642   1.00 99.99 ? 1  ILE A HB   1 
ATOM 12   H HG12 . ILE A 1 1  ? -1.600  -14.184 1.065   1.00 99.99 ? 1  ILE A HG12 1 
ATOM 13   H HG13 . ILE A 1 1  ? -2.007  -15.551 2.117   1.00 99.99 ? 1  ILE A HG13 1 
ATOM 14   H HG21 . ILE A 1 1  ? -4.338  -12.047 1.934   1.00 99.99 ? 1  ILE A HG21 1 
ATOM 15   H HG22 . ILE A 1 1  ? -2.605  -12.160 1.544   1.00 99.99 ? 1  ILE A HG22 1 
ATOM 16   H HG23 . ILE A 1 1  ? -3.821  -12.648 0.339   1.00 99.99 ? 1  ILE A HG23 1 
ATOM 17   H HD11 . ILE A 1 1  ? -3.199  -14.967 -0.634  1.00 99.99 ? 1  ILE A HD11 1 
ATOM 18   H HD12 . ILE A 1 1  ? -2.018  -16.244 -0.250  1.00 99.99 ? 1  ILE A HD12 1 
ATOM 19   H HD13 . ILE A 1 1  ? -3.666  -16.326 0.416   1.00 99.99 ? 1  ILE A HD13 1 
ATOM 20   N N    . VAL A 1 2  ? -1.404  -12.855 3.474   1.00 99.99 ? 2  VAL A N    1 
ATOM 21   C CA   . VAL A 1 2  ? -0.435  -11.869 3.923   1.00 99.99 ? 2  VAL A CA   1 
ATOM 22   C C    . VAL A 1 2  ? -0.204  -10.843 2.811   1.00 99.99 ? 2  VAL A C    1 
ATOM 23   O O    . VAL A 1 2  ? -0.095  -11.205 1.640   1.00 99.99 ? 2  VAL A O    1 
ATOM 24   C CB   . VAL A 1 2  ? 0.853   -12.566 4.367   1.00 99.99 ? 2  VAL A CB   1 
ATOM 25   C CG1  . VAL A 1 2  ? 1.895   -11.547 4.832   1.00 99.99 ? 2  VAL A CG1  1 
ATOM 26   C CG2  . VAL A 1 2  ? 0.568   -13.597 5.462   1.00 99.99 ? 2  VAL A CG2  1 
ATOM 27   H H    . VAL A 1 2  ? -1.106  -13.420 2.704   1.00 99.99 ? 2  VAL A H    1 
ATOM 28   H HA   . VAL A 1 2  ? -0.860  -11.361 4.787   1.00 99.99 ? 2  VAL A HA   1 
ATOM 29   H HB   . VAL A 1 2  ? 1.262   -13.096 3.508   1.00 99.99 ? 2  VAL A HB   1 
ATOM 30   H HG11 . VAL A 1 2  ? 1.531   -10.538 4.637   1.00 99.99 ? 2  VAL A HG11 1 
ATOM 31   H HG12 . VAL A 1 2  ? 2.072   -11.669 5.902   1.00 99.99 ? 2  VAL A HG12 1 
ATOM 32   H HG13 . VAL A 1 2  ? 2.827   -11.707 4.290   1.00 99.99 ? 2  VAL A HG13 1 
ATOM 33   H HG21 . VAL A 1 2  ? 0.236   -13.085 6.365   1.00 99.99 ? 2  VAL A HG21 1 
ATOM 34   H HG22 . VAL A 1 2  ? -0.212  -14.281 5.124   1.00 99.99 ? 2  VAL A HG22 1 
ATOM 35   H HG23 . VAL A 1 2  ? 1.477   -14.159 5.678   1.00 99.99 ? 2  VAL A HG23 1 
ATOM 36   N N    . CYS A 1 3  ? -0.138  -9.584  3.217   1.00 99.99 ? 3  CYS A N    1 
ATOM 37   C CA   . CYS A 1 3  ? 0.077   -8.503  2.270   1.00 99.99 ? 3  CYS A CA   1 
ATOM 38   C C    . CYS A 1 3  ? 0.893   -7.411  2.964   1.00 99.99 ? 3  CYS A C    1 
ATOM 39   O O    . CYS A 1 3  ? 0.689   -7.136  4.145   1.00 99.99 ? 3  CYS A O    1 
ATOM 40   C CB   . CYS A 1 3  ? -1.245  -7.965  1.717   1.00 99.99 ? 3  CYS A CB   1 
ATOM 41   S SG   . CYS A 1 3  ? -1.074  -6.795  0.320   1.00 99.99 ? 3  CYS A SG   1 
ATOM 42   H H    . CYS A 1 3  ? -0.237  -9.359  4.196   1.00 99.99 ? 3  CYS A H    1 
ATOM 43   H HA   . CYS A 1 3  ? 0.658   -8.890  1.433   1.00 99.99 ? 3  CYS A HA   1 
ATOM 44   H HB2  . CYS A 1 3  ? -1.837  -8.816  1.381   1.00 99.99 ? 3  CYS A HB2  1 
ATOM 45   H HB3  . CYS A 1 3  ? -1.764  -7.455  2.529   1.00 99.99 ? 3  CYS A HB3  1 
ATOM 46   N N    . HIS A 1 4  ? 1.798   -6.818  2.202   1.00 99.99 ? 4  HIS A N    1 
ATOM 47   C CA   . HIS A 1 4  ? 2.646   -5.762  2.728   1.00 99.99 ? 4  HIS A CA   1 
ATOM 48   C C    . HIS A 1 4  ? 1.776   -4.599  3.213   1.00 99.99 ? 4  HIS A C    1 
ATOM 49   O O    . HIS A 1 4  ? 0.898   -4.133  2.490   1.00 99.99 ? 4  HIS A O    1 
ATOM 50   C CB   . HIS A 1 4  ? 3.686   -5.332  1.693   1.00 99.99 ? 4  HIS A CB   1 
ATOM 51   C CG   . HIS A 1 4  ? 4.816   -6.316  1.512   1.00 99.99 ? 4  HIS A CG   1 
ATOM 52   N ND1  . HIS A 1 4  ? 4.818   -7.284  0.523   1.00 99.99 ? 4  HIS A ND1  1 
ATOM 53   C CD2  . HIS A 1 4  ? 5.982   -6.471  2.203   1.00 99.99 ? 4  HIS A CD2  1 
ATOM 54   C CE1  . HIS A 1 4  ? 5.938   -7.985  0.624   1.00 99.99 ? 4  HIS A CE1  1 
ATOM 55   N NE2  . HIS A 1 4  ? 6.658   -7.479  1.667   1.00 99.99 ? 4  HIS A NE2  1 
ATOM 56   H H    . HIS A 1 4  ? 1.957   -7.048  1.240   1.00 99.99 ? 4  HIS A H    1 
ATOM 57   H HA   . HIS A 1 4  ? 3.179   -6.185  3.579   1.00 99.99 ? 4  HIS A HA   1 
ATOM 58   H HB2  . HIS A 1 4  ? 3.184   -5.210  0.733   1.00 99.99 ? 4  HIS A HB2  1 
ATOM 59   H HB3  . HIS A 1 4  ? 4.100   -4.367  1.987   1.00 99.99 ? 4  HIS A HB3  1 
ATOM 60   H HD1  . HIS A 1 4  ? 4.095   -7.430  -0.153  1.00 99.99 ? 4  HIS A HD1  1 
ATOM 61   H HD2  . HIS A 1 4  ? 6.304   -5.868  3.052   1.00 99.99 ? 4  HIS A HD2  1 
ATOM 62   H HE1  . HIS A 1 4  ? 6.232   -8.819  -0.013  1.00 99.99 ? 4  HIS A HE1  1 
ATOM 63   H HE2  . HIS A 1 4  ? 7.573   -7.778  1.940   1.00 99.99 ? 4  HIS A HE2  1 
ATOM 64   N N    . THR A 1 5  ? 2.051   -4.166  4.435   1.00 99.99 ? 5  THR A N    1 
ATOM 65   C CA   . THR A 1 5  ? 1.305   -3.068  5.024   1.00 99.99 ? 5  THR A CA   1 
ATOM 66   C C    . THR A 1 5  ? 2.258   -1.962  5.485   1.00 99.99 ? 5  THR A C    1 
ATOM 67   O O    . THR A 1 5  ? 3.225   -2.228  6.194   1.00 99.99 ? 5  THR A O    1 
ATOM 68   C CB   . THR A 1 5  ? 0.442   -3.635  6.153   1.00 99.99 ? 5  THR A CB   1 
ATOM 69   O OG1  . THR A 1 5  ? -0.072  -4.852  5.620   1.00 99.99 ? 5  THR A OG1  1 
ATOM 70   C CG2  . THR A 1 5  ? -0.804  -2.788  6.421   1.00 99.99 ? 5  THR A CG2  1 
ATOM 71   H H    . THR A 1 5  ? 2.767   -4.551  5.016   1.00 99.99 ? 5  THR A H    1 
ATOM 72   H HA   . THR A 1 5  ? 0.663   -2.637  4.255   1.00 99.99 ? 5  THR A HA   1 
ATOM 73   H HB   . THR A 1 5  ? 1.028   -3.763  7.064   1.00 99.99 ? 5  THR A HB   1 
ATOM 74   H HG1  . THR A 1 5  ? -0.039  -5.572  6.313   1.00 99.99 ? 5  THR A HG1  1 
ATOM 75   H HG21 . THR A 1 5  ? -0.761  -1.880  5.819   1.00 99.99 ? 5  THR A HG21 1 
ATOM 76   H HG22 . THR A 1 5  ? -1.695  -3.358  6.155   1.00 99.99 ? 5  THR A HG22 1 
ATOM 77   H HG23 . THR A 1 5  ? -0.842  -2.523  7.477   1.00 99.99 ? 5  THR A HG23 1 
ATOM 78   N N    . THR A 1 6  ? 1.949   -0.745  5.059   1.00 99.99 ? 6  THR A N    1 
ATOM 79   C CA   . THR A 1 6  ? 2.767   0.401   5.420   1.00 99.99 ? 6  THR A CA   1 
ATOM 80   C C    . THR A 1 6  ? 2.256   1.033   6.716   1.00 99.99 ? 6  THR A C    1 
ATOM 81   O O    . THR A 1 6  ? 2.767   2.066   7.151   1.00 99.99 ? 6  THR A O    1 
ATOM 82   C CB   . THR A 1 6  ? 2.772   1.368   4.233   1.00 99.99 ? 6  THR A CB   1 
ATOM 83   O OG1  . THR A 1 6  ? 3.813   2.292   4.544   1.00 99.99 ? 6  THR A OG1  1 
ATOM 84   C CG2  . THR A 1 6  ? 1.511   2.232   4.174   1.00 99.99 ? 6  THR A CG2  1 
ATOM 85   H H    . THR A 1 6  ? 1.161   -0.539  4.482   1.00 99.99 ? 6  THR A H    1 
ATOM 86   H HA   . THR A 1 6  ? 3.781   0.054   5.610   1.00 99.99 ? 6  THR A HA   1 
ATOM 87   H HB   . THR A 1 6  ? 2.921   0.832   3.294   1.00 99.99 ? 6  THR A HB   1 
ATOM 88   H HG1  . THR A 1 6  ? 3.686   2.650   5.468   1.00 99.99 ? 6  THR A HG1  1 
ATOM 89   H HG21 . THR A 1 6  ? 1.525   2.833   3.266   1.00 99.99 ? 6  THR A HG21 1 
ATOM 90   H HG22 . THR A 1 6  ? 0.630   1.589   4.173   1.00 99.99 ? 6  THR A HG22 1 
ATOM 91   H HG23 . THR A 1 6  ? 1.480   2.888   5.045   1.00 99.99 ? 6  THR A HG23 1 
ATOM 92   N N    . ALA A 1 7  ? 1.256   0.390   7.297   1.00 99.99 ? 7  ALA A N    1 
ATOM 93   C CA   . ALA A 1 7  ? 0.672   0.876   8.534   1.00 99.99 ? 7  ALA A CA   1 
ATOM 94   C C    . ALA A 1 7  ? 1.789   1.306   9.486   1.00 99.99 ? 7  ALA A C    1 
ATOM 95   O O    . ALA A 1 7  ? 1.727   2.386   10.074  1.00 99.99 ? 7  ALA A O    1 
ATOM 96   C CB   . ALA A 1 7  ? -0.223  -0.208  9.139   1.00 99.99 ? 7  ALA A CB   1 
ATOM 97   H H    . ALA A 1 7  ? 0.846   -0.448  6.937   1.00 99.99 ? 7  ALA A H    1 
ATOM 98   H HA   . ALA A 1 7  ? 0.057   1.742   8.293   1.00 99.99 ? 7  ALA A HA   1 
ATOM 99   H HB1  . ALA A 1 7  ? -0.732  0.187   10.016  1.00 99.99 ? 7  ALA A HB1  1 
ATOM 100  H HB2  . ALA A 1 7  ? -0.960  -0.526  8.401   1.00 99.99 ? 7  ALA A HB2  1 
ATOM 101  H HB3  . ALA A 1 7  ? 0.388   -1.063  9.430   1.00 99.99 ? 7  ALA A HB3  1 
ATOM 102  N N    . THR A 1 8  ? 2.787   0.442   9.608   1.00 99.99 ? 8  THR A N    1 
ATOM 103  C CA   . THR A 1 8  ? 3.915   0.720   10.478  1.00 99.99 ? 8  THR A CA   1 
ATOM 104  C C    . THR A 1 8  ? 4.897   1.671   9.791   1.00 99.99 ? 8  THR A C    1 
ATOM 105  O O    . THR A 1 8  ? 4.973   1.710   8.563   1.00 99.99 ? 8  THR A O    1 
ATOM 106  C CB   . THR A 1 8  ? 4.543   -0.615  10.879  1.00 99.99 ? 8  THR A CB   1 
ATOM 107  O OG1  . THR A 1 8  ? 4.797   -1.267  9.640   1.00 99.99 ? 8  THR A OG1  1 
ATOM 108  C CG2  . THR A 1 8  ? 3.550   -1.540  11.588  1.00 99.99 ? 8  THR A CG2  1 
ATOM 109  H H    . THR A 1 8  ? 2.829   -0.433  9.126   1.00 99.99 ? 8  THR A H    1 
ATOM 110  H HA   . THR A 1 8  ? 3.546   1.230   11.368  1.00 99.99 ? 8  THR A HA   1 
ATOM 111  H HB   . THR A 1 8  ? 5.432   -0.460  11.489  1.00 99.99 ? 8  THR A HB   1 
ATOM 112  H HG1  . THR A 1 8  ? 5.783   -1.342  9.486   1.00 99.99 ? 8  THR A HG1  1 
ATOM 113  H HG21 . THR A 1 8  ? 2.688   -0.960  11.921  1.00 99.99 ? 8  THR A HG21 1 
ATOM 114  H HG22 . THR A 1 8  ? 3.220   -2.318  10.900  1.00 99.99 ? 8  THR A HG22 1 
ATOM 115  H HG23 . THR A 1 8  ? 4.033   -1.999  12.452  1.00 99.99 ? 8  THR A HG23 1 
ATOM 116  N N    . SER A 1 9  ? 5.626   2.413   10.611  1.00 99.99 ? 9  SER A N    1 
ATOM 117  C CA   . SER A 1 9  ? 6.601   3.360   10.096  1.00 99.99 ? 9  SER A CA   1 
ATOM 118  C C    . SER A 1 9  ? 7.361   2.741   8.920   1.00 99.99 ? 9  SER A C    1 
ATOM 119  O O    . SER A 1 9  ? 7.319   3.264   7.807   1.00 99.99 ? 9  SER A O    1 
ATOM 120  C CB   . SER A 1 9  ? 7.578   3.794   11.189  1.00 99.99 ? 9  SER A CB   1 
ATOM 121  O OG   . SER A 1 9  ? 8.933   3.696   10.764  1.00 99.99 ? 9  SER A OG   1 
ATOM 122  H H    . SER A 1 9  ? 5.559   2.375   11.607  1.00 99.99 ? 9  SER A H    1 
ATOM 123  H HA   . SER A 1 9  ? 6.021   4.222   9.766   1.00 99.99 ? 9  SER A HA   1 
ATOM 124  H HB2  . SER A 1 9  ? 7.371   4.832   11.450  1.00 99.99 ? 9  SER A HB2  1 
ATOM 125  H HB3  . SER A 1 9  ? 7.431   3.173   12.074  1.00 99.99 ? 9  SER A HB3  1 
ATOM 126  H HG   . SER A 1 9  ? 9.321   4.611   10.638  1.00 99.99 ? 9  SER A HG   1 
ATOM 127  N N    . PRO A 1 10 ? 8.055   1.612   9.217   1.00 99.99 ? 10 PRO A N    1 
ATOM 128  C CA   . PRO A 1 10 ? 8.823   0.918   8.195   1.00 99.99 ? 10 PRO A CA   1 
ATOM 129  C C    . PRO A 1 10 ? 7.903   0.146   7.246   1.00 99.99 ? 10 PRO A C    1 
ATOM 130  O O    . PRO A 1 10 ? 6.715   0.449   7.145   1.00 99.99 ? 10 PRO A O    1 
ATOM 131  C CB   . PRO A 1 10 ? 9.774   0.014   8.964   1.00 99.99 ? 10 PRO A CB   1 
ATOM 132  C CG   . PRO A 1 10 ? 9.189   -0.112  10.362  1.00 99.99 ? 10 PRO A CG   1 
ATOM 133  C CD   . PRO A 1 10 ? 8.127   0.964   10.523  1.00 99.99 ? 10 PRO A CD   1 
ATOM 134  H HA   . PRO A 1 10 ? 9.317   1.574   7.625   1.00 99.99 ? 10 PRO A HA   1 
ATOM 135  H HB2  . PRO A 1 10 ? 9.841   -0.964  8.487   1.00 99.99 ? 10 PRO A HB2  1 
ATOM 136  H HB3  . PRO A 1 10 ? 10.775  0.440   8.997   1.00 99.99 ? 10 PRO A HB3  1 
ATOM 137  H HG2  . PRO A 1 10 ? 8.705   -1.085  10.443  1.00 99.99 ? 10 PRO A HG2  1 
ATOM 138  H HG3  . PRO A 1 10 ? 9.969   0.008   11.114  1.00 99.99 ? 10 PRO A HG3  1 
ATOM 139  H HD2  . PRO A 1 10 ? 7.169   0.515   10.786  1.00 99.99 ? 10 PRO A HD2  1 
ATOM 140  H HD3  . PRO A 1 10 ? 8.400   1.677   11.301  1.00 99.99 ? 10 PRO A HD3  1 
ATOM 141  N N    . ILE A 1 11 ? 8.486   -0.835  6.575   1.00 99.99 ? 11 ILE A N    1 
ATOM 142  C CA   . ILE A 1 11 ? 7.735   -1.651  5.637   1.00 99.99 ? 11 ILE A CA   1 
ATOM 143  C C    . ILE A 1 11 ? 7.750   -3.107  6.107   1.00 99.99 ? 11 ILE A C    1 
ATOM 144  O O    . ILE A 1 11 ? 8.693   -3.539  6.771   1.00 99.99 ? 11 ILE A O    1 
ATOM 145  C CB   . ILE A 1 11 ? 8.265   -1.460  4.215   1.00 99.99 ? 11 ILE A CB   1 
ATOM 146  C CG1  . ILE A 1 11 ? 8.609   0.007   3.951   1.00 99.99 ? 11 ILE A CG1  1 
ATOM 147  C CG2  . ILE A 1 11 ? 7.279   -2.012  3.184   1.00 99.99 ? 11 ILE A CG2  1 
ATOM 148  C CD1  . ILE A 1 11 ? 10.091  0.280   4.220   1.00 99.99 ? 11 ILE A CD1  1 
ATOM 149  H H    . ILE A 1 11 ? 9.453   -1.075  6.664   1.00 99.99 ? 11 ILE A H    1 
ATOM 150  H HA   . ILE A 1 11 ? 6.704   -1.295  5.648   1.00 99.99 ? 11 ILE A HA   1 
ATOM 151  H HB   . ILE A 1 11 ? 9.188   -2.031  4.115   1.00 99.99 ? 11 ILE A HB   1 
ATOM 152  H HG12 . ILE A 1 11 ? 8.393   0.238   2.907   1.00 99.99 ? 11 ILE A HG12 1 
ATOM 153  H HG13 . ILE A 1 11 ? 7.996   0.648   4.586   1.00 99.99 ? 11 ILE A HG13 1 
ATOM 154  H HG21 . ILE A 1 11 ? 7.771   -2.781  2.586   1.00 99.99 ? 11 ILE A HG21 1 
ATOM 155  H HG22 . ILE A 1 11 ? 6.420   -2.445  3.697   1.00 99.99 ? 11 ILE A HG22 1 
ATOM 156  H HG23 . ILE A 1 11 ? 6.945   -1.204  2.533   1.00 99.99 ? 11 ILE A HG23 1 
ATOM 157  H HD11 . ILE A 1 11 ? 10.272  1.355   4.196   1.00 99.99 ? 11 ILE A HD11 1 
ATOM 158  H HD12 . ILE A 1 11 ? 10.359  -0.111  5.202   1.00 99.99 ? 11 ILE A HD12 1 
ATOM 159  H HD13 . ILE A 1 11 ? 10.695  -0.207  3.455   1.00 99.99 ? 11 ILE A HD13 1 
ATOM 160  N N    . SER A 1 12 ? 6.696   -3.825  5.748   1.00 99.99 ? 12 SER A N    1 
ATOM 161  C CA   . SER A 1 12 ? 6.576   -5.221  6.125   1.00 99.99 ? 12 SER A CA   1 
ATOM 162  C C    . SER A 1 12 ? 5.274   -5.803  5.573   1.00 99.99 ? 12 SER A C    1 
ATOM 163  O O    . SER A 1 12 ? 4.512   -5.106  4.905   1.00 99.99 ? 12 SER A O    1 
ATOM 164  C CB   . SER A 1 12 ? 6.630   -5.388  7.645   1.00 99.99 ? 12 SER A CB   1 
ATOM 165  O OG   . SER A 1 12 ? 7.968   -5.493  8.125   1.00 99.99 ? 12 SER A OG   1 
ATOM 166  H H    . SER A 1 12 ? 5.933   -3.465  5.210   1.00 99.99 ? 12 SER A H    1 
ATOM 167  H HA   . SER A 1 12 ? 7.437   -5.716  5.675   1.00 99.99 ? 12 SER A HA   1 
ATOM 168  H HB2  . SER A 1 12 ? 6.166   -4.516  8.107   1.00 99.99 ? 12 SER A HB2  1 
ATOM 169  H HB3  . SER A 1 12 ? 6.070   -6.278  7.933   1.00 99.99 ? 12 SER A HB3  1 
ATOM 170  H HG   . SER A 1 12 ? 8.487   -6.129  7.551   1.00 99.99 ? 12 SER A HG   1 
ATOM 171  N N    . ALA A 1 13 ? 5.058   -7.077  5.872   1.00 99.99 ? 13 ALA A N    1 
ATOM 172  C CA   . ALA A 1 13 ? 3.860   -7.759  5.413   1.00 99.99 ? 13 ALA A CA   1 
ATOM 173  C C    . ALA A 1 13 ? 3.431   -8.786  6.463   1.00 99.99 ? 13 ALA A C    1 
ATOM 174  O O    . ALA A 1 13 ? 4.217   -9.648  6.851   1.00 99.99 ? 13 ALA A O    1 
ATOM 175  C CB   . ALA A 1 13 ? 4.127   -8.398  4.049   1.00 99.99 ? 13 ALA A CB   1 
ATOM 176  H H    . ALA A 1 13 ? 5.682   -7.637  6.414   1.00 99.99 ? 13 ALA A H    1 
ATOM 177  H HA   . ALA A 1 13 ? 3.073   -7.014  5.305   1.00 99.99 ? 13 ALA A HA   1 
ATOM 178  H HB1  . ALA A 1 13 ? 4.322   -7.616  3.314   1.00 99.99 ? 13 ALA A HB1  1 
ATOM 179  H HB2  . ALA A 1 13 ? 4.992   -9.055  4.119   1.00 99.99 ? 13 ALA A HB2  1 
ATOM 180  H HB3  . ALA A 1 13 ? 3.255   -8.975  3.741   1.00 99.99 ? 13 ALA A HB3  1 
ATOM 181  N N    . VAL A 1 14 ? 2.183   -8.660  6.893   1.00 99.99 ? 14 VAL A N    1 
ATOM 182  C CA   . VAL A 1 14 ? 1.642   -9.566  7.890   1.00 99.99 ? 14 VAL A CA   1 
ATOM 183  C C    . VAL A 1 14 ? 0.395   -10.251 7.326   1.00 99.99 ? 14 VAL A C    1 
ATOM 184  O O    . VAL A 1 14 ? -0.034  -9.949  6.215   1.00 99.99 ? 14 VAL A O    1 
ATOM 185  C CB   . VAL A 1 14 ? 1.369   -8.809  9.193   1.00 99.99 ? 14 VAL A CB   1 
ATOM 186  C CG1  . VAL A 1 14 ? -0.125  -8.526  9.359   1.00 99.99 ? 14 VAL A CG1  1 
ATOM 187  C CG2  . VAL A 1 14 ? 1.920   -9.574  10.397  1.00 99.99 ? 14 VAL A CG2  1 
ATOM 188  H H    . VAL A 1 14 ? 1.551   -7.955  6.574   1.00 99.99 ? 14 VAL A H    1 
ATOM 189  H HA   . VAL A 1 14 ? 2.398   -10.324 8.092   1.00 99.99 ? 14 VAL A HA   1 
ATOM 190  H HB   . VAL A 1 14 ? 1.886   -7.850  9.138   1.00 99.99 ? 14 VAL A HB   1 
ATOM 191  H HG11 . VAL A 1 14 ? -0.654  -9.461  9.558   1.00 99.99 ? 14 VAL A HG11 1 
ATOM 192  H HG12 . VAL A 1 14 ? -0.275  -7.841  10.195  1.00 99.99 ? 14 VAL A HG12 1 
ATOM 193  H HG13 . VAL A 1 14 ? -0.514  -8.076  8.446   1.00 99.99 ? 14 VAL A HG13 1 
ATOM 194  H HG21 . VAL A 1 14 ? 2.938   -9.901  10.185  1.00 99.99 ? 14 VAL A HG21 1 
ATOM 195  H HG22 . VAL A 1 14 ? 1.923   -8.923  11.271  1.00 99.99 ? 14 VAL A HG22 1 
ATOM 196  H HG23 . VAL A 1 14 ? 1.293   -10.443 10.594  1.00 99.99 ? 14 VAL A HG23 1 
ATOM 197  N N    . THR A 1 15 ? -0.151  -11.162 8.118   1.00 99.99 ? 15 THR A N    1 
ATOM 198  C CA   . THR A 1 15 ? -1.338  -11.893 7.711   1.00 99.99 ? 15 THR A CA   1 
ATOM 199  C C    . THR A 1 15 ? -2.599  -11.167 8.183   1.00 99.99 ? 15 THR A C    1 
ATOM 200  O O    . THR A 1 15 ? -2.859  -11.083 9.382   1.00 99.99 ? 15 THR A O    1 
ATOM 201  C CB   . THR A 1 15 ? -1.222  -13.321 8.248   1.00 99.99 ? 15 THR A CB   1 
ATOM 202  O OG1  . THR A 1 15 ? 0.177   -13.501 8.456   1.00 99.99 ? 15 THR A OG1  1 
ATOM 203  C CG2  . THR A 1 15 ? -1.579  -14.373 7.196   1.00 99.99 ? 15 THR A CG2  1 
ATOM 204  H H    . THR A 1 15 ? 0.204   -11.403 9.022   1.00 99.99 ? 15 THR A H    1 
ATOM 205  H HA   . THR A 1 15 ? -1.371  -11.916 6.622   1.00 99.99 ? 15 THR A HA   1 
ATOM 206  H HB   . THR A 1 15 ? -1.824  -13.449 9.148   1.00 99.99 ? 15 THR A HB   1 
ATOM 207  H HG1  . THR A 1 15 ? 0.394   -13.396 9.426   1.00 99.99 ? 15 THR A HG1  1 
ATOM 208  H HG21 . THR A 1 15 ? -2.404  -14.988 7.563   1.00 99.99 ? 15 THR A HG21 1 
ATOM 209  H HG22 . THR A 1 15 ? -1.878  -13.878 6.273   1.00 99.99 ? 15 THR A HG22 1 
ATOM 210  H HG23 . THR A 1 15 ? -0.713  -15.007 7.007   1.00 99.99 ? 15 THR A HG23 1 
ATOM 211  N N    . CYS A 1 16 ? -3.350  -10.662 7.215   1.00 99.99 ? 16 CYS A N    1 
ATOM 212  C CA   . CYS A 1 16 ? -4.578  -9.947  7.518   1.00 99.99 ? 16 CYS A CA   1 
ATOM 213  C C    . CYS A 1 16 ? -5.383  -10.775 8.522   1.00 99.99 ? 16 CYS A C    1 
ATOM 214  O O    . CYS A 1 16 ? -5.024  -11.911 8.822   1.00 99.99 ? 16 CYS A O    1 
ATOM 215  C CB   . CYS A 1 16 ? -5.382  -9.644  6.252   1.00 99.99 ? 16 CYS A CB   1 
ATOM 216  S SG   . CYS A 1 16 ? -5.607  -7.864  5.891   1.00 99.99 ? 16 CYS A SG   1 
ATOM 217  H H    . CYS A 1 16 ? -3.132  -10.736 6.242   1.00 99.99 ? 16 CYS A H    1 
ATOM 218  H HA   . CYS A 1 16 ? -4.283  -8.991  7.953   1.00 99.99 ? 16 CYS A HA   1 
ATOM 219  H HB2  . CYS A 1 16 ? -4.855  -10.097 5.413   1.00 99.99 ? 16 CYS A HB2  1 
ATOM 220  H HB3  . CYS A 1 16 ? -6.364  -10.109 6.343   1.00 99.99 ? 16 CYS A HB3  1 
ATOM 221  N N    . PRO A 1 17 ? -6.484  -10.155 9.025   1.00 99.99 ? 17 PRO A N    1 
ATOM 222  C CA   . PRO A 1 17 ? -7.343  -10.823 9.989   1.00 99.99 ? 17 PRO A CA   1 
ATOM 223  C C    . PRO A 1 17 ? -8.209  -11.885 9.309   1.00 99.99 ? 17 PRO A C    1 
ATOM 224  O O    . PRO A 1 17 ? -8.122  -12.079 8.097   1.00 99.99 ? 17 PRO A O    1 
ATOM 225  C CB   . PRO A 1 17 ? -8.159  -9.710  10.626  1.00 99.99 ? 17 PRO A CB   1 
ATOM 226  C CG   . PRO A 1 17 ? -8.063  -8.528  9.675   1.00 99.99 ? 17 PRO A CG   1 
ATOM 227  C CD   . PRO A 1 17 ? -6.939  -8.809  8.692   1.00 99.99 ? 17 PRO A CD   1 
ATOM 228  H HA   . PRO A 1 17 ? -6.791  -11.311 10.664  1.00 99.99 ? 17 PRO A HA   1 
ATOM 229  H HB2  . PRO A 1 17 ? -9.197  -10.020 10.749  1.00 99.99 ? 17 PRO A HB2  1 
ATOM 230  H HB3  . PRO A 1 17 ? -7.768  -9.453  11.610  1.00 99.99 ? 17 PRO A HB3  1 
ATOM 231  H HG2  . PRO A 1 17 ? -8.997  -8.463  9.116   1.00 99.99 ? 17 PRO A HG2  1 
ATOM 232  H HG3  . PRO A 1 17 ? -7.866  -7.608  10.228  1.00 99.99 ? 17 PRO A HG3  1 
ATOM 233  H HD2  . PRO A 1 17 ? -7.313  -8.769  7.668   1.00 99.99 ? 17 PRO A HD2  1 
ATOM 234  H HD3  . PRO A 1 17 ? -6.134  -8.082  8.792   1.00 99.99 ? 17 PRO A HD3  1 
ATOM 235  N N    . PRO A 1 18 ? -9.043  -12.564 10.140  1.00 99.99 ? 18 PRO A N    1 
ATOM 236  C CA   . PRO A 1 18 ? -9.924  -13.602 9.632   1.00 99.99 ? 18 PRO A CA   1 
ATOM 237  C C    . PRO A 1 18 ? -11.109 -12.995 8.878   1.00 99.99 ? 18 PRO A C    1 
ATOM 238  O O    . PRO A 1 18 ? -12.189 -13.583 8.837   1.00 99.99 ? 18 PRO A O    1 
ATOM 239  C CB   . PRO A 1 18 ? -10.343 -14.398 10.857  1.00 99.99 ? 18 PRO A CB   1 
ATOM 240  C CG   . PRO A 1 18 ? -10.059 -13.503 12.052  1.00 99.99 ? 18 PRO A CG   1 
ATOM 241  C CD   . PRO A 1 18 ? -9.172  -12.362 11.581  1.00 99.99 ? 18 PRO A CD   1 
ATOM 242  H HA   . PRO A 1 18 ? -9.442  -14.172 8.967   1.00 99.99 ? 18 PRO A HA   1 
ATOM 243  H HB2  . PRO A 1 18 ? -11.403 -14.646 10.806  1.00 99.99 ? 18 PRO A HB2  1 
ATOM 244  H HB3  . PRO A 1 18 ? -9.784  -15.331 10.926  1.00 99.99 ? 18 PRO A HB3  1 
ATOM 245  H HG2  . PRO A 1 18 ? -11.005 -13.083 12.394  1.00 99.99 ? 18 PRO A HG2  1 
ATOM 246  H HG3  . PRO A 1 18 ? -9.566  -14.067 12.844  1.00 99.99 ? 18 PRO A HG3  1 
ATOM 247  H HD2  . PRO A 1 18 ? -9.642  -11.403 11.797  1.00 99.99 ? 18 PRO A HD2  1 
ATOM 248  H HD3  . PRO A 1 18 ? -8.199  -12.387 12.072  1.00 99.99 ? 18 PRO A HD3  1 
ATOM 249  N N    . GLY A 1 19 ? -10.867 -11.828 8.302   1.00 99.99 ? 19 GLY A N    1 
ATOM 250  C CA   . GLY A 1 19 ? -11.903 -11.135 7.552   1.00 99.99 ? 19 GLY A CA   1 
ATOM 251  C C    . GLY A 1 19 ? -11.351 -10.585 6.235   1.00 99.99 ? 19 GLY A C    1 
ATOM 252  O O    . GLY A 1 19 ? -12.088 -9.998  5.446   1.00 99.99 ? 19 GLY A O    1 
ATOM 253  H H    . GLY A 1 19 ? -9.986  -11.357 8.340   1.00 99.99 ? 19 GLY A H    1 
ATOM 254  H HA2  . GLY A 1 19 ? -12.728 -11.817 7.347   1.00 99.99 ? 19 GLY A HA2  1 
ATOM 255  H HA3  . GLY A 1 19 ? -12.304 -10.317 8.150   1.00 99.99 ? 19 GLY A HA3  1 
ATOM 256  N N    . GLU A 1 20 ? -10.058 -10.799 6.037   1.00 99.99 ? 20 GLU A N    1 
ATOM 257  C CA   . GLU A 1 20 ? -9.398  -10.332 4.829   1.00 99.99 ? 20 GLU A CA   1 
ATOM 258  C C    . GLU A 1 20 ? -8.397  -11.377 4.335   1.00 99.99 ? 20 GLU A C    1 
ATOM 259  O O    . GLU A 1 20 ? -7.518  -11.804 5.083   1.00 99.99 ? 20 GLU A O    1 
ATOM 260  C CB   . GLU A 1 20 ? -8.715  -8.984  5.064   1.00 99.99 ? 20 GLU A CB   1 
ATOM 261  C CG   . GLU A 1 20 ? -9.742  -7.896  5.379   1.00 99.99 ? 20 GLU A CG   1 
ATOM 262  C CD   . GLU A 1 20 ? -9.222  -6.948  6.461   1.00 99.99 ? 20 GLU A CD   1 
ATOM 263  O OE1  . GLU A 1 20 ? -9.891  -6.750  7.486   1.00 99.99 ? 20 GLU A OE1  1 
ATOM 264  O OE2  . GLU A 1 20 ? -8.079  -6.405  6.207   1.00 99.99 ? 20 GLU A OE2  1 
ATOM 265  H H    . GLU A 1 20 ? -9.465  -11.278 6.685   1.00 99.99 ? 20 GLU A H    1 
ATOM 266  H HA   . GLU A 1 20 ? -10.195 -10.207 4.095   1.00 99.99 ? 20 GLU A HA   1 
ATOM 267  H HB2  . GLU A 1 20 ? -8.031  -9.077  5.907   1.00 99.99 ? 20 GLU A HB2  1 
ATOM 268  H HB3  . GLU A 1 20 ? -8.143  -8.704  4.178   1.00 99.99 ? 20 GLU A HB3  1 
ATOM 269  H HG2  . GLU A 1 20 ? -9.941  -7.323  4.473   1.00 99.99 ? 20 GLU A HG2  1 
ATOM 270  H HG3  . GLU A 1 20 ? -10.674 -8.355  5.711   1.00 99.99 ? 20 GLU A HG3  1 
ATOM 271  H HE2  . GLU A 1 20 ? -8.208  -5.470  5.882   1.00 99.99 ? 20 GLU A HE2  1 
ATOM 272  N N    . ASN A 1 21 ? -8.560  -11.760 3.077   1.00 99.99 ? 21 ASN A N    1 
ATOM 273  C CA   . ASN A 1 21 ? -7.680  -12.746 2.474   1.00 99.99 ? 21 ASN A CA   1 
ATOM 274  C C    . ASN A 1 21 ? -7.088  -12.174 1.184   1.00 99.99 ? 21 ASN A C    1 
ATOM 275  O O    . ASN A 1 21 ? -6.325  -12.849 0.494   1.00 99.99 ? 21 ASN A O    1 
ATOM 276  C CB   . ASN A 1 21 ? -8.446  -14.022 2.117   1.00 99.99 ? 21 ASN A CB   1 
ATOM 277  C CG   . ASN A 1 21 ? -7.512  -15.233 2.094   1.00 99.99 ? 21 ASN A CG   1 
ATOM 278  O OD1  . ASN A 1 21 ? -6.404  -15.206 2.605   1.00 99.99 ? 21 ASN A OD1  1 
ATOM 279  N ND2  . ASN A 1 21 ? -8.019  -16.295 1.476   1.00 99.99 ? 21 ASN A ND2  1 
ATOM 280  H H    . ASN A 1 21 ? -9.277  -11.407 2.475   1.00 99.99 ? 21 ASN A H    1 
ATOM 281  H HA   . ASN A 1 21 ? -6.920  -12.949 3.227   1.00 99.99 ? 21 ASN A HA   1 
ATOM 282  H HB2  . ASN A 1 21 ? -9.224  -14.187 2.863   1.00 99.99 ? 21 ASN A HB2  1 
ATOM 283  H HB3  . ASN A 1 21 ? -8.920  -13.904 1.143   1.00 99.99 ? 21 ASN A HB3  1 
ATOM 284  H HD21 . ASN A 1 21 ? -8.935  -16.251 1.078   1.00 99.99 ? 21 ASN A HD21 1 
ATOM 285  H HD22 . ASN A 1 21 ? -7.485  -17.138 1.407   1.00 99.99 ? 21 ASN A HD22 1 
ATOM 286  N N    . LEU A 1 22 ? -7.460  -10.935 0.898   1.00 99.99 ? 22 LEU A N    1 
ATOM 287  C CA   . LEU A 1 22 ? -6.975  -10.265 -0.296  1.00 99.99 ? 22 LEU A CA   1 
ATOM 288  C C    . LEU A 1 22 ? -5.852  -9.299  0.087   1.00 99.99 ? 22 LEU A C    1 
ATOM 289  O O    . LEU A 1 22 ? -5.453  -9.234  1.249   1.00 99.99 ? 22 LEU A O    1 
ATOM 290  C CB   . LEU A 1 22 ? -8.131  -9.598  -1.043  1.00 99.99 ? 22 LEU A CB   1 
ATOM 291  C CG   . LEU A 1 22 ? -8.754  -10.412 -2.179  1.00 99.99 ? 22 LEU A CG   1 
ATOM 292  C CD1  . LEU A 1 22 ? -10.173 -10.858 -1.821  1.00 99.99 ? 22 LEU A CD1  1 
ATOM 293  C CD2  . LEU A 1 22 ? -8.713  -9.634  -3.496  1.00 99.99 ? 22 LEU A CD2  1 
ATOM 294  H H    . LEU A 1 22 ? -8.080  -10.393 1.465   1.00 99.99 ? 22 LEU A H    1 
ATOM 295  H HA   . LEU A 1 22 ? -6.564  -11.029 -0.955  1.00 99.99 ? 22 LEU A HA   1 
ATOM 296  H HB2  . LEU A 1 22 ? -8.917  -9.393  -0.316  1.00 99.99 ? 22 LEU A HB2  1 
ATOM 297  H HB3  . LEU A 1 22 ? -7.776  -8.652  -1.453  1.00 99.99 ? 22 LEU A HB3  1 
ATOM 298  H HG   . LEU A 1 22 ? -8.158  -11.314 -2.319  1.00 99.99 ? 22 LEU A HG   1 
ATOM 299  H HD11 . LEU A 1 22 ? -10.828 -9.987  -1.780  1.00 99.99 ? 22 LEU A HD11 1 
ATOM 300  H HD12 . LEU A 1 22 ? -10.537 -11.554 -2.576  1.00 99.99 ? 22 LEU A HD12 1 
ATOM 301  H HD13 . LEU A 1 22 ? -10.164 -11.352 -0.849  1.00 99.99 ? 22 LEU A HD13 1 
ATOM 302  H HD21 . LEU A 1 22 ? -8.116  -8.731  -3.367  1.00 99.99 ? 22 LEU A HD21 1 
ATOM 303  H HD22 . LEU A 1 22 ? -8.269  -10.257 -4.273  1.00 99.99 ? 22 LEU A HD22 1 
ATOM 304  H HD23 . LEU A 1 22 ? -9.728  -9.359  -3.787  1.00 99.99 ? 22 LEU A HD23 1 
ATOM 305  N N    . CYS A 1 23 ? -5.373  -8.572  -0.911  1.00 99.99 ? 23 CYS A N    1 
ATOM 306  C CA   . CYS A 1 23 ? -4.305  -7.611  -0.694  1.00 99.99 ? 23 CYS A CA   1 
ATOM 307  C C    . CYS A 1 23 ? -4.575  -6.385  -1.566  1.00 99.99 ? 23 CYS A C    1 
ATOM 308  O O    . CYS A 1 23 ? -4.993  -6.517  -2.717  1.00 99.99 ? 23 CYS A O    1 
ATOM 309  C CB   . CYS A 1 23 ? -2.931  -8.223  -0.977  1.00 99.99 ? 23 CYS A CB   1 
ATOM 310  S SG   . CYS A 1 23 ? -1.554  -7.018  -1.045  1.00 99.99 ? 23 CYS A SG   1 
ATOM 311  H H    . CYS A 1 23 ? -5.749  -8.678  -1.843  1.00 99.99 ? 23 CYS A H    1 
ATOM 312  H HA   . CYS A 1 23 ? -4.328  -7.304  0.352   1.00 99.99 ? 23 CYS A HA   1 
ATOM 313  H HB2  . CYS A 1 23 ? -2.717  -8.943  -0.187  1.00 99.99 ? 23 CYS A HB2  1 
ATOM 314  H HB3  . CYS A 1 23 ? -2.985  -8.736  -1.936  1.00 99.99 ? 23 CYS A HB3  1 
ATOM 315  N N    . TYR A 1 24 ? -4.324  -5.219  -0.988  1.00 99.99 ? 24 TYR A N    1 
ATOM 316  C CA   . TYR A 1 24 ? -4.536  -3.970  -1.700  1.00 99.99 ? 24 TYR A CA   1 
ATOM 317  C C    . TYR A 1 24 ? -3.265  -3.119  -1.700  1.00 99.99 ? 24 TYR A C    1 
ATOM 318  O O    . TYR A 1 24 ? -2.231  -3.540  -1.183  1.00 99.99 ? 24 TYR A O    1 
ATOM 319  C CB   . TYR A 1 24 ? -5.633  -3.229  -0.932  1.00 99.99 ? 24 TYR A CB   1 
ATOM 320  C CG   . TYR A 1 24 ? -5.137  -2.512  0.325   1.00 99.99 ? 24 TYR A CG   1 
ATOM 321  C CD1  . TYR A 1 24 ? -4.592  -1.248  0.230   1.00 99.99 ? 24 TYR A CD1  1 
ATOM 322  C CD2  . TYR A 1 24 ? -5.234  -3.131  1.555   1.00 99.99 ? 24 TYR A CD2  1 
ATOM 323  C CE1  . TYR A 1 24 ? -4.125  -0.573  1.413   1.00 99.99 ? 24 TYR A CE1  1 
ATOM 324  C CE2  . TYR A 1 24 ? -4.768  -2.457  2.739   1.00 99.99 ? 24 TYR A CE2  1 
ATOM 325  C CZ   . TYR A 1 24 ? -4.236  -1.212  2.610   1.00 99.99 ? 24 TYR A CZ   1 
ATOM 326  O OH   . TYR A 1 24 ? -3.795  -0.575  3.728   1.00 99.99 ? 24 TYR A OH   1 
ATOM 327  H H    . TYR A 1 24 ? -3.985  -5.121  -0.053  1.00 99.99 ? 24 TYR A H    1 
ATOM 328  H HA   . TYR A 1 24 ? -4.804  -4.210  -2.728  1.00 99.99 ? 24 TYR A HA   1 
ATOM 329  H HB2  . TYR A 1 24 ? -6.074  -2.486  -1.597  1.00 99.99 ? 24 TYR A HB2  1 
ATOM 330  H HB3  . TYR A 1 24 ? -6.409  -3.941  -0.651  1.00 99.99 ? 24 TYR A HB3  1 
ATOM 331  H HD1  . TYR A 1 24 ? -4.514  -0.759  -0.742  1.00 99.99 ? 24 TYR A HD1  1 
ATOM 332  H HD2  . TYR A 1 24 ? -5.664  -4.130  1.631   1.00 99.99 ? 24 TYR A HD2  1 
ATOM 333  H HE1  . TYR A 1 24 ? -3.692  0.425   1.351   1.00 99.99 ? 24 TYR A HE1  1 
ATOM 334  H HE2  . TYR A 1 24 ? -4.838  -2.934  3.717   1.00 99.99 ? 24 TYR A HE2  1 
ATOM 335  H HH   . TYR A 1 24 ? -4.556  -0.435  4.363   1.00 99.99 ? 24 TYR A HH   1 
ATOM 336  N N    . ARG A 1 25 ? -3.384  -1.935  -2.285  1.00 99.99 ? 25 ARG A N    1 
ATOM 337  C CA   . ARG A 1 25 ? -2.258  -1.020  -2.360  1.00 99.99 ? 25 ARG A CA   1 
ATOM 338  C C    . ARG A 1 25 ? -2.728  0.365   -2.808  1.00 99.99 ? 25 ARG A C    1 
ATOM 339  O O    . ARG A 1 25 ? -2.748  0.661   -4.002  1.00 99.99 ? 25 ARG A O    1 
ATOM 340  C CB   . ARG A 1 25 ? -1.196  -1.532  -3.337  1.00 99.99 ? 25 ARG A CB   1 
ATOM 341  C CG   . ARG A 1 25 ? -0.271  -0.398  -3.783  1.00 99.99 ? 25 ARG A CG   1 
ATOM 342  C CD   . ARG A 1 25 ? -0.351  -0.189  -5.296  1.00 99.99 ? 25 ARG A CD   1 
ATOM 343  N NE   . ARG A 1 25 ? 0.036   -1.431  -6.002  1.00 99.99 ? 25 ARG A NE   1 
ATOM 344  C CZ   . ARG A 1 25 ? -0.334  -1.730  -7.264  1.00 99.99 ? 25 ARG A CZ   1 
ATOM 345  N NH1  . ARG A 1 25 ? -1.106  -0.879  -7.974  1.00 99.99 ? 25 ARG A NH1  1 
ATOM 346  N NH2  . ARG A 1 25 ? 0.070   -2.869  -7.795  1.00 99.99 ? 25 ARG A NH2  1 
ATOM 347  H H    . ARG A 1 25 ? -4.228  -1.601  -2.702  1.00 99.99 ? 25 ARG A H    1 
ATOM 348  H HA   . ARG A 1 25 ? -1.855  -0.991  -1.347  1.00 99.99 ? 25 ARG A HA   1 
ATOM 349  H HB2  . ARG A 1 25 ? -0.600  -2.298  -2.840  1.00 99.99 ? 25 ARG A HB2  1 
ATOM 350  H HB3  . ARG A 1 25 ? -1.681  -1.975  -4.205  1.00 99.99 ? 25 ARG A HB3  1 
ATOM 351  H HG2  . ARG A 1 25 ? -0.575  0.521   -3.283  1.00 99.99 ? 25 ARG A HG2  1 
ATOM 352  H HG3  . ARG A 1 25 ? 0.756   -0.630  -3.498  1.00 99.99 ? 25 ARG A HG3  1 
ATOM 353  H HD2  . ARG A 1 25 ? -1.374  0.074   -5.566  1.00 99.99 ? 25 ARG A HD2  1 
ATOM 354  H HD3  . ARG A 1 25 ? 0.306   0.629   -5.594  1.00 99.99 ? 25 ARG A HD3  1 
ATOM 355  H HE   . ARG A 1 25 ? 0.607   -2.088  -5.511  1.00 99.99 ? 25 ARG A HE   1 
ATOM 356  H HH11 . ARG A 1 25 ? -1.408  -0.019  -7.563  1.00 99.99 ? 25 ARG A HH11 1 
ATOM 357  H HH12 . ARG A 1 25 ? -1.376  -1.109  -8.909  1.00 99.99 ? 25 ARG A HH12 1 
ATOM 358  H HH21 . ARG A 1 25 ? 0.647   -3.484  -7.239  1.00 99.99 ? 25 ARG A HH21 1 
ATOM 359  H HH22 . ARG A 1 25 ? -0.161  -3.166  -8.724  1.00 99.99 ? 25 ARG A HH22 1 
ATOM 360  N N    . LYS A 1 26 ? -3.095  1.177   -1.827  1.00 99.99 ? 26 LYS A N    1 
ATOM 361  C CA   . LYS A 1 26 ? -3.564  2.523   -2.106  1.00 99.99 ? 26 LYS A CA   1 
ATOM 362  C C    . LYS A 1 26 ? -2.625  3.187   -3.116  1.00 99.99 ? 26 LYS A C    1 
ATOM 363  O O    . LYS A 1 26 ? -1.600  2.614   -3.486  1.00 99.99 ? 26 LYS A O    1 
ATOM 364  C CB   . LYS A 1 26 ? -3.727  3.312   -0.806  1.00 99.99 ? 26 LYS A CB   1 
ATOM 365  C CG   . LYS A 1 26 ? -4.620  4.538   -1.017  1.00 99.99 ? 26 LYS A CG   1 
ATOM 366  C CD   . LYS A 1 26 ? -5.555  4.748   0.176   1.00 99.99 ? 26 LYS A CD   1 
ATOM 367  C CE   . LYS A 1 26 ? -6.952  5.161   -0.290  1.00 99.99 ? 26 LYS A CE   1 
ATOM 368  N NZ   . LYS A 1 26 ? -7.978  4.267   0.292   1.00 99.99 ? 26 LYS A NZ   1 
ATOM 369  H H    . LYS A 1 26 ? -3.076  0.927   -0.859  1.00 99.99 ? 26 LYS A H    1 
ATOM 370  H HA   . LYS A 1 26 ? -4.551  2.438   -2.557  1.00 99.99 ? 26 LYS A HA   1 
ATOM 371  H HB2  . LYS A 1 26 ? -4.187  2.667   -0.058  1.00 99.99 ? 26 LYS A HB2  1 
ATOM 372  H HB3  . LYS A 1 26 ? -2.747  3.630   -0.443  1.00 99.99 ? 26 LYS A HB3  1 
ATOM 373  H HG2  . LYS A 1 26 ? -3.988  5.419   -1.126  1.00 99.99 ? 26 LYS A HG2  1 
ATOM 374  H HG3  . LYS A 1 26 ? -5.206  4.411   -1.926  1.00 99.99 ? 26 LYS A HG3  1 
ATOM 375  H HD2  . LYS A 1 26 ? -5.632  3.812   0.731   1.00 99.99 ? 26 LYS A HD2  1 
ATOM 376  H HD3  . LYS A 1 26 ? -5.144  5.512   0.834   1.00 99.99 ? 26 LYS A HD3  1 
ATOM 377  H HE2  . LYS A 1 26 ? -7.146  6.183   0.034   1.00 99.99 ? 26 LYS A HE2  1 
ATOM 378  H HE3  . LYS A 1 26 ? -7.003  5.126   -1.378  1.00 99.99 ? 26 LYS A HE3  1 
ATOM 379  H HZ1  . LYS A 1 26 ? -8.279  3.557   -0.368  1.00 99.99 ? 26 LYS A HZ1  1 
ATOM 380  H HZ2  . LYS A 1 26 ? -7.637  3.779   1.112   1.00 99.99 ? 26 LYS A HZ2  1 
ATOM 381  H HZ3  . LYS A 1 26 ? -8.778  4.824   0.555   1.00 99.99 ? 26 LYS A HZ3  1 
ATOM 382  N N    . MET A 1 27 ? -3.007  4.385   -3.532  1.00 99.99 ? 27 MET A N    1 
ATOM 383  C CA   . MET A 1 27 ? -2.212  5.132   -4.491  1.00 99.99 ? 27 MET A CA   1 
ATOM 384  C C    . MET A 1 27 ? -2.899  6.447   -4.866  1.00 99.99 ? 27 MET A C    1 
ATOM 385  O O    . MET A 1 27 ? -4.110  6.481   -5.080  1.00 99.99 ? 27 MET A O    1 
ATOM 386  C CB   . MET A 1 27 ? -2.004  4.287   -5.750  1.00 99.99 ? 27 MET A CB   1 
ATOM 387  C CG   . MET A 1 27 ? -0.626  3.625   -5.745  1.00 99.99 ? 27 MET A CG   1 
ATOM 388  S SD   . MET A 1 27 ? 0.219   3.959   -7.283  1.00 99.99 ? 27 MET A SD   1 
ATOM 389  C CE   . MET A 1 27 ? -0.542  2.727   -8.327  1.00 99.99 ? 27 MET A CE   1 
ATOM 390  H H    . MET A 1 27 ? -3.842  4.843   -3.226  1.00 99.99 ? 27 MET A H    1 
ATOM 391  H HA   . MET A 1 27 ? -1.266  5.338   -3.991  1.00 99.99 ? 27 MET A HA   1 
ATOM 392  H HB2  . MET A 1 27 ? -2.768  3.511   -5.783  1.00 99.99 ? 27 MET A HB2  1 
ATOM 393  H HB3  . MET A 1 27 ? -2.106  4.916   -6.635  1.00 99.99 ? 27 MET A HB3  1 
ATOM 394  H HG2  . MET A 1 27 ? -0.035  4.019   -4.918  1.00 99.99 ? 27 MET A HG2  1 
ATOM 395  H HG3  . MET A 1 27 ? -0.731  2.550   -5.605  1.00 99.99 ? 27 MET A HG3  1 
ATOM 396  H HE1  . MET A 1 27 ? -0.144  1.743   -8.079  1.00 99.99 ? 27 MET A HE1  1 
ATOM 397  H HE2  . MET A 1 27 ? -1.620  2.732   -8.169  1.00 99.99 ? 27 MET A HE2  1 
ATOM 398  H HE3  . MET A 1 27 ? -0.327  2.953   -9.372  1.00 99.99 ? 27 MET A HE3  1 
ATOM 399  N N    . TRP A 1 28 ? -2.095  7.497   -4.935  1.00 99.99 ? 28 TRP A N    1 
ATOM 400  C CA   . TRP A 1 28 ? -2.610  8.812   -5.279  1.00 99.99 ? 28 TRP A CA   1 
ATOM 401  C C    . TRP A 1 28 ? -1.423  9.771   -5.387  1.00 99.99 ? 28 TRP A C    1 
ATOM 402  O O    . TRP A 1 28 ? -0.463  9.665   -4.625  1.00 99.99 ? 28 TRP A O    1 
ATOM 403  C CB   . TRP A 1 28 ? -3.661  9.273   -4.268  1.00 99.99 ? 28 TRP A CB   1 
ATOM 404  C CG   . TRP A 1 28 ? -3.092  9.609   -2.888  1.00 99.99 ? 28 TRP A CG   1 
ATOM 405  C CD1  . TRP A 1 28 ? -2.238  8.888   -2.151  1.00 99.99 ? 28 TRP A CD1  1 
ATOM 406  C CD2  . TRP A 1 28 ? -3.372  10.790  -2.107  1.00 99.99 ? 28 TRP A CD2  1 
ATOM 407  N NE1  . TRP A 1 28 ? -1.947  9.515   -0.955  1.00 99.99 ? 28 TRP A NE1  1 
ATOM 408  C CE2  . TRP A 1 28 ? -2.658  10.708  -0.927  1.00 99.99 ? 28 TRP A CE2  1 
ATOM 409  C CE3  . TRP A 1 28 ? -4.200  11.891  -2.388  1.00 99.99 ? 28 TRP A CE3  1 
ATOM 410  C CZ2  . TRP A 1 28 ? -2.704  11.694  0.065   1.00 99.99 ? 28 TRP A CZ2  1 
ATOM 411  C CZ3  . TRP A 1 28 ? -4.233  12.869  -1.385  1.00 99.99 ? 28 TRP A CZ3  1 
ATOM 412  C CH2  . TRP A 1 28 ? -3.522  12.801  -0.192  1.00 99.99 ? 28 TRP A CH2  1 
ATOM 413  H H    . TRP A 1 28 ? -1.111  7.463   -4.759  1.00 99.99 ? 28 TRP A H    1 
ATOM 414  H HA   . TRP A 1 28 ? -3.112  8.731   -6.245  1.00 99.99 ? 28 TRP A HA   1 
ATOM 415  H HB2  . TRP A 1 28 ? -4.153  10.161  -4.662  1.00 99.99 ? 28 TRP A HB2  1 
ATOM 416  H HB3  . TRP A 1 28 ? -4.412  8.490   -4.157  1.00 99.99 ? 28 TRP A HB3  1 
ATOM 417  H HD1  . TRP A 1 28 ? -1.823  7.926   -2.455  1.00 99.99 ? 28 TRP A HD1  1 
ATOM 418  H HE1  . TRP A 1 28 ? -1.284  9.141   -0.175  1.00 99.99 ? 28 TRP A HE1  1 
ATOM 419  H HE3  . TRP A 1 28 ? -4.773  11.979  -3.311  1.00 99.99 ? 28 TRP A HE3  1 
ATOM 420  H HZ2  . TRP A 1 28 ? -2.130  11.606  0.989   1.00 99.99 ? 28 TRP A HZ2  1 
ATOM 421  H HZ3  . TRP A 1 28 ? -4.860  13.743  -1.552  1.00 99.99 ? 28 TRP A HZ3  1 
ATOM 422  H HH2  . TRP A 1 28 ? -3.601  13.605  0.539   1.00 99.99 ? 28 TRP A HH2  1 
ATOM 423  N N    . CYS A 1 29 ? -1.527  10.688  -6.338  1.00 99.99 ? 29 CYS A N    1 
ATOM 424  C CA   . CYS A 1 29 ? -0.475  11.666  -6.555  1.00 99.99 ? 29 CYS A CA   1 
ATOM 425  C C    . CYS A 1 29 ? -0.330  12.505  -5.284  1.00 99.99 ? 29 CYS A C    1 
ATOM 426  O O    . CYS A 1 29 ? -0.886  13.598  -5.191  1.00 99.99 ? 29 CYS A O    1 
ATOM 427  C CB   . CYS A 1 29 ? -0.753  12.533  -7.783  1.00 99.99 ? 29 CYS A CB   1 
ATOM 428  S SG   . CYS A 1 29 ? 0.252   12.121  -9.258  1.00 99.99 ? 29 CYS A SG   1 
ATOM 429  H H    . CYS A 1 29 ? -2.312  10.768  -6.953  1.00 99.99 ? 29 CYS A H    1 
ATOM 430  H HA   . CYS A 1 29 ? 0.438   11.104  -6.753  1.00 99.99 ? 29 CYS A HA   1 
ATOM 431  H HB2  . CYS A 1 29 ? -1.804  12.408  -8.042  1.00 99.99 ? 29 CYS A HB2  1 
ATOM 432  H HB3  . CYS A 1 29 ? -0.576  13.577  -7.522  1.00 99.99 ? 29 CYS A HB3  1 
ATOM 433  N N    . ASP A 1 30 ? 0.422   11.963  -4.337  1.00 99.99 ? 30 ASP A N    1 
ATOM 434  C CA   . ASP A 1 30 ? 0.647   12.649  -3.076  1.00 99.99 ? 30 ASP A CA   1 
ATOM 435  C C    . ASP A 1 30 ? 0.931   14.127  -3.347  1.00 99.99 ? 30 ASP A C    1 
ATOM 436  O O    . ASP A 1 30 ? 0.989   14.550  -4.501  1.00 99.99 ? 30 ASP A O    1 
ATOM 437  C CB   . ASP A 1 30 ? 1.852   12.063  -2.337  1.00 99.99 ? 30 ASP A CB   1 
ATOM 438  C CG   . ASP A 1 30 ? 2.597   10.958  -3.090  1.00 99.99 ? 30 ASP A CG   1 
ATOM 439  O OD1  . ASP A 1 30 ? 1.979   10.060  -3.682  1.00 99.99 ? 30 ASP A OD1  1 
ATOM 440  O OD2  . ASP A 1 30 ? 3.884   11.043  -3.052  1.00 99.99 ? 30 ASP A OD2  1 
ATOM 441  H H    . ASP A 1 30 ? 0.871   11.073  -4.420  1.00 99.99 ? 30 ASP A H    1 
ATOM 442  H HA   . ASP A 1 30 ? -0.268  12.498  -2.500  1.00 99.99 ? 30 ASP A HA   1 
ATOM 443  H HB2  . ASP A 1 30 ? 2.556   12.873  -2.150  1.00 99.99 ? 30 ASP A HB2  1 
ATOM 444  H HB3  . ASP A 1 30 ? 1.516   11.667  -1.380  1.00 99.99 ? 30 ASP A HB3  1 
ATOM 445  H HD2  . ASP A 1 30 ? 4.292   10.284  -3.557  1.00 99.99 ? 30 ASP A HD2  1 
ATOM 446  N N    . ALA A 1 31 ? 1.099   14.872  -2.266  1.00 99.99 ? 31 ALA A N    1 
ATOM 447  C CA   . ALA A 1 31 ? 1.376   16.295  -2.372  1.00 99.99 ? 31 ALA A CA   1 
ATOM 448  C C    . ALA A 1 31 ? 2.792   16.495  -2.920  1.00 99.99 ? 31 ALA A C    1 
ATOM 449  O O    . ALA A 1 31 ? 3.548   17.321  -2.408  1.00 99.99 ? 31 ALA A O    1 
ATOM 450  C CB   . ALA A 1 31 ? 1.179   16.958  -1.007  1.00 99.99 ? 31 ALA A CB   1 
ATOM 451  H H    . ALA A 1 31 ? 1.051   14.521  -1.330  1.00 99.99 ? 31 ALA A H    1 
ATOM 452  H HA   . ALA A 1 31 ? 0.661   16.720  -3.077  1.00 99.99 ? 31 ALA A HA   1 
ATOM 453  H HB1  . ALA A 1 31 ? 2.045   17.579  -0.778  1.00 99.99 ? 31 ALA A HB1  1 
ATOM 454  H HB2  . ALA A 1 31 ? 0.283   17.578  -1.032  1.00 99.99 ? 31 ALA A HB2  1 
ATOM 455  H HB3  . ALA A 1 31 ? 1.068   16.190  -0.243  1.00 99.99 ? 31 ALA A HB3  1 
ATOM 456  N N    . PHE A 1 32 ? 3.109   15.724  -3.949  1.00 99.99 ? 32 PHE A N    1 
ATOM 457  C CA   . PHE A 1 32 ? 4.420   15.806  -4.569  1.00 99.99 ? 32 PHE A CA   1 
ATOM 458  C C    . PHE A 1 32 ? 4.513   14.878  -5.782  1.00 99.99 ? 32 PHE A C    1 
ATOM 459  O O    . PHE A 1 32 ? 5.579   14.340  -6.075  1.00 99.99 ? 32 PHE A O    1 
ATOM 460  C CB   . PHE A 1 32 ? 5.441   15.360  -3.520  1.00 99.99 ? 32 PHE A CB   1 
ATOM 461  C CG   . PHE A 1 32 ? 6.749   16.151  -3.548  1.00 99.99 ? 32 PHE A CG   1 
ATOM 462  C CD1  . PHE A 1 32 ? 6.787   17.420  -3.063  1.00 99.99 ? 32 PHE A CD1  1 
ATOM 463  C CD2  . PHE A 1 32 ? 7.876   15.585  -4.060  1.00 99.99 ? 32 PHE A CD2  1 
ATOM 464  C CE1  . PHE A 1 32 ? 8.003   18.156  -3.088  1.00 99.99 ? 32 PHE A CE1  1 
ATOM 465  C CE2  . PHE A 1 32 ? 9.089   16.319  -4.087  1.00 99.99 ? 32 PHE A CE2  1 
ATOM 466  C CZ   . PHE A 1 32 ? 9.128   17.589  -3.600  1.00 99.99 ? 32 PHE A CZ   1 
ATOM 467  H H    . PHE A 1 32 ? 2.489   15.054  -4.358  1.00 99.99 ? 32 PHE A H    1 
ATOM 468  H HA   . PHE A 1 32 ? 4.560   16.837  -4.893  1.00 99.99 ? 32 PHE A HA   1 
ATOM 469  H HB2  . PHE A 1 32 ? 4.991   15.477  -2.534  1.00 99.99 ? 32 PHE A HB2  1 
ATOM 470  H HB3  . PHE A 1 32 ? 5.663   14.304  -3.671  1.00 99.99 ? 32 PHE A HB3  1 
ATOM 471  H HD1  . PHE A 1 32 ? 5.885   17.874  -2.652  1.00 99.99 ? 32 PHE A HD1  1 
ATOM 472  H HD2  . PHE A 1 32 ? 7.845   14.568  -4.450  1.00 99.99 ? 32 PHE A HD2  1 
ATOM 473  H HE1  . PHE A 1 32 ? 8.032   19.173  -2.699  1.00 99.99 ? 32 PHE A HE1  1 
ATOM 474  H HE2  . PHE A 1 32 ? 9.994   15.866  -4.496  1.00 99.99 ? 32 PHE A HE2  1 
ATOM 475  H HZ   . PHE A 1 32 ? 10.061  18.153  -3.620  1.00 99.99 ? 32 PHE A HZ   1 
ATOM 476  N N    . CYS A 1 33 ? 3.380   14.716  -6.451  1.00 99.99 ? 33 CYS A N    1 
ATOM 477  C CA   . CYS A 1 33 ? 3.321   13.862  -7.624  1.00 99.99 ? 33 CYS A CA   1 
ATOM 478  C C    . CYS A 1 33 ? 4.468   14.248  -8.561  1.00 99.99 ? 33 CYS A C    1 
ATOM 479  O O    . CYS A 1 33 ? 4.798   13.507  -9.485  1.00 99.99 ? 33 CYS A O    1 
ATOM 480  C CB   . CYS A 1 33 ? 1.961   13.950  -8.321  1.00 99.99 ? 33 CYS A CB   1 
ATOM 481  S SG   . CYS A 1 33 ? 1.712   12.748  -9.677  1.00 99.99 ? 33 CYS A SG   1 
ATOM 482  H H    . CYS A 1 33 ? 2.517   15.158  -6.204  1.00 99.99 ? 33 CYS A H    1 
ATOM 483  H HA   . CYS A 1 33 ? 3.438   12.836  -7.272  1.00 99.99 ? 33 CYS A HA   1 
ATOM 484  H HB2  . CYS A 1 33 ? 1.195   13.775  -7.566  1.00 99.99 ? 33 CYS A HB2  1 
ATOM 485  H HB3  . CYS A 1 33 ? 1.839   14.958  -8.720  1.00 99.99 ? 33 CYS A HB3  1 
ATOM 486  N N    . SER A 1 34 ? 5.044   15.409  -8.288  1.00 99.99 ? 34 SER A N    1 
ATOM 487  C CA   . SER A 1 34 ? 6.147   15.905  -9.094  1.00 99.99 ? 34 SER A CA   1 
ATOM 488  C C    . SER A 1 34 ? 7.355   14.977  -8.955  1.00 99.99 ? 34 SER A C    1 
ATOM 489  O O    . SER A 1 34 ? 8.008   14.648  -9.944  1.00 99.99 ? 34 SER A O    1 
ATOM 490  C CB   . SER A 1 34 ? 6.525   17.332  -8.693  1.00 99.99 ? 34 SER A CB   1 
ATOM 491  O OG   . SER A 1 34 ? 6.815   18.146  -9.828  1.00 99.99 ? 34 SER A OG   1 
ATOM 492  H H    . SER A 1 34 ? 4.770   16.009  -7.536  1.00 99.99 ? 34 SER A H    1 
ATOM 493  H HA   . SER A 1 34 ? 5.778   15.901  -10.121 1.00 99.99 ? 34 SER A HA   1 
ATOM 494  H HB2  . SER A 1 34 ? 5.688   17.775  -8.154  1.00 99.99 ? 34 SER A HB2  1 
ATOM 495  H HB3  . SER A 1 34 ? 7.393   17.306  -8.036  1.00 99.99 ? 34 SER A HB3  1 
ATOM 496  H HG   . SER A 1 34 ? 7.431   17.660  -10.448 1.00 99.99 ? 34 SER A HG   1 
ATOM 497  N N    . SER A 1 35 ? 7.616   14.580  -7.718  1.00 99.99 ? 35 SER A N    1 
ATOM 498  C CA   . SER A 1 35 ? 8.733   13.695  -7.435  1.00 99.99 ? 35 SER A CA   1 
ATOM 499  C C    . SER A 1 35 ? 8.230   12.404  -6.789  1.00 99.99 ? 35 SER A C    1 
ATOM 500  O O    . SER A 1 35 ? 8.637   11.310  -7.178  1.00 99.99 ? 35 SER A O    1 
ATOM 501  C CB   . SER A 1 35 ? 9.760   14.378  -6.528  1.00 99.99 ? 35 SER A CB   1 
ATOM 502  O OG   . SER A 1 35 ? 11.086  13.921  -6.784  1.00 99.99 ? 35 SER A OG   1 
ATOM 503  H H    . SER A 1 35 ? 7.080   14.850  -6.919  1.00 99.99 ? 35 SER A H    1 
ATOM 504  H HA   . SER A 1 35 ? 9.189   13.487  -8.404  1.00 99.99 ? 35 SER A HA   1 
ATOM 505  H HB2  . SER A 1 35 ? 9.724   15.452  -6.708  1.00 99.99 ? 35 SER A HB2  1 
ATOM 506  H HB3  . SER A 1 35 ? 9.505   14.187  -5.486  1.00 99.99 ? 35 SER A HB3  1 
ATOM 507  H HG   . SER A 1 35 ? 11.059  13.063  -7.298  1.00 99.99 ? 35 SER A HG   1 
ATOM 508  N N    . ARG A 1 36 ? 7.349   12.572  -5.813  1.00 99.99 ? 36 ARG A N    1 
ATOM 509  C CA   . ARG A 1 36 ? 6.785   11.435  -5.109  1.00 99.99 ? 36 ARG A CA   1 
ATOM 510  C C    . ARG A 1 36 ? 5.493   10.976  -5.789  1.00 99.99 ? 36 ARG A C    1 
ATOM 511  O O    . ARG A 1 36 ? 5.527   10.164  -6.713  1.00 99.99 ? 36 ARG A O    1 
ATOM 512  C CB   . ARG A 1 36 ? 6.488   11.781  -3.649  1.00 99.99 ? 36 ARG A CB   1 
ATOM 513  C CG   . ARG A 1 36 ? 7.698   12.444  -2.986  1.00 99.99 ? 36 ARG A CG   1 
ATOM 514  C CD   . ARG A 1 36 ? 7.867   11.960  -1.546  1.00 99.99 ? 36 ARG A CD   1 
ATOM 515  N NE   . ARG A 1 36 ? 8.159   13.109  -0.658  1.00 99.99 ? 36 ARG A NE   1 
ATOM 516  C CZ   . ARG A 1 36 ? 9.404   13.506  -0.320  1.00 99.99 ? 36 ARG A CZ   1 
ATOM 517  N NH1  . ARG A 1 36 ? 10.486  12.852  -0.795  1.00 99.99 ? 36 ARG A NH1  1 
ATOM 518  N NH2  . ARG A 1 36 ? 9.549   14.546  0.479   1.00 99.99 ? 36 ARG A NH2  1 
ATOM 519  H H    . ARG A 1 36 ? 7.023   13.466  -5.503  1.00 99.99 ? 36 ARG A H    1 
ATOM 520  H HA   . ARG A 1 36 ? 7.552   10.662  -5.166  1.00 99.99 ? 36 ARG A HA   1 
ATOM 521  H HB2  . ARG A 1 36 ? 5.646   12.472  -3.617  1.00 99.99 ? 36 ARG A HB2  1 
ATOM 522  H HB3  . ARG A 1 36 ? 6.221   10.875  -3.103  1.00 99.99 ? 36 ARG A HB3  1 
ATOM 523  H HG2  . ARG A 1 36 ? 8.594   12.186  -3.551  1.00 99.99 ? 36 ARG A HG2  1 
ATOM 524  H HG3  . ARG A 1 36 ? 7.575   13.527  -2.998  1.00 99.99 ? 36 ARG A HG3  1 
ATOM 525  H HD2  . ARG A 1 36 ? 6.945   11.480  -1.218  1.00 99.99 ? 36 ARG A HD2  1 
ATOM 526  H HD3  . ARG A 1 36 ? 8.677   11.232  -1.490  1.00 99.99 ? 36 ARG A HD3  1 
ATOM 527  H HE   . ARG A 1 36 ? 7.386   13.620  -0.284  1.00 99.99 ? 36 ARG A HE   1 
ATOM 528  H HH11 . ARG A 1 36 ? 10.367  12.065  -1.401  1.00 99.99 ? 36 ARG A HH11 1 
ATOM 529  H HH12 . ARG A 1 36 ? 11.406  13.154  -0.542  1.00 99.99 ? 36 ARG A HH12 1 
ATOM 530  H HH21 . ARG A 1 36 ? 8.720   15.016  0.816   1.00 99.99 ? 36 ARG A HH21 1 
ATOM 531  H HH22 . ARG A 1 36 ? 10.434  14.904  0.778   1.00 99.99 ? 36 ARG A HH22 1 
ATOM 532  N N    . GLY A 1 37 ? 4.384   11.517  -5.308  1.00 99.99 ? 37 GLY A N    1 
ATOM 533  C CA   . GLY A 1 37 ? 3.082   11.176  -5.857  1.00 99.99 ? 37 GLY A CA   1 
ATOM 534  C C    . GLY A 1 37 ? 2.836   9.667   -5.782  1.00 99.99 ? 37 GLY A C    1 
ATOM 535  O O    . GLY A 1 37 ? 3.775   8.886   -5.628  1.00 99.99 ? 37 GLY A O    1 
ATOM 536  H H    . GLY A 1 37 ? 4.365   12.177  -4.557  1.00 99.99 ? 37 GLY A H    1 
ATOM 537  H HA2  . GLY A 1 37 ? 2.302   11.703  -5.310  1.00 99.99 ? 37 GLY A HA2  1 
ATOM 538  H HA3  . GLY A 1 37 ? 3.025   11.506  -6.895  1.00 99.99 ? 37 GLY A HA3  1 
ATOM 539  N N    . LYS A 1 38 ? 1.567   9.301   -5.894  1.00 99.99 ? 38 LYS A N    1 
ATOM 540  C CA   . LYS A 1 38 ? 1.185   7.900   -5.841  1.00 99.99 ? 38 LYS A CA   1 
ATOM 541  C C    . LYS A 1 38 ? 1.622   7.307   -4.499  1.00 99.99 ? 38 LYS A C    1 
ATOM 542  O O    . LYS A 1 38 ? 2.684   6.697   -4.402  1.00 99.99 ? 38 LYS A O    1 
ATOM 543  C CB   . LYS A 1 38 ? 1.735   7.148   -7.054  1.00 99.99 ? 38 LYS A CB   1 
ATOM 544  C CG   . LYS A 1 38 ? 2.041   8.110   -8.204  1.00 99.99 ? 38 LYS A CG   1 
ATOM 545  C CD   . LYS A 1 38 ? 2.092   7.367   -9.540  1.00 99.99 ? 38 LYS A CD   1 
ATOM 546  C CE   . LYS A 1 38 ? 0.818   7.611   -10.352 1.00 99.99 ? 38 LYS A CE   1 
ATOM 547  N NZ   . LYS A 1 38 ? 0.767   6.707   -11.522 1.00 99.99 ? 38 LYS A NZ   1 
ATOM 548  H H    . LYS A 1 38 ? 0.811   9.942   -6.019  1.00 99.99 ? 38 LYS A H    1 
ATOM 549  H HA   . LYS A 1 38 ? 0.098   7.856   -5.901  1.00 99.99 ? 38 LYS A HA   1 
ATOM 550  H HB2  . LYS A 1 38 ? 2.656   6.642   -6.765  1.00 99.99 ? 38 LYS A HB2  1 
ATOM 551  H HB3  . LYS A 1 38 ? 1.013   6.401   -7.382  1.00 99.99 ? 38 LYS A HB3  1 
ATOM 552  H HG2  . LYS A 1 38 ? 1.255   8.864   -8.249  1.00 99.99 ? 38 LYS A HG2  1 
ATOM 553  H HG3  . LYS A 1 38 ? 2.994   8.607   -8.023  1.00 99.99 ? 38 LYS A HG3  1 
ATOM 554  H HD2  . LYS A 1 38 ? 2.947   7.729   -10.111 1.00 99.99 ? 38 LYS A HD2  1 
ATOM 555  H HD3  . LYS A 1 38 ? 2.216   6.299   -9.363  1.00 99.99 ? 38 LYS A HD3  1 
ATOM 556  H HE2  . LYS A 1 38 ? -0.048  7.420   -9.718  1.00 99.99 ? 38 LYS A HE2  1 
ATOM 557  H HE3  . LYS A 1 38 ? 0.783   8.648   -10.683 1.00 99.99 ? 38 LYS A HE3  1 
ATOM 558  H HZ1  . LYS A 1 38 ? 0.867   5.735   -11.256 1.00 99.99 ? 38 LYS A HZ1  1 
ATOM 559  H HZ2  . LYS A 1 38 ? -0.110  6.787   -12.025 1.00 99.99 ? 38 LYS A HZ2  1 
ATOM 560  H HZ3  . LYS A 1 38 ? 1.523   6.950   -12.147 1.00 99.99 ? 38 LYS A HZ3  1 
ATOM 561  N N    . VAL A 1 39 ? 0.778   7.509   -3.497  1.00 99.99 ? 39 VAL A N    1 
ATOM 562  C CA   . VAL A 1 39 ? 1.064   7.003   -2.166  1.00 99.99 ? 39 VAL A CA   1 
ATOM 563  C C    . VAL A 1 39 ? 0.483   5.593   -2.026  1.00 99.99 ? 39 VAL A C    1 
ATOM 564  O O    . VAL A 1 39 ? -0.734  5.422   -1.965  1.00 99.99 ? 39 VAL A O    1 
ATOM 565  C CB   . VAL A 1 39 ? 0.532   7.976   -1.111  1.00 99.99 ? 39 VAL A CB   1 
ATOM 566  C CG1  . VAL A 1 39 ? 1.200   7.733   0.244   1.00 99.99 ? 39 VAL A CG1  1 
ATOM 567  C CG2  . VAL A 1 39 ? 0.714   9.425   -1.561  1.00 99.99 ? 39 VAL A CG2  1 
ATOM 568  H H    . VAL A 1 39 ? -0.085  8.007   -3.583  1.00 99.99 ? 39 VAL A H    1 
ATOM 569  H HA   . VAL A 1 39 ? 2.147   6.948   -2.060  1.00 99.99 ? 39 VAL A HA   1 
ATOM 570  H HB   . VAL A 1 39 ? -0.537  7.793   -0.994  1.00 99.99 ? 39 VAL A HB   1 
ATOM 571  H HG11 . VAL A 1 39 ? 0.964   6.727   0.591   1.00 99.99 ? 39 VAL A HG11 1 
ATOM 572  H HG12 . VAL A 1 39 ? 2.280   7.837   0.140   1.00 99.99 ? 39 VAL A HG12 1 
ATOM 573  H HG13 . VAL A 1 39 ? 0.832   8.462   0.967   1.00 99.99 ? 39 VAL A HG13 1 
ATOM 574  H HG21 . VAL A 1 39 ? 0.220   10.092  -0.855  1.00 99.99 ? 39 VAL A HG21 1 
ATOM 575  H HG22 . VAL A 1 39 ? 1.778   9.663   -1.599  1.00 99.99 ? 39 VAL A HG22 1 
ATOM 576  H HG23 . VAL A 1 39 ? 0.278   9.558   -2.550  1.00 99.99 ? 39 VAL A HG23 1 
ATOM 577  N N    . VAL A 1 40 ? 1.380   4.621   -1.979  1.00 99.99 ? 40 VAL A N    1 
ATOM 578  C CA   . VAL A 1 40 ? 0.973   3.232   -1.848  1.00 99.99 ? 40 VAL A CA   1 
ATOM 579  C C    . VAL A 1 40 ? 0.842   2.882   -0.363  1.00 99.99 ? 40 VAL A C    1 
ATOM 580  O O    . VAL A 1 40 ? 1.837   2.839   0.357   1.00 99.99 ? 40 VAL A O    1 
ATOM 581  C CB   . VAL A 1 40 ? 1.956   2.325   -2.591  1.00 99.99 ? 40 VAL A CB   1 
ATOM 582  C CG1  . VAL A 1 40 ? 2.094   0.973   -1.888  1.00 99.99 ? 40 VAL A CG1  1 
ATOM 583  C CG2  . VAL A 1 40 ? 1.538   2.144   -4.051  1.00 99.99 ? 40 VAL A CG2  1 
ATOM 584  H H    . VAL A 1 40 ? 2.368   4.769   -2.029  1.00 99.99 ? 40 VAL A H    1 
ATOM 585  H HA   . VAL A 1 40 ? -0.004  3.129   -2.320  1.00 99.99 ? 40 VAL A HA   1 
ATOM 586  H HB   . VAL A 1 40 ? 2.933   2.810   -2.580  1.00 99.99 ? 40 VAL A HB   1 
ATOM 587  H HG11 . VAL A 1 40 ? 1.128   0.468   -1.880  1.00 99.99 ? 40 VAL A HG11 1 
ATOM 588  H HG12 . VAL A 1 40 ? 2.821   0.360   -2.420  1.00 99.99 ? 40 VAL A HG12 1 
ATOM 589  H HG13 . VAL A 1 40 ? 2.431   1.129   -0.863  1.00 99.99 ? 40 VAL A HG13 1 
ATOM 590  H HG21 . VAL A 1 40 ? 2.048   2.884   -4.670  1.00 99.99 ? 40 VAL A HG21 1 
ATOM 591  H HG22 . VAL A 1 40 ? 1.810   1.144   -4.386  1.00 99.99 ? 40 VAL A HG22 1 
ATOM 592  H HG23 . VAL A 1 40 ? 0.460   2.276   -4.140  1.00 99.99 ? 40 VAL A HG23 1 
ATOM 593  N N    . GLU A 1 41 ? -0.396  2.641   0.047   1.00 99.99 ? 41 GLU A N    1 
ATOM 594  C CA   . GLU A 1 41 ? -0.669  2.295   1.431   1.00 99.99 ? 41 GLU A CA   1 
ATOM 595  C C    . GLU A 1 41 ? -0.736  0.777   1.597   1.00 99.99 ? 41 GLU A C    1 
ATOM 596  O O    . GLU A 1 41 ? -1.707  0.250   2.136   1.00 99.99 ? 41 GLU A O    1 
ATOM 597  C CB   . GLU A 1 41 ? -1.961  2.957   1.915   1.00 99.99 ? 41 GLU A CB   1 
ATOM 598  C CG   . GLU A 1 41 ? -2.190  2.688   3.405   1.00 99.99 ? 41 GLU A CG   1 
ATOM 599  C CD   . GLU A 1 41 ? -3.646  2.959   3.793   1.00 99.99 ? 41 GLU A CD   1 
ATOM 600  O OE1  . GLU A 1 41 ? -4.416  3.488   2.979   1.00 99.99 ? 41 GLU A OE1  1 
ATOM 601  O OE2  . GLU A 1 41 ? -3.966  2.597   4.988   1.00 99.99 ? 41 GLU A OE2  1 
ATOM 602  H H    . GLU A 1 41 ? -1.200  2.679   -0.547  1.00 99.99 ? 41 GLU A H    1 
ATOM 603  H HA   . GLU A 1 41 ? 0.171   2.694   2.001   1.00 99.99 ? 41 GLU A HA   1 
ATOM 604  H HB2  . GLU A 1 41 ? -1.884  4.033   1.761   1.00 99.99 ? 41 GLU A HB2  1 
ATOM 605  H HB3  . GLU A 1 41 ? -2.806  2.580   1.340   1.00 99.99 ? 41 GLU A HB3  1 
ATOM 606  H HG2  . GLU A 1 41 ? -1.957  1.644   3.615   1.00 99.99 ? 41 GLU A HG2  1 
ATOM 607  H HG3  . GLU A 1 41 ? -1.529  3.319   3.998   1.00 99.99 ? 41 GLU A HG3  1 
ATOM 608  H HE2  . GLU A 1 41 ? -4.677  3.202   5.350   1.00 99.99 ? 41 GLU A HE2  1 
ATOM 609  N N    . LEU A 1 42 ? 0.310   0.115   1.125   1.00 99.99 ? 42 LEU A N    1 
ATOM 610  C CA   . LEU A 1 42 ? 0.383   -1.334  1.211   1.00 99.99 ? 42 LEU A CA   1 
ATOM 611  C C    . LEU A 1 42 ? -0.445  -1.809  2.408   1.00 99.99 ? 42 LEU A C    1 
ATOM 612  O O    . LEU A 1 42 ? -0.449  -1.169  3.458   1.00 99.99 ? 42 LEU A O    1 
ATOM 613  C CB   . LEU A 1 42 ? 1.841   -1.796  1.252   1.00 99.99 ? 42 LEU A CB   1 
ATOM 614  C CG   . LEU A 1 42 ? 2.293   -2.694  0.099   1.00 99.99 ? 42 LEU A CG   1 
ATOM 615  C CD1  . LEU A 1 42 ? 1.594   -2.303  -1.205  1.00 99.99 ? 42 LEU A CD1  1 
ATOM 616  C CD2  . LEU A 1 42 ? 3.816   -2.682  -0.041  1.00 99.99 ? 42 LEU A CD2  1 
ATOM 617  H H    . LEU A 1 42 ? 1.098   0.551   0.688   1.00 99.99 ? 42 LEU A H    1 
ATOM 618  H HA   . LEU A 1 42 ? -0.058  -1.739  0.303   1.00 99.99 ? 42 LEU A HA   1 
ATOM 619  H HB2  . LEU A 1 42 ? 2.468   -0.904  1.239   1.00 99.99 ? 42 LEU A HB2  1 
ATOM 620  H HB3  . LEU A 1 42 ? 2.008   -2.328  2.189   1.00 99.99 ? 42 LEU A HB3  1 
ATOM 621  H HG   . LEU A 1 42 ? 1.998   -3.717  0.328   1.00 99.99 ? 42 LEU A HG   1 
ATOM 622  H HD11 . LEU A 1 42 ? 1.533   -1.217  -1.274  1.00 99.99 ? 42 LEU A HD11 1 
ATOM 623  H HD12 . LEU A 1 42 ? 2.161   -2.690  -2.052  1.00 99.99 ? 42 LEU A HD12 1 
ATOM 624  H HD13 . LEU A 1 42 ? 0.589   -2.724  -1.219  1.00 99.99 ? 42 LEU A HD13 1 
ATOM 625  H HD21 . LEU A 1 42 ? 4.272   -2.834  0.938   1.00 99.99 ? 42 LEU A HD21 1 
ATOM 626  H HD22 . LEU A 1 42 ? 4.125   -3.482  -0.714  1.00 99.99 ? 42 LEU A HD22 1 
ATOM 627  H HD23 . LEU A 1 42 ? 4.136   -1.723  -0.446  1.00 99.99 ? 42 LEU A HD23 1 
ATOM 628  N N    . GLY A 1 43 ? -1.127  -2.928  2.207   1.00 99.99 ? 43 GLY A N    1 
ATOM 629  C CA   . GLY A 1 43 ? -1.957  -3.496  3.256   1.00 99.99 ? 43 GLY A CA   1 
ATOM 630  C C    . GLY A 1 43 ? -2.671  -4.756  2.765   1.00 99.99 ? 43 GLY A C    1 
ATOM 631  O O    . GLY A 1 43 ? -2.269  -5.354  1.768   1.00 99.99 ? 43 GLY A O    1 
ATOM 632  H H    . GLY A 1 43 ? -1.118  -3.442  1.349   1.00 99.99 ? 43 GLY A H    1 
ATOM 633  H HA2  . GLY A 1 43 ? -1.341  -3.737  4.122   1.00 99.99 ? 43 GLY A HA2  1 
ATOM 634  H HA3  . GLY A 1 43 ? -2.693  -2.760  3.580   1.00 99.99 ? 43 GLY A HA3  1 
ATOM 635  N N    . CYS A 1 44 ? -3.719  -5.125  3.489   1.00 99.99 ? 44 CYS A N    1 
ATOM 636  C CA   . CYS A 1 44 ? -4.493  -6.305  3.140   1.00 99.99 ? 44 CYS A CA   1 
ATOM 637  C C    . CYS A 1 44 ? -5.973  -5.922  3.133   1.00 99.99 ? 44 CYS A C    1 
ATOM 638  O O    . CYS A 1 44 ? -6.340  -4.835  3.576   1.00 99.99 ? 44 CYS A O    1 
ATOM 639  C CB   . CYS A 1 44 ? -4.207  -7.469  4.091   1.00 99.99 ? 44 CYS A CB   1 
ATOM 640  S SG   . CYS A 1 44 ? -4.938  -7.295  5.759   1.00 99.99 ? 44 CYS A SG   1 
ATOM 641  H H    . CYS A 1 44 ? -4.038  -4.634  4.298   1.00 99.99 ? 44 CYS A H    1 
ATOM 642  H HA   . CYS A 1 44 ? -4.166  -6.609  2.145   1.00 99.99 ? 44 CYS A HA   1 
ATOM 643  H HB2  . CYS A 1 44 ? -4.614  -8.372  3.636   1.00 99.99 ? 44 CYS A HB2  1 
ATOM 644  H HB3  . CYS A 1 44 ? -3.128  -7.582  4.191   1.00 99.99 ? 44 CYS A HB3  1 
ATOM 645  N N    . ALA A 1 45 ? -6.785  -6.838  2.625   1.00 99.99 ? 45 ALA A N    1 
ATOM 646  C CA   . ALA A 1 45 ? -8.219  -6.611  2.554   1.00 99.99 ? 45 ALA A CA   1 
ATOM 647  C C    . ALA A 1 45 ? -8.913  -7.894  2.095   1.00 99.99 ? 45 ALA A C    1 
ATOM 648  O O    . ALA A 1 45 ? -8.255  -8.836  1.655   1.00 99.99 ? 45 ALA A O    1 
ATOM 649  C CB   . ALA A 1 45 ? -8.504  -5.428  1.626   1.00 99.99 ? 45 ALA A CB   1 
ATOM 650  H H    . ALA A 1 45 ? -6.479  -7.720  2.267   1.00 99.99 ? 45 ALA A H    1 
ATOM 651  H HA   . ALA A 1 45 ? -8.564  -6.359  3.558   1.00 99.99 ? 45 ALA A HA   1 
ATOM 652  H HB1  . ALA A 1 45 ? -9.521  -5.074  1.789   1.00 99.99 ? 45 ALA A HB1  1 
ATOM 653  H HB2  . ALA A 1 45 ? -7.799  -4.623  1.835   1.00 99.99 ? 45 ALA A HB2  1 
ATOM 654  H HB3  . ALA A 1 45 ? -8.393  -5.746  0.589   1.00 99.99 ? 45 ALA A HB3  1 
ATOM 655  N N    . ALA A 1 46 ? -10.232 -7.890  2.212   1.00 99.99 ? 46 ALA A N    1 
ATOM 656  C CA   . ALA A 1 46 ? -11.022 -9.042  1.813   1.00 99.99 ? 46 ALA A CA   1 
ATOM 657  C C    . ALA A 1 46 ? -11.541 -8.832  0.389   1.00 99.99 ? 46 ALA A C    1 
ATOM 658  O O    . ALA A 1 46 ? -12.099 -9.748  -0.215  1.00 99.99 ? 46 ALA A O    1 
ATOM 659  C CB   . ALA A 1 46 ? -12.154 -9.258  2.819   1.00 99.99 ? 46 ALA A CB   1 
ATOM 660  H H    . ALA A 1 46 ? -10.760 -7.119  2.569   1.00 99.99 ? 46 ALA A H    1 
ATOM 661  H HA   . ALA A 1 46 ? -10.369 -9.914  1.827   1.00 99.99 ? 46 ALA A HA   1 
ATOM 662  H HB1  . ALA A 1 46 ? -13.112 -9.236  2.300   1.00 99.99 ? 46 ALA A HB1  1 
ATOM 663  H HB2  . ALA A 1 46 ? -12.028 -10.226 3.306   1.00 99.99 ? 46 ALA A HB2  1 
ATOM 664  H HB3  . ALA A 1 46 ? -12.129 -8.469  3.570   1.00 99.99 ? 46 ALA A HB3  1 
ATOM 665  N N    . THR A 1 47 ? -11.340 -7.621  -0.107  1.00 99.99 ? 47 THR A N    1 
ATOM 666  C CA   . THR A 1 47 ? -11.779 -7.278  -1.449  1.00 99.99 ? 47 THR A CA   1 
ATOM 667  C C    . THR A 1 47 ? -11.440 -5.820  -1.767  1.00 99.99 ? 47 THR A C    1 
ATOM 668  O O    . THR A 1 47 ? -10.651 -5.195  -1.061  1.00 99.99 ? 47 THR A O    1 
ATOM 669  C CB   . THR A 1 47 ? -13.274 -7.590  -1.550  1.00 99.99 ? 47 THR A CB   1 
ATOM 670  O OG1  . THR A 1 47 ? -13.711 -7.632  -0.194  1.00 99.99 ? 47 THR A OG1  1 
ATOM 671  C CG2  . THR A 1 47 ? -13.543 -9.002  -2.075  1.00 99.99 ? 47 THR A CG2  1 
ATOM 672  H H    . THR A 1 47 ? -10.884 -6.881  0.390   1.00 99.99 ? 47 THR A H    1 
ATOM 673  H HA   . THR A 1 47 ? -11.230 -7.896  -2.160  1.00 99.99 ? 47 THR A HA   1 
ATOM 674  H HB   . THR A 1 47 ? -13.786 -6.845  -2.157  1.00 99.99 ? 47 THR A HB   1 
ATOM 675  H HG1  . THR A 1 47 ? -13.614 -6.729  0.226   1.00 99.99 ? 47 THR A HG1  1 
ATOM 676  H HG21 . THR A 1 47 ? -12.606 -9.453  -2.399  1.00 99.99 ? 47 THR A HG21 1 
ATOM 677  H HG22 . THR A 1 47 ? -13.982 -9.607  -1.280  1.00 99.99 ? 47 THR A HG22 1 
ATOM 678  H HG23 . THR A 1 47 ? -14.234 -8.951  -2.916  1.00 99.99 ? 47 THR A HG23 1 
ATOM 679  N N    . CYS A 1 48 ? -12.055 -5.320  -2.828  1.00 99.99 ? 48 CYS A N    1 
ATOM 680  C CA   . CYS A 1 48 ? -11.826 -3.949  -3.248  1.00 99.99 ? 48 CYS A CA   1 
ATOM 681  C C    . CYS A 1 48 ? -13.180 -3.239  -3.325  1.00 99.99 ? 48 CYS A C    1 
ATOM 682  O O    . CYS A 1 48 ? -14.007 -3.562  -4.177  1.00 99.99 ? 48 CYS A O    1 
ATOM 683  C CB   . CYS A 1 48 ? -11.072 -3.880  -4.576  1.00 99.99 ? 48 CYS A CB   1 
ATOM 684  S SG   . CYS A 1 48 ? -10.722 -5.503  -5.346  1.00 99.99 ? 48 CYS A SG   1 
ATOM 685  H H    . CYS A 1 48 ? -12.695 -5.836  -3.398  1.00 99.99 ? 48 CYS A H    1 
ATOM 686  H HA   . CYS A 1 48 ? -11.192 -3.491  -2.490  1.00 99.99 ? 48 CYS A HA   1 
ATOM 687  H HB2  . CYS A 1 48 ? -11.680 -3.300  -5.270  1.00 99.99 ? 48 CYS A HB2  1 
ATOM 688  H HB3  . CYS A 1 48 ? -10.126 -3.360  -4.414  1.00 99.99 ? 48 CYS A HB3  1 
ATOM 689  N N    . PRO A 1 49 ? -13.370 -2.260  -2.399  1.00 99.99 ? 49 PRO A N    1 
ATOM 690  C CA   . PRO A 1 49 ? -14.610 -1.502  -2.354  1.00 99.99 ? 49 PRO A CA   1 
ATOM 691  C C    . PRO A 1 49 ? -14.670 -0.485  -3.494  1.00 99.99 ? 49 PRO A C    1 
ATOM 692  O O    . PRO A 1 49 ? -13.982 -0.633  -4.502  1.00 99.99 ? 49 PRO A O    1 
ATOM 693  C CB   . PRO A 1 49 ? -14.625 -0.856  -0.978  1.00 99.99 ? 49 PRO A CB   1 
ATOM 694  C CG   . PRO A 1 49 ? -13.188 -0.895  -0.484  1.00 99.99 ? 49 PRO A CG   1 
ATOM 695  C CD   . PRO A 1 49 ? -12.414 -1.851  -1.375  1.00 99.99 ? 49 PRO A CD   1 
ATOM 696  H HA   . PRO A 1 49 ? -15.392 -2.111  -2.488  1.00 99.99 ? 49 PRO A HA   1 
ATOM 697  H HB2  . PRO A 1 49 ? -14.981 0.172   -1.043  1.00 99.99 ? 49 PRO A HB2  1 
ATOM 698  H HB3  . PRO A 1 49 ? -15.287 -1.396  -0.303  1.00 99.99 ? 49 PRO A HB3  1 
ATOM 699  H HG2  . PRO A 1 49 ? -12.762 0.101   -0.598  1.00 99.99 ? 49 PRO A HG2  1 
ATOM 700  H HG3  . PRO A 1 49 ? -13.152 -1.227  0.554   1.00 99.99 ? 49 PRO A HG3  1 
ATOM 701  H HD2  . PRO A 1 49 ? -11.561 -1.342  -1.824  1.00 99.99 ? 49 PRO A HD2  1 
ATOM 702  H HD3  . PRO A 1 49 ? -12.046 -2.710  -0.812  1.00 99.99 ? 49 PRO A HD3  1 
ATOM 703  N N    . SER A 1 50 ? -15.503 0.528   -3.296  1.00 99.99 ? 50 SER A N    1 
ATOM 704  C CA   . SER A 1 50 ? -15.663 1.571   -4.295  1.00 99.99 ? 50 SER A CA   1 
ATOM 705  C C    . SER A 1 50 ? -14.314 2.229   -4.586  1.00 99.99 ? 50 SER A C    1 
ATOM 706  O O    . SER A 1 50 ? -13.733 2.020   -5.651  1.00 99.99 ? 50 SER A O    1 
ATOM 707  C CB   . SER A 1 50 ? -16.679 2.619   -3.837  1.00 99.99 ? 50 SER A CB   1 
ATOM 708  O OG   . SER A 1 50 ? -17.596 2.962   -4.873  1.00 99.99 ? 50 SER A OG   1 
ATOM 709  H H    . SER A 1 50 ? -16.060 0.641   -2.474  1.00 99.99 ? 50 SER A H    1 
ATOM 710  H HA   . SER A 1 50 ? -16.041 1.063   -5.184  1.00 99.99 ? 50 SER A HA   1 
ATOM 711  H HB2  . SER A 1 50 ? -17.241 2.215   -2.996  1.00 99.99 ? 50 SER A HB2  1 
ATOM 712  H HB3  . SER A 1 50 ? -16.151 3.516   -3.511  1.00 99.99 ? 50 SER A HB3  1 
ATOM 713  H HG   . SER A 1 50 ? -17.215 2.714   -5.763  1.00 99.99 ? 50 SER A HG   1 
ATOM 714  N N    . LYS A 1 51 ? -13.854 3.012   -3.621  1.00 99.99 ? 51 LYS A N    1 
ATOM 715  C CA   . LYS A 1 51 ? -12.582 3.702   -3.759  1.00 99.99 ? 51 LYS A CA   1 
ATOM 716  C C    . LYS A 1 51 ? -12.838 5.154   -4.170  1.00 99.99 ? 51 LYS A C    1 
ATOM 717  O O    . LYS A 1 51 ? -13.940 5.498   -4.593  1.00 99.99 ? 51 LYS A O    1 
ATOM 718  C CB   . LYS A 1 51 ? -11.664 2.944   -4.722  1.00 99.99 ? 51 LYS A CB   1 
ATOM 719  C CG   . LYS A 1 51 ? -11.426 1.512   -4.239  1.00 99.99 ? 51 LYS A CG   1 
ATOM 720  C CD   . LYS A 1 51 ? -10.092 0.972   -4.760  1.00 99.99 ? 51 LYS A CD   1 
ATOM 721  C CE   . LYS A 1 51 ? -10.305 0.056   -5.965  1.00 99.99 ? 51 LYS A CE   1 
ATOM 722  N NZ   . LYS A 1 51 ? -10.616 -1.321  -5.522  1.00 99.99 ? 51 LYS A NZ   1 
ATOM 723  H H    . LYS A 1 51 ? -14.332 3.176   -2.759  1.00 99.99 ? 51 LYS A H    1 
ATOM 724  H HA   . LYS A 1 51 ? -12.100 3.699   -2.783  1.00 99.99 ? 51 LYS A HA   1 
ATOM 725  H HB2  . LYS A 1 51 ? -12.134 2.911   -5.703  1.00 99.99 ? 51 LYS A HB2  1 
ATOM 726  H HB3  . LYS A 1 51 ? -10.711 3.468   -4.806  1.00 99.99 ? 51 LYS A HB3  1 
ATOM 727  H HG2  . LYS A 1 51 ? -11.407 1.507   -3.149  1.00 99.99 ? 51 LYS A HG2  1 
ATOM 728  H HG3  . LYS A 1 51 ? -12.239 0.871   -4.578  1.00 99.99 ? 51 LYS A HG3  1 
ATOM 729  H HD2  . LYS A 1 51 ? -9.467  1.812   -5.062  1.00 99.99 ? 51 LYS A HD2  1 
ATOM 730  H HD3  . LYS A 1 51 ? -9.584  0.425   -3.966  1.00 99.99 ? 51 LYS A HD3  1 
ATOM 731  H HE2  . LYS A 1 51 ? -11.138 0.436   -6.557  1.00 99.99 ? 51 LYS A HE2  1 
ATOM 732  H HE3  . LYS A 1 51 ? -9.410  0.050   -6.588  1.00 99.99 ? 51 LYS A HE3  1 
ATOM 733  H HZ1  . LYS A 1 51 ? -9.877  -1.973  -5.762  1.00 99.99 ? 51 LYS A HZ1  1 
ATOM 734  H HZ2  . LYS A 1 51 ? -10.741 -1.377  -4.516  1.00 99.99 ? 51 LYS A HZ2  1 
ATOM 735  H HZ3  . LYS A 1 51 ? -11.469 -1.619  -5.973  1.00 99.99 ? 51 LYS A HZ3  1 
ATOM 736  N N    . LYS A 1 52 ? -11.801 5.966   -4.030  1.00 99.99 ? 52 LYS A N    1 
ATOM 737  C CA   . LYS A 1 52 ? -11.899 7.373   -4.379  1.00 99.99 ? 52 LYS A CA   1 
ATOM 738  C C    . LYS A 1 52 ? -11.387 7.577   -5.807  1.00 99.99 ? 52 LYS A C    1 
ATOM 739  O O    . LYS A 1 52 ? -10.816 6.664   -6.401  1.00 99.99 ? 52 LYS A O    1 
ATOM 740  C CB   . LYS A 1 52 ? -11.180 8.235   -3.339  1.00 99.99 ? 52 LYS A CB   1 
ATOM 741  C CG   . LYS A 1 52 ? -12.177 8.849   -2.352  1.00 99.99 ? 52 LYS A CG   1 
ATOM 742  C CD   . LYS A 1 52 ? -11.562 8.972   -0.959  1.00 99.99 ? 52 LYS A CD   1 
ATOM 743  C CE   . LYS A 1 52 ? -11.741 7.676   -0.162  1.00 99.99 ? 52 LYS A CE   1 
ATOM 744  N NZ   . LYS A 1 52 ? -12.112 7.975   1.238   1.00 99.99 ? 52 LYS A NZ   1 
ATOM 745  H H    . LYS A 1 52 ? -10.907 5.678   -3.685  1.00 99.99 ? 52 LYS A H    1 
ATOM 746  H HA   . LYS A 1 52 ? -12.954 7.643   -4.349  1.00 99.99 ? 52 LYS A HA   1 
ATOM 747  H HB2  . LYS A 1 52 ? -10.479 7.609   -2.787  1.00 99.99 ? 52 LYS A HB2  1 
ATOM 748  H HB3  . LYS A 1 52 ? -10.625 9.028   -3.840  1.00 99.99 ? 52 LYS A HB3  1 
ATOM 749  H HG2  . LYS A 1 52 ? -12.454 9.842   -2.704  1.00 99.99 ? 52 LYS A HG2  1 
ATOM 750  H HG3  . LYS A 1 52 ? -13.073 8.231   -2.306  1.00 99.99 ? 52 LYS A HG3  1 
ATOM 751  H HD2  . LYS A 1 52 ? -10.496 9.176   -1.061  1.00 99.99 ? 52 LYS A HD2  1 
ATOM 752  H HD3  . LYS A 1 52 ? -12.028 9.799   -0.422  1.00 99.99 ? 52 LYS A HD3  1 
ATOM 753  H HE2  . LYS A 1 52 ? -12.531 7.084   -0.621  1.00 99.99 ? 52 LYS A HE2  1 
ATOM 754  H HE3  . LYS A 1 52 ? -10.816 7.099   -0.184  1.00 99.99 ? 52 LYS A HE3  1 
ATOM 755  H HZ1  . LYS A 1 52 ? -11.534 8.709   1.637   1.00 99.99 ? 52 LYS A HZ1  1 
ATOM 756  H HZ2  . LYS A 1 52 ? -13.074 8.284   1.320   1.00 99.99 ? 52 LYS A HZ2  1 
ATOM 757  H HZ3  . LYS A 1 52 ? -11.994 7.137   1.788   1.00 99.99 ? 52 LYS A HZ3  1 
ATOM 758  N N    . PRO A 1 53 ? -11.615 8.811   -6.329  1.00 99.99 ? 53 PRO A N    1 
ATOM 759  C CA   . PRO A 1 53 ? -11.185 9.145   -7.675  1.00 99.99 ? 53 PRO A CA   1 
ATOM 760  C C    . PRO A 1 53 ? -9.671  9.367   -7.727  1.00 99.99 ? 53 PRO A C    1 
ATOM 761  O O    . PRO A 1 53 ? -9.031  9.068   -8.733  1.00 99.99 ? 53 PRO A O    1 
ATOM 762  C CB   . PRO A 1 53 ? -11.979 10.387  -8.047  1.00 99.99 ? 53 PRO A CB   1 
ATOM 763  C CG   . PRO A 1 53 ? -12.477 10.970  -6.734  1.00 99.99 ? 53 PRO A CG   1 
ATOM 764  C CD   . PRO A 1 53 ? -12.290 9.916   -5.655  1.00 99.99 ? 53 PRO A CD   1 
ATOM 765  H HA   . PRO A 1 53 ? -11.370 8.385   -8.299  1.00 99.99 ? 53 PRO A HA   1 
ATOM 766  H HB2  . PRO A 1 53 ? -11.345 11.104  -8.569  1.00 99.99 ? 53 PRO A HB2  1 
ATOM 767  H HB3  . PRO A 1 53 ? -12.812 10.136  -8.703  1.00 99.99 ? 53 PRO A HB3  1 
ATOM 768  H HG2  . PRO A 1 53 ? -11.855 11.829  -6.485  1.00 99.99 ? 53 PRO A HG2  1 
ATOM 769  H HG3  . PRO A 1 53 ? -13.527 11.250  -6.815  1.00 99.99 ? 53 PRO A HG3  1 
ATOM 770  H HD2  . PRO A 1 53 ? -11.675 10.310  -4.846  1.00 99.99 ? 53 PRO A HD2  1 
ATOM 771  H HD3  . PRO A 1 53 ? -13.246 9.602   -5.238  1.00 99.99 ? 53 PRO A HD3  1 
ATOM 772  N N    . TYR A 1 54 ? -9.144  9.888   -6.629  1.00 99.99 ? 54 TYR A N    1 
ATOM 773  C CA   . TYR A 1 54 ? -7.718  10.152  -6.536  1.00 99.99 ? 54 TYR A CA   1 
ATOM 774  C C    . TYR A 1 54 ? -7.025  9.117   -5.649  1.00 99.99 ? 54 TYR A C    1 
ATOM 775  O O    . TYR A 1 54 ? -5.931  8.655   -5.967  1.00 99.99 ? 54 TYR A O    1 
ATOM 776  C CB   . TYR A 1 54 ? -7.586  11.531  -5.887  1.00 99.99 ? 54 TYR A CB   1 
ATOM 777  C CG   . TYR A 1 54 ? -6.247  12.221  -6.155  1.00 99.99 ? 54 TYR A CG   1 
ATOM 778  C CD1  . TYR A 1 54 ? -5.633  12.082  -7.383  1.00 99.99 ? 54 TYR A CD1  1 
ATOM 779  C CD2  . TYR A 1 54 ? -5.652  12.982  -5.169  1.00 99.99 ? 54 TYR A CD2  1 
ATOM 780  C CE1  . TYR A 1 54 ? -4.372  12.729  -7.635  1.00 99.99 ? 54 TYR A CE1  1 
ATOM 781  C CE2  . TYR A 1 54 ? -4.391  13.629  -5.420  1.00 99.99 ? 54 TYR A CE2  1 
ATOM 782  C CZ   . TYR A 1 54 ? -3.814  13.472  -6.642  1.00 99.99 ? 54 TYR A CZ   1 
ATOM 783  O OH   . TYR A 1 54 ? -2.623  14.083  -6.879  1.00 99.99 ? 54 TYR A OH   1 
ATOM 784  H H    . TYR A 1 54 ? -9.671  10.128  -5.815  1.00 99.99 ? 54 TYR A H    1 
ATOM 785  H HA   . TYR A 1 54 ? -7.299  10.099  -7.541  1.00 99.99 ? 54 TYR A HA   1 
ATOM 786  H HB2  . TYR A 1 54 ? -8.382  12.170  -6.272  1.00 99.99 ? 54 TYR A HB2  1 
ATOM 787  H HB3  . TYR A 1 54 ? -7.721  11.431  -4.811  1.00 99.99 ? 54 TYR A HB3  1 
ATOM 788  H HD1  . TYR A 1 54 ? -6.103  11.481  -8.163  1.00 99.99 ? 54 TYR A HD1  1 
ATOM 789  H HD2  . TYR A 1 54 ? -6.137  13.091  -4.199  1.00 99.99 ? 54 TYR A HD2  1 
ATOM 790  H HE1  . TYR A 1 54 ? -3.876  12.629  -8.601  1.00 99.99 ? 54 TYR A HE1  1 
ATOM 791  H HE2  . TYR A 1 54 ? -3.911  14.233  -4.651  1.00 99.99 ? 54 TYR A HE2  1 
ATOM 792  H HH   . TYR A 1 54 ? -2.535  14.295  -7.854  1.00 99.99 ? 54 TYR A HH   1 
ATOM 793  N N    . GLU A 1 55 ? -7.689  8.784   -4.551  1.00 99.99 ? 55 GLU A N    1 
ATOM 794  C CA   . GLU A 1 55 ? -7.151  7.812   -3.617  1.00 99.99 ? 55 GLU A CA   1 
ATOM 795  C C    . GLU A 1 55 ? -7.834  6.455   -3.809  1.00 99.99 ? 55 GLU A C    1 
ATOM 796  O O    . GLU A 1 55 ? -8.942  6.241   -3.320  1.00 99.99 ? 55 GLU A O    1 
ATOM 797  C CB   . GLU A 1 55 ? -7.297  8.300   -2.174  1.00 99.99 ? 55 GLU A CB   1 
ATOM 798  C CG   . GLU A 1 55 ? -5.958  8.793   -1.624  1.00 99.99 ? 55 GLU A CG   1 
ATOM 799  C CD   . GLU A 1 55 ? -4.990  7.628   -1.407  1.00 99.99 ? 55 GLU A CD   1 
ATOM 800  O OE1  . GLU A 1 55 ? -4.626  7.331   -0.260  1.00 99.99 ? 55 GLU A OE1  1 
ATOM 801  O OE2  . GLU A 1 55 ? -4.615  7.022   -2.482  1.00 99.99 ? 55 GLU A OE2  1 
ATOM 802  H H    . GLU A 1 55 ? -8.578  9.165   -4.300  1.00 99.99 ? 55 GLU A H    1 
ATOM 803  H HA   . GLU A 1 55 ? -6.092  7.729   -3.861  1.00 99.99 ? 55 GLU A HA   1 
ATOM 804  H HB2  . GLU A 1 55 ? -8.012  9.122   -2.151  1.00 99.99 ? 55 GLU A HB2  1 
ATOM 805  H HB3  . GLU A 1 55 ? -7.674  7.490   -1.549  1.00 99.99 ? 55 GLU A HB3  1 
ATOM 806  H HG2  . GLU A 1 55 ? -5.518  9.489   -2.339  1.00 99.99 ? 55 GLU A HG2  1 
ATOM 807  H HG3  . GLU A 1 55 ? -6.118  9.318   -0.684  1.00 99.99 ? 55 GLU A HG3  1 
ATOM 808  H HE2  . GLU A 1 55 ? -5.280  6.315   -2.725  1.00 99.99 ? 55 GLU A HE2  1 
ATOM 809  N N    . GLU A 1 56 ? -7.144  5.576   -4.520  1.00 99.99 ? 56 GLU A N    1 
ATOM 810  C CA   . GLU A 1 56 ? -7.671  4.248   -4.783  1.00 99.99 ? 56 GLU A CA   1 
ATOM 811  C C    . GLU A 1 56 ? -6.742  3.184   -4.194  1.00 99.99 ? 56 GLU A C    1 
ATOM 812  O O    . GLU A 1 56 ? -5.528  3.373   -4.141  1.00 99.99 ? 56 GLU A O    1 
ATOM 813  C CB   . GLU A 1 56 ? -7.878  4.026   -6.282  1.00 99.99 ? 56 GLU A CB   1 
ATOM 814  C CG   . GLU A 1 56 ? -9.342  4.233   -6.670  1.00 99.99 ? 56 GLU A CG   1 
ATOM 815  C CD   . GLU A 1 56 ? -9.458  4.920   -8.032  1.00 99.99 ? 56 GLU A CD   1 
ATOM 816  O OE1  . GLU A 1 56 ? -8.711  5.869   -8.313  1.00 99.99 ? 56 GLU A OE1  1 
ATOM 817  O OE2  . GLU A 1 56 ? -10.362 4.433   -8.813  1.00 99.99 ? 56 GLU A OE2  1 
ATOM 818  H H    . GLU A 1 56 ? -6.244  5.760   -4.914  1.00 99.99 ? 56 GLU A H    1 
ATOM 819  H HA   . GLU A 1 56 ? -8.637  4.215   -4.279  1.00 99.99 ? 56 GLU A HA   1 
ATOM 820  H HB2  . GLU A 1 56 ? -7.265  4.741   -6.831  1.00 99.99 ? 56 GLU A HB2  1 
ATOM 821  H HB3  . GLU A 1 56 ? -7.565  3.017   -6.552  1.00 99.99 ? 56 GLU A HB3  1 
ATOM 822  H HG2  . GLU A 1 56 ? -9.835  3.263   -6.721  1.00 99.99 ? 56 GLU A HG2  1 
ATOM 823  H HG3  . GLU A 1 56 ? -9.842  4.836   -5.911  1.00 99.99 ? 56 GLU A HG3  1 
ATOM 824  H HE2  . GLU A 1 56 ? -9.981  4.284   -9.725  1.00 99.99 ? 56 GLU A HE2  1 
ATOM 825  N N    . VAL A 1 57 ? -7.349  2.086   -3.766  1.00 99.99 ? 57 VAL A N    1 
ATOM 826  C CA   . VAL A 1 57 ? -6.591  0.991   -3.184  1.00 99.99 ? 57 VAL A CA   1 
ATOM 827  C C    . VAL A 1 57 ? -6.743  -0.252  -4.061  1.00 99.99 ? 57 VAL A C    1 
ATOM 828  O O    . VAL A 1 57 ? -7.857  -0.641  -4.406  1.00 99.99 ? 57 VAL A O    1 
ATOM 829  C CB   . VAL A 1 57 ? -7.035  0.759   -1.737  1.00 99.99 ? 57 VAL A CB   1 
ATOM 830  C CG1  . VAL A 1 57 ? -6.121  1.496   -0.758  1.00 99.99 ? 57 VAL A CG1  1 
ATOM 831  C CG2  . VAL A 1 57 ? -8.495  1.171   -1.539  1.00 99.99 ? 57 VAL A CG2  1 
ATOM 832  H H    . VAL A 1 57 ? -8.337  1.940   -3.813  1.00 99.99 ? 57 VAL A H    1 
ATOM 833  H HA   . VAL A 1 57 ? -5.542  1.287   -3.171  1.00 99.99 ? 57 VAL A HA   1 
ATOM 834  H HB   . VAL A 1 57 ? -6.958  -0.308  -1.530  1.00 99.99 ? 57 VAL A HB   1 
ATOM 835  H HG11 . VAL A 1 57 ? -6.499  1.372   0.256   1.00 99.99 ? 57 VAL A HG11 1 
ATOM 836  H HG12 . VAL A 1 57 ? -5.112  1.084   -0.822  1.00 99.99 ? 57 VAL A HG12 1 
ATOM 837  H HG13 . VAL A 1 57 ? -6.097  2.557   -1.011  1.00 99.99 ? 57 VAL A HG13 1 
ATOM 838  H HG21 . VAL A 1 57 ? -9.144  0.484   -2.083  1.00 99.99 ? 57 VAL A HG21 1 
ATOM 839  H HG22 . VAL A 1 57 ? -8.742  1.140   -0.478  1.00 99.99 ? 57 VAL A HG22 1 
ATOM 840  H HG23 . VAL A 1 57 ? -8.641  2.183   -1.916  1.00 99.99 ? 57 VAL A HG23 1 
ATOM 841  N N    . THR A 1 58 ? -5.605  -0.841  -4.399  1.00 99.99 ? 58 THR A N    1 
ATOM 842  C CA   . THR A 1 58 ? -5.596  -2.033  -5.230  1.00 99.99 ? 58 THR A CA   1 
ATOM 843  C C    . THR A 1 58 ? -6.261  -3.200  -4.499  1.00 99.99 ? 58 THR A C    1 
ATOM 844  O O    . THR A 1 58 ? -6.844  -3.016  -3.430  1.00 99.99 ? 58 THR A O    1 
ATOM 845  C CB   . THR A 1 58 ? -4.149  -2.316  -5.637  1.00 99.99 ? 58 THR A CB   1 
ATOM 846  O OG1  . THR A 1 58 ? -3.626  -1.034  -5.976  1.00 99.99 ? 58 THR A OG1  1 
ATOM 847  C CG2  . THR A 1 58 ? -4.051  -3.113  -6.938  1.00 99.99 ? 58 THR A CG2  1 
ATOM 848  H H    . THR A 1 58 ? -4.702  -0.517  -4.114  1.00 99.99 ? 58 THR A H    1 
ATOM 849  H HA   . THR A 1 58 ? -6.191  -1.833  -6.121  1.00 99.99 ? 58 THR A HA   1 
ATOM 850  H HB   . THR A 1 58 ? -3.609  -2.815  -4.832  1.00 99.99 ? 58 THR A HB   1 
ATOM 851  H HG1  . THR A 1 58 ? -4.036  -0.713  -6.828  1.00 99.99 ? 58 THR A HG1  1 
ATOM 852  H HG21 . THR A 1 58 ? -5.047  -3.253  -7.354  1.00 99.99 ? 58 THR A HG21 1 
ATOM 853  H HG22 . THR A 1 58 ? -3.432  -2.570  -7.652  1.00 99.99 ? 58 THR A HG22 1 
ATOM 854  H HG23 . THR A 1 58 ? -3.603  -4.086  -6.735  1.00 99.99 ? 58 THR A HG23 1 
ATOM 855  N N    . CYS A 1 59 ? -6.152  -4.374  -5.100  1.00 99.99 ? 59 CYS A N    1 
ATOM 856  C CA   . CYS A 1 59 ? -6.735  -5.571  -4.519  1.00 99.99 ? 59 CYS A CA   1 
ATOM 857  C C    . CYS A 1 59 ? -6.076  -6.790  -5.166  1.00 99.99 ? 59 CYS A C    1 
ATOM 858  O O    . CYS A 1 59 ? -5.633  -6.726  -6.313  1.00 99.99 ? 59 CYS A O    1 
ATOM 859  C CB   . CYS A 1 59 ? -8.258  -5.594  -4.677  1.00 99.99 ? 59 CYS A CB   1 
ATOM 860  S SG   . CYS A 1 59 ? -8.883  -4.764  -6.183  1.00 99.99 ? 59 CYS A SG   1 
ATOM 861  H H    . CYS A 1 59 ? -5.677  -4.515  -5.968  1.00 99.99 ? 59 CYS A H    1 
ATOM 862  H HA   . CYS A 1 59 ? -6.520  -5.537  -3.450  1.00 99.99 ? 59 CYS A HA   1 
ATOM 863  H HB2  . CYS A 1 59 ? -8.570  -6.638  -4.709  1.00 99.99 ? 59 CYS A HB2  1 
ATOM 864  H HB3  . CYS A 1 59 ? -8.705  -5.119  -3.804  1.00 99.99 ? 59 CYS A HB3  1 
ATOM 865  N N    . CYS A 1 60 ? -6.031  -7.873  -4.404  1.00 99.99 ? 60 CYS A N    1 
ATOM 866  C CA   . CYS A 1 60 ? -5.432  -9.106  -4.888  1.00 99.99 ? 60 CYS A CA   1 
ATOM 867  C C    . CYS A 1 60 ? -5.878  -10.247 -3.974  1.00 99.99 ? 60 CYS A C    1 
ATOM 868  O O    . CYS A 1 60 ? -6.282  -10.015 -2.836  1.00 99.99 ? 60 CYS A O    1 
ATOM 869  C CB   . CYS A 1 60 ? -3.907  -9.000  -4.970  1.00 99.99 ? 60 CYS A CB   1 
ATOM 870  S SG   . CYS A 1 60 ? -3.162  -9.798  -6.439  1.00 99.99 ? 60 CYS A SG   1 
ATOM 871  H H    . CYS A 1 60 ? -6.392  -7.918  -3.472  1.00 99.99 ? 60 CYS A H    1 
ATOM 872  H HA   . CYS A 1 60 ? -5.803  -9.255  -5.903  1.00 99.99 ? 60 CYS A HA   1 
ATOM 873  H HB2  . CYS A 1 60 ? -3.652  -7.942  -4.991  1.00 99.99 ? 60 CYS A HB2  1 
ATOM 874  H HB3  . CYS A 1 60 ? -3.479  -9.448  -4.075  1.00 99.99 ? 60 CYS A HB3  1 
ATOM 875  N N    . SER A 1 61 ? -5.789  -11.457 -4.506  1.00 99.99 ? 61 SER A N    1 
ATOM 876  C CA   . SER A 1 61 ? -6.177  -12.638 -3.751  1.00 99.99 ? 61 SER A CA   1 
ATOM 877  C C    . SER A 1 61 ? -4.967  -13.551 -3.547  1.00 99.99 ? 61 SER A C    1 
ATOM 878  O O    . SER A 1 61 ? -5.065  -14.766 -3.715  1.00 99.99 ? 61 SER A O    1 
ATOM 879  C CB   . SER A 1 61 ? -7.303  -13.397 -4.458  1.00 99.99 ? 61 SER A CB   1 
ATOM 880  O OG   . SER A 1 61 ? -7.905  -14.369 -3.607  1.00 99.99 ? 61 SER A OG   1 
ATOM 881  H H    . SER A 1 61 ? -5.458  -11.639 -5.432  1.00 99.99 ? 61 SER A H    1 
ATOM 882  H HA   . SER A 1 61 ? -6.538  -12.262 -2.794  1.00 99.99 ? 61 SER A HA   1 
ATOM 883  H HB2  . SER A 1 61 ? -8.068  -12.683 -4.762  1.00 99.99 ? 61 SER A HB2  1 
ATOM 884  H HB3  . SER A 1 61 ? -6.906  -13.888 -5.346  1.00 99.99 ? 61 SER A HB3  1 
ATOM 885  H HG   . SER A 1 61 ? -7.474  -14.349 -2.706  1.00 99.99 ? 61 SER A HG   1 
ATOM 886  N N    . THR A 1 62 ? -3.852  -12.931 -3.187  1.00 99.99 ? 62 THR A N    1 
ATOM 887  C CA   . THR A 1 62 ? -2.624  -13.672 -2.959  1.00 99.99 ? 62 THR A CA   1 
ATOM 888  C C    . THR A 1 62 ? -1.689  -12.886 -2.039  1.00 99.99 ? 62 THR A C    1 
ATOM 889  O O    . THR A 1 62 ? -1.786  -11.663 -1.948  1.00 99.99 ? 62 THR A O    1 
ATOM 890  C CB   . THR A 1 62 ? -2.007  -13.996 -4.321  1.00 99.99 ? 62 THR A CB   1 
ATOM 891  O OG1  . THR A 1 62 ? -3.127  -14.290 -5.150  1.00 99.99 ? 62 THR A OG1  1 
ATOM 892  C CG2  . THR A 1 62 ? -1.202  -15.298 -4.306  1.00 99.99 ? 62 THR A CG2  1 
ATOM 893  H H    . THR A 1 62 ? -3.780  -11.942 -3.053  1.00 99.99 ? 62 THR A H    1 
ATOM 894  H HA   . THR A 1 62 ? -2.873  -14.600 -2.443  1.00 99.99 ? 62 THR A HA   1 
ATOM 895  H HB   . THR A 1 62 ? -1.398  -13.167 -4.679  1.00 99.99 ? 62 THR A HB   1 
ATOM 896  H HG1  . THR A 1 62 ? -3.316  -13.518 -5.757  1.00 99.99 ? 62 THR A HG1  1 
ATOM 897  H HG21 . THR A 1 62 ? -0.776  -15.449 -3.313  1.00 99.99 ? 62 THR A HG21 1 
ATOM 898  H HG22 . THR A 1 62 ? -1.858  -16.135 -4.549  1.00 99.99 ? 62 THR A HG22 1 
ATOM 899  H HG23 . THR A 1 62 ? -0.401  -15.241 -5.042  1.00 99.99 ? 62 THR A HG23 1 
ATOM 900  N N    . ASP A 1 63 ? -0.803  -13.619 -1.379  1.00 99.99 ? 63 ASP A N    1 
ATOM 901  C CA   . ASP A 1 63 ? 0.148   -13.004 -0.471  1.00 99.99 ? 63 ASP A CA   1 
ATOM 902  C C    . ASP A 1 63 ? 1.176   -12.208 -1.276  1.00 99.99 ? 63 ASP A C    1 
ATOM 903  O O    . ASP A 1 63 ? 1.509   -12.577 -2.402  1.00 99.99 ? 63 ASP A O    1 
ATOM 904  C CB   . ASP A 1 63 ? 0.900   -14.063 0.339   1.00 99.99 ? 63 ASP A CB   1 
ATOM 905  C CG   . ASP A 1 63 ? 1.925   -13.512 1.331   1.00 99.99 ? 63 ASP A CG   1 
ATOM 906  O OD1  . ASP A 1 63 ? 2.813   -14.239 1.802   1.00 99.99 ? 63 ASP A OD1  1 
ATOM 907  O OD2  . ASP A 1 63 ? 1.783   -12.264 1.624   1.00 99.99 ? 63 ASP A OD2  1 
ATOM 908  H H    . ASP A 1 63 ? -0.732  -14.613 -1.460  1.00 99.99 ? 63 ASP A H    1 
ATOM 909  H HA   . ASP A 1 63 ? -0.449  -12.370 0.185   1.00 99.99 ? 63 ASP A HA   1 
ATOM 910  H HB2  . ASP A 1 63 ? 0.165   -14.639 0.901   1.00 99.99 ? 63 ASP A HB2  1 
ATOM 911  H HB3  . ASP A 1 63 ? 1.410   -14.733 -0.354  1.00 99.99 ? 63 ASP A HB3  1 
ATOM 912  H HD2  . ASP A 1 63 ? 2.362   -12.029 2.406   1.00 99.99 ? 63 ASP A HD2  1 
ATOM 913  N N    . LYS A 1 64 ? 1.651   -11.128 -0.671  1.00 99.99 ? 64 LYS A N    1 
ATOM 914  C CA   . LYS A 1 64 ? 2.634   -10.278 -1.318  1.00 99.99 ? 64 LYS A CA   1 
ATOM 915  C C    . LYS A 1 64 ? 2.270   -10.119 -2.796  1.00 99.99 ? 64 LYS A C    1 
ATOM 916  O O    . LYS A 1 64 ? 3.131   -10.238 -3.667  1.00 99.99 ? 64 LYS A O    1 
ATOM 917  C CB   . LYS A 1 64 ? 4.046   -10.819 -1.087  1.00 99.99 ? 64 LYS A CB   1 
ATOM 918  C CG   . LYS A 1 64 ? 4.120   -11.623 0.213   1.00 99.99 ? 64 LYS A CG   1 
ATOM 919  C CD   . LYS A 1 64 ? 4.074   -10.699 1.432   1.00 99.99 ? 64 LYS A CD   1 
ATOM 920  C CE   . LYS A 1 64 ? 4.684   -11.382 2.659   1.00 99.99 ? 64 LYS A CE   1 
ATOM 921  N NZ   . LYS A 1 64 ? 6.157   -11.441 2.539   1.00 99.99 ? 64 LYS A NZ   1 
ATOM 922  H H    . LYS A 1 64 ? 1.374   -10.836 0.244   1.00 99.99 ? 64 LYS A H    1 
ATOM 923  H HA   . LYS A 1 64 ? 2.581   -9.298  -0.841  1.00 99.99 ? 64 LYS A HA   1 
ATOM 924  H HB2  . LYS A 1 64 ? 4.314   -11.470 -1.919  1.00 99.99 ? 64 LYS A HB2  1 
ATOM 925  H HB3  . LYS A 1 64 ? 4.754   -9.991  -1.047  1.00 99.99 ? 64 LYS A HB3  1 
ATOM 926  H HG2  . LYS A 1 64 ? 3.269   -12.302 0.255   1.00 99.99 ? 64 LYS A HG2  1 
ATOM 927  H HG3  . LYS A 1 64 ? 5.038   -12.209 0.230   1.00 99.99 ? 64 LYS A HG3  1 
ATOM 928  H HD2  . LYS A 1 64 ? 4.645   -9.797  1.212   1.00 99.99 ? 64 LYS A HD2  1 
ATOM 929  H HD3  . LYS A 1 64 ? 3.043   -10.420 1.643   1.00 99.99 ? 64 LYS A HD3  1 
ATOM 930  H HE2  . LYS A 1 64 ? 4.422   -10.810 3.550   1.00 99.99 ? 64 LYS A HE2  1 
ATOM 931  H HE3  . LYS A 1 64 ? 4.281   -12.389 2.761   1.00 99.99 ? 64 LYS A HE3  1 
ATOM 932  H HZ1  . LYS A 1 64 ? 6.620   -10.907 3.269   1.00 99.99 ? 64 LYS A HZ1  1 
ATOM 933  H HZ2  . LYS A 1 64 ? 6.507   -12.390 2.606   1.00 99.99 ? 64 LYS A HZ2  1 
ATOM 934  H HZ3  . LYS A 1 64 ? 6.423   -11.061 1.642   1.00 99.99 ? 64 LYS A HZ3  1 
ATOM 935  N N    . CYS A 1 65 ? 0.994   -9.852  -3.033  1.00 99.99 ? 65 CYS A N    1 
ATOM 936  C CA   . CYS A 1 65 ? 0.507   -9.677  -4.391  1.00 99.99 ? 65 CYS A CA   1 
ATOM 937  C C    . CYS A 1 65 ? 0.211   -8.190  -4.606  1.00 99.99 ? 65 CYS A C    1 
ATOM 938  O O    . CYS A 1 65 ? -0.185  -7.783  -5.697  1.00 99.99 ? 65 CYS A O    1 
ATOM 939  C CB   . CYS A 1 65 ? -0.720  -10.548 -4.669  1.00 99.99 ? 65 CYS A CB   1 
ATOM 940  S SG   . CYS A 1 65 ? -1.807  -9.937  -6.008  1.00 99.99 ? 65 CYS A SG   1 
ATOM 941  H H    . CYS A 1 65 ? 0.300   -9.757  -2.319  1.00 99.99 ? 65 CYS A H    1 
ATOM 942  H HA   . CYS A 1 65 ? 1.303   -10.012 -5.056  1.00 99.99 ? 65 CYS A HA   1 
ATOM 943  H HB2  . CYS A 1 65 ? -0.362  -11.539 -4.948  1.00 99.99 ? 65 CYS A HB2  1 
ATOM 944  H HB3  . CYS A 1 65 ? -1.305  -10.629 -3.754  1.00 99.99 ? 65 CYS A HB3  1 
ATOM 945  H HG   . CYS A 1 65 ? -2.711  -10.919 -5.959  1.00 99.99 ? 65 CYS A HG   1 
ATOM 946  N N    . ASN A 1 66 ? 0.415   -7.419  -3.548  1.00 99.99 ? 66 ASN A N    1 
ATOM 947  C CA   . ASN A 1 66 ? 0.176   -5.987  -3.607  1.00 99.99 ? 66 ASN A CA   1 
ATOM 948  C C    . ASN A 1 66 ? 1.357   -5.251  -2.971  1.00 99.99 ? 66 ASN A C    1 
ATOM 949  O O    . ASN A 1 66 ? 1.192   -4.537  -1.984  1.00 99.99 ? 66 ASN A O    1 
ATOM 950  C CB   . ASN A 1 66 ? -1.088  -5.608  -2.833  1.00 99.99 ? 66 ASN A CB   1 
ATOM 951  C CG   . ASN A 1 66 ? -2.289  -5.479  -3.775  1.00 99.99 ? 66 ASN A CG   1 
ATOM 952  O OD1  . ASN A 1 66 ? -2.751  -6.440  -4.366  1.00 99.99 ? 66 ASN A OD1  1 
ATOM 953  N ND2  . ASN A 1 66 ? -2.765  -4.241  -3.879  1.00 99.99 ? 66 ASN A ND2  1 
ATOM 954  H H    . ASN A 1 66 ? 0.743   -7.822  -2.682  1.00 99.99 ? 66 ASN A H    1 
ATOM 955  H HA   . ASN A 1 66 ? 0.069   -5.686  -4.648  1.00 99.99 ? 66 ASN A HA   1 
ATOM 956  H HB2  . ASN A 1 66 ? -1.296  -6.376  -2.089  1.00 99.99 ? 66 ASN A HB2  1 
ATOM 957  H HB3  . ASN A 1 66 ? -0.927  -4.655  -2.329  1.00 99.99 ? 66 ASN A HB3  1 
ATOM 958  H HD21 . ASN A 1 66 ? -2.344  -3.478  -3.366  1.00 99.99 ? 66 ASN A HD21 1 
ATOM 959  H HD22 . ASN A 1 66 ? -3.558  -4.060  -4.477  1.00 99.99 ? 66 ASN A HD22 1 
ATOM 960  N N    . PRO A 1 67 ? 2.556   -5.454  -3.581  1.00 99.99 ? 67 PRO A N    1 
ATOM 961  C CA   . PRO A 1 67 ? 3.764   -4.818  -3.086  1.00 99.99 ? 67 PRO A CA   1 
ATOM 962  C C    . PRO A 1 67 ? 3.792   -3.333  -3.452  1.00 99.99 ? 67 PRO A C    1 
ATOM 963  O O    . PRO A 1 67 ? 2.850   -2.821  -4.055  1.00 99.99 ? 67 PRO A O    1 
ATOM 964  C CB   . PRO A 1 67 ? 4.907   -5.603  -3.709  1.00 99.99 ? 67 PRO A CB   1 
ATOM 965  C CG   . PRO A 1 67 ? 4.304   -6.351  -4.888  1.00 99.99 ? 67 PRO A CG   1 
ATOM 966  C CD   . PRO A 1 67 ? 2.791   -6.293  -4.752  1.00 99.99 ? 67 PRO A CD   1 
ATOM 967  H HA   . PRO A 1 67 ? 3.792   -4.854  -2.088  1.00 99.99 ? 67 PRO A HA   1 
ATOM 968  H HB2  . PRO A 1 67 ? 5.696   -4.929  -4.044  1.00 99.99 ? 67 PRO A HB2  1 
ATOM 969  H HB3  . PRO A 1 67 ? 5.342   -6.298  -2.989  1.00 99.99 ? 67 PRO A HB3  1 
ATOM 970  H HG2  . PRO A 1 67 ? 4.587   -5.829  -5.803  1.00 99.99 ? 67 PRO A HG2  1 
ATOM 971  H HG3  . PRO A 1 67 ? 4.647   -7.386  -4.900  1.00 99.99 ? 67 PRO A HG3  1 
ATOM 972  H HD2  . PRO A 1 67 ? 2.349   -5.846  -5.644  1.00 99.99 ? 67 PRO A HD2  1 
ATOM 973  H HD3  . PRO A 1 67 ? 2.368   -7.288  -4.619  1.00 99.99 ? 67 PRO A HD3  1 
ATOM 974  N N    . HIS A 1 68 ? 4.882   -2.683  -3.074  1.00 99.99 ? 68 HIS A N    1 
ATOM 975  C CA   . HIS A 1 68 ? 5.044   -1.266  -3.356  1.00 99.99 ? 68 HIS A CA   1 
ATOM 976  C C    . HIS A 1 68 ? 5.632   -1.085  -4.757  1.00 99.99 ? 68 HIS A C    1 
ATOM 977  O O    . HIS A 1 68 ? 6.381   -1.935  -5.235  1.00 99.99 ? 68 HIS A O    1 
ATOM 978  C CB   . HIS A 1 68 ? 5.882   -0.588  -2.270  1.00 99.99 ? 68 HIS A CB   1 
ATOM 979  C CG   . HIS A 1 68 ? 6.016   0.907   -2.440  1.00 99.99 ? 68 HIS A CG   1 
ATOM 980  N ND1  . HIS A 1 68 ? 5.002   1.792   -2.122  1.00 99.99 ? 68 HIS A ND1  1 
ATOM 981  C CD2  . HIS A 1 68 ? 7.057   1.660   -2.900  1.00 99.99 ? 68 HIS A CD2  1 
ATOM 982  C CE1  . HIS A 1 68 ? 5.423   3.021   -2.381  1.00 99.99 ? 68 HIS A CE1  1 
ATOM 983  N NE2  . HIS A 1 68 ? 6.696   2.937   -2.863  1.00 99.99 ? 68 HIS A NE2  1 
ATOM 984  H H    . HIS A 1 68 ? 5.645   -3.106  -2.585  1.00 99.99 ? 68 HIS A H    1 
ATOM 985  H HA   . HIS A 1 68 ? 4.048   -0.825  -3.330  1.00 99.99 ? 68 HIS A HA   1 
ATOM 986  H HB2  . HIS A 1 68 ? 5.412   -0.780  -1.305  1.00 99.99 ? 68 HIS A HB2  1 
ATOM 987  H HB3  . HIS A 1 68 ? 6.877   -1.034  -2.263  1.00 99.99 ? 68 HIS A HB3  1 
ATOM 988  H HD1  . HIS A 1 68 ? 4.105   1.545   -1.757  1.00 99.99 ? 68 HIS A HD1  1 
ATOM 989  H HD2  . HIS A 1 68 ? 8.020   1.279   -3.237  1.00 99.99 ? 68 HIS A HD2  1 
ATOM 990  H HE1  . HIS A 1 68 ? 4.851   3.938   -2.236  1.00 99.99 ? 68 HIS A HE1  1 
ATOM 991  H HE2  . HIS A 1 68 ? 7.283   3.714   -3.090  1.00 99.99 ? 68 HIS A HE2  1 
ATOM 992  N N    . PRO A 1 69 ? 5.260   0.058   -5.393  1.00 99.99 ? 69 PRO A N    1 
ATOM 993  C CA   . PRO A 1 69 ? 5.742   0.362   -6.731  1.00 99.99 ? 69 PRO A CA   1 
ATOM 994  C C    . PRO A 1 69 ? 7.202   0.815   -6.698  1.00 99.99 ? 69 PRO A C    1 
ATOM 995  O O    . PRO A 1 69 ? 7.753   1.224   -7.718  1.00 99.99 ? 69 PRO A O    1 
ATOM 996  C CB   . PRO A 1 69 ? 4.799   1.434   -7.254  1.00 99.99 ? 69 PRO A CB   1 
ATOM 997  C CG   . PRO A 1 69 ? 4.115   2.021   -6.030  1.00 99.99 ? 69 PRO A CG   1 
ATOM 998  C CD   . PRO A 1 69 ? 4.375   1.089   -4.858  1.00 99.99 ? 69 PRO A CD   1 
ATOM 999  H HA   . PRO A 1 69 ? 5.722   -0.460  -7.300  1.00 99.99 ? 69 PRO A HA   1 
ATOM 1000 H HB2  . PRO A 1 69 ? 5.355   2.204   -7.788  1.00 99.99 ? 69 PRO A HB2  1 
ATOM 1001 H HB3  . PRO A 1 69 ? 4.070   1.010   -7.943  1.00 99.99 ? 69 PRO A HB3  1 
ATOM 1002 H HG2  . PRO A 1 69 ? 4.579   2.983   -5.810  1.00 99.99 ? 69 PRO A HG2  1 
ATOM 1003 H HG3  . PRO A 1 69 ? 3.045   2.128   -6.204  1.00 99.99 ? 69 PRO A HG3  1 
ATOM 1004 H HD2  . PRO A 1 69 ? 4.857   1.629   -4.044  1.00 99.99 ? 69 PRO A HD2  1 
ATOM 1005 H HD3  . PRO A 1 69 ? 3.446   0.657   -4.483  1.00 99.99 ? 69 PRO A HD3  1 
ATOM 1006 N N    . LYS A 1 70 ? 7.789   0.728   -5.512  1.00 99.99 ? 70 LYS A N    1 
ATOM 1007 C CA   . LYS A 1 70 ? 9.176   1.124   -5.332  1.00 99.99 ? 70 LYS A CA   1 
ATOM 1008 C C    . LYS A 1 70 ? 9.790   0.307   -4.192  1.00 99.99 ? 70 LYS A C    1 
ATOM 1009 O O    . LYS A 1 70 ? 10.878  0.625   -3.713  1.00 99.99 ? 70 LYS A O    1 
ATOM 1010 C CB   . LYS A 1 70 ? 9.279   2.635   -5.131  1.00 99.99 ? 70 LYS A CB   1 
ATOM 1011 C CG   . LYS A 1 70 ? 10.024  2.968   -3.837  1.00 99.99 ? 70 LYS A CG   1 
ATOM 1012 C CD   . LYS A 1 70 ? 11.538  2.968   -4.061  1.00 99.99 ? 70 LYS A CD   1 
ATOM 1013 C CE   . LYS A 1 70 ? 12.043  4.374   -4.396  1.00 99.99 ? 70 LYS A CE   1 
ATOM 1014 N NZ   . LYS A 1 70 ? 12.933  4.875   -3.326  1.00 99.99 ? 70 LYS A NZ   1 
ATOM 1015 H H    . LYS A 1 70 ? 7.334   0.395   -4.686  1.00 99.99 ? 70 LYS A H    1 
ATOM 1016 H HA   . LYS A 1 70 ? 9.706   0.883   -6.253  1.00 99.99 ? 70 LYS A HA   1 
ATOM 1017 H HB2  . LYS A 1 70 ? 9.824   3.065   -5.971  1.00 99.99 ? 70 LYS A HB2  1 
ATOM 1018 H HB3  . LYS A 1 70 ? 8.281   3.073   -5.101  1.00 99.99 ? 70 LYS A HB3  1 
ATOM 1019 H HG2  . LYS A 1 70 ? 9.718   3.958   -3.498  1.00 99.99 ? 70 LYS A HG2  1 
ATOM 1020 H HG3  . LYS A 1 70 ? 9.768   2.239   -3.068  1.00 99.99 ? 70 LYS A HG3  1 
ATOM 1021 H HD2  . LYS A 1 70 ? 12.029  2.627   -3.150  1.00 99.99 ? 70 LYS A HD2  1 
ATOM 1022 H HD3  . LYS A 1 70 ? 11.791  2.286   -4.871  1.00 99.99 ? 70 LYS A HD3  1 
ATOM 1023 H HE2  . LYS A 1 70 ? 12.598  4.339   -5.334  1.00 99.99 ? 70 LYS A HE2  1 
ATOM 1024 H HE3  . LYS A 1 70 ? 11.196  5.051   -4.519  1.00 99.99 ? 70 LYS A HE3  1 
ATOM 1025 H HZ1  . LYS A 1 70 ? 13.907  4.656   -3.508  1.00 99.99 ? 70 LYS A HZ1  1 
ATOM 1026 H HZ2  . LYS A 1 70 ? 12.874  5.882   -3.221  1.00 99.99 ? 70 LYS A HZ2  1 
ATOM 1027 H HZ3  . LYS A 1 70 ? 12.663  4.442   -2.454  1.00 99.99 ? 70 LYS A HZ3  1 
ATOM 1028 N N    . GLN A 1 71 ? 9.068   -0.728  -3.791  1.00 99.99 ? 71 GLN A N    1 
ATOM 1029 C CA   . GLN A 1 71 ? 9.527   -1.591  -2.717  1.00 99.99 ? 71 GLN A CA   1 
ATOM 1030 C C    . GLN A 1 71 ? 11.037  -1.432  -2.519  1.00 99.99 ? 71 GLN A C    1 
ATOM 1031 O O    . GLN A 1 71 ? 11.801  -1.472  -3.483  1.00 99.99 ? 71 GLN A O    1 
ATOM 1032 C CB   . GLN A 1 71 ? 9.162   -3.051  -2.992  1.00 99.99 ? 71 GLN A CB   1 
ATOM 1033 C CG   . GLN A 1 71 ? 9.402   -3.410  -4.460  1.00 99.99 ? 71 GLN A CG   1 
ATOM 1034 C CD   . GLN A 1 71 ? 10.225  -4.692  -4.582  1.00 99.99 ? 71 GLN A CD   1 
ATOM 1035 O OE1  . GLN A 1 71 ? 11.084  -4.990  -3.768  1.00 99.99 ? 71 GLN A OE1  1 
ATOM 1036 N NE2  . GLN A 1 71 ? 9.918   -5.434  -5.643  1.00 99.99 ? 71 GLN A NE2  1 
ATOM 1037 H H    . GLN A 1 71 ? 8.184   -0.979  -4.187  1.00 99.99 ? 71 GLN A H    1 
ATOM 1038 H HA   . GLN A 1 71 ? 9.000   -1.251  -1.826  1.00 99.99 ? 71 GLN A HA   1 
ATOM 1039 H HB2  . GLN A 1 71 ? 9.782   -3.694  -2.366  1.00 99.99 ? 71 GLN A HB2  1 
ATOM 1040 H HB3  . GLN A 1 71 ? 8.115   -3.220  -2.738  1.00 99.99 ? 71 GLN A HB3  1 
ATOM 1041 H HG2  . GLN A 1 71 ? 8.439   -3.561  -4.949  1.00 99.99 ? 71 GLN A HG2  1 
ATOM 1042 H HG3  . GLN A 1 71 ? 9.919   -2.591  -4.958  1.00 99.99 ? 71 GLN A HG3  1 
ATOM 1043 H HE21 . GLN A 1 71 ? 9.203   -5.133  -6.273  1.00 99.99 ? 71 GLN A HE21 1 
ATOM 1044 H HE22 . GLN A 1 71 ? 10.403  -6.293  -5.810  1.00 99.99 ? 71 GLN A HE22 1 
ATOM 1045 N N    . ARG A 1 72 ? 11.421  -1.255  -1.264  1.00 99.99 ? 72 ARG A N    1 
ATOM 1046 C CA   . ARG A 1 72 ? 12.825  -1.090  -0.927  1.00 99.99 ? 72 ARG A CA   1 
ATOM 1047 C C    . ARG A 1 72 ? 12.972  -0.618  0.520   1.00 99.99 ? 72 ARG A C    1 
ATOM 1048 O O    . ARG A 1 72 ? 12.182  0.198   0.994   1.00 99.99 ? 72 ARG A O    1 
ATOM 1049 C CB   . ARG A 1 72 ? 13.499  -0.080  -1.858  1.00 99.99 ? 72 ARG A CB   1 
ATOM 1050 C CG   . ARG A 1 72 ? 14.958  0.150   -1.451  1.00 99.99 ? 72 ARG A CG   1 
ATOM 1051 C CD   . ARG A 1 72 ? 15.493  1.453   -2.048  1.00 99.99 ? 72 ARG A CD   1 
ATOM 1052 N NE   . ARG A 1 72 ? 16.382  1.157   -3.193  1.00 99.99 ? 72 ARG A NE   1 
ATOM 1053 C CZ   . ARG A 1 72 ? 15.946  0.947   -4.454  1.00 99.99 ? 72 ARG A CZ   1 
ATOM 1054 N NH1  . ARG A 1 72 ? 14.628  0.997   -4.742  1.00 99.99 ? 72 ARG A NH1  1 
ATOM 1055 N NH2  . ARG A 1 72 ? 16.830  0.692   -5.401  1.00 99.99 ? 72 ARG A NH2  1 
ATOM 1056 H H    . ARG A 1 72 ? 10.793  -1.224  -0.485  1.00 99.99 ? 72 ARG A H    1 
ATOM 1057 H HA   . ARG A 1 72 ? 13.263  -2.080  -1.063  1.00 99.99 ? 72 ARG A HA   1 
ATOM 1058 H HB2  . ARG A 1 72 ? 13.475  -0.469  -2.875  1.00 99.99 ? 72 ARG A HB2  1 
ATOM 1059 H HB3  . ARG A 1 72 ? 12.957  0.864   -1.828  1.00 99.99 ? 72 ARG A HB3  1 
ATOM 1060 H HG2  . ARG A 1 72 ? 15.015  0.212   -0.365  1.00 99.99 ? 72 ARG A HG2  1 
ATOM 1061 H HG3  . ARG A 1 72 ? 15.569  -0.687  -1.788  1.00 99.99 ? 72 ARG A HG3  1 
ATOM 1062 H HD2  . ARG A 1 72 ? 14.656  2.061   -2.393  1.00 99.99 ? 72 ARG A HD2  1 
ATOM 1063 H HD3  . ARG A 1 72 ? 16.038  2.013   -1.288  1.00 99.99 ? 72 ARG A HD3  1 
ATOM 1064 H HE   . ARG A 1 72 ? 17.366  1.111   -3.024  1.00 99.99 ? 72 ARG A HE   1 
ATOM 1065 H HH11 . ARG A 1 72 ? 13.966  1.190   -4.019  1.00 99.99 ? 72 ARG A HH11 1 
ATOM 1066 H HH12 . ARG A 1 72 ? 14.315  0.839   -5.677  1.00 99.99 ? 72 ARG A HH12 1 
ATOM 1067 H HH21 . ARG A 1 72 ? 17.809  0.662   -5.153  1.00 99.99 ? 72 ARG A HH21 1 
ATOM 1068 H HH22 . ARG A 1 72 ? 16.590  0.523   -6.358  1.00 99.99 ? 72 ARG A HH22 1 
ATOM 1069 N N    . PRO A 1 73 ? 14.015  -1.165  1.201   1.00 99.99 ? 73 PRO A N    1 
ATOM 1070 C CA   . PRO A 1 73 ? 14.275  -0.808  2.584   1.00 99.99 ? 73 PRO A CA   1 
ATOM 1071 C C    . PRO A 1 73 ? 14.896  0.586   2.684   1.00 99.99 ? 73 PRO A C    1 
ATOM 1072 O O    . PRO A 1 73 ? 15.309  1.159   1.676   1.00 99.99 ? 73 PRO A O    1 
ATOM 1073 C CB   . PRO A 1 73 ? 15.189  -1.903  3.109   1.00 99.99 ? 73 PRO A CB   1 
ATOM 1074 C CG   . PRO A 1 73 ? 15.779  -2.577  1.881   1.00 99.99 ? 73 PRO A CG   1 
ATOM 1075 C CD   . PRO A 1 73 ? 14.970  -2.134  0.673   1.00 99.99 ? 73 PRO A CD   1 
ATOM 1076 H HA   . PRO A 1 73 ? 13.418  -0.762  3.099   1.00 99.99 ? 73 PRO A HA   1 
ATOM 1077 H HB2  . PRO A 1 73 ? 15.978  -1.479  3.729   1.00 99.99 ? 73 PRO A HB2  1 
ATOM 1078 H HB3  . PRO A 1 73 ? 14.633  -2.618  3.717   1.00 99.99 ? 73 PRO A HB3  1 
ATOM 1079 H HG2  . PRO A 1 73 ? 16.803  -2.222  1.757   1.00 99.99 ? 73 PRO A HG2  1 
ATOM 1080 H HG3  . PRO A 1 73 ? 15.745  -3.661  1.986   1.00 99.99 ? 73 PRO A HG3  1 
ATOM 1081 H HD2  . PRO A 1 73 ? 15.622  -1.671  -0.068  1.00 99.99 ? 73 PRO A HD2  1 
ATOM 1082 H HD3  . PRO A 1 73 ? 14.462  -2.978  0.205   1.00 99.99 ? 73 PRO A HD3  1 
ATOM 1083 N N    . GLY A 1 74 ? 14.945  1.093   3.907   1.00 99.99 ? 74 GLY A N    1 
ATOM 1084 C CA   . GLY A 1 74 ? 15.510  2.410   4.150   1.00 99.99 ? 74 GLY A CA   1 
ATOM 1085 C C    . GLY A 1 74 ? 14.805  3.472   3.306   1.00 99.99 ? 74 GLY A C    1 
ATOM 1086 O O    . GLY A 1 74 ? 15.222  3.754   2.183   1.00 99.99 ? 74 GLY A O    1 
ATOM 1087 H H    . GLY A 1 74 ? 14.607  0.621   4.722   1.00 99.99 ? 74 GLY A H    1 
ATOM 1088 H HA2  . GLY A 1 74 ? 15.414  2.659   5.208   1.00 99.99 ? 74 GLY A HA2  1 
ATOM 1089 H HA3  . GLY A 1 74 ? 16.574  2.403   3.919   1.00 99.99 ? 74 GLY A HA3  1 
ATOM 1090 N N    . PHE B 2 1  ? 3.527   8.029   6.181   1.00 99.99 ? 1  PHE B N    1 
ATOM 1091 C CA   . PHE B 2 1  ? 3.272   6.781   6.881   1.00 99.99 ? 1  PHE B CA   1 
ATOM 1092 C C    . PHE B 2 1  ? 3.249   5.602   5.908   1.00 99.99 ? 1  PHE B C    1 
ATOM 1093 O O    . PHE B 2 1  ? 3.327   4.447   6.325   1.00 99.99 ? 1  PHE B O    1 
ATOM 1094 C CB   . PHE B 2 1  ? 1.899   6.911   7.540   1.00 99.99 ? 1  PHE B CB   1 
ATOM 1095 C CG   . PHE B 2 1  ? 1.913   7.680   8.863   1.00 99.99 ? 1  PHE B CG   1 
ATOM 1096 C CD1  . PHE B 2 1  ? 2.606   7.191   9.926   1.00 99.99 ? 1  PHE B CD1  1 
ATOM 1097 C CD2  . PHE B 2 1  ? 1.233   8.853   8.976   1.00 99.99 ? 1  PHE B CD2  1 
ATOM 1098 C CE1  . PHE B 2 1  ? 2.619   7.904   11.155  1.00 99.99 ? 1  PHE B CE1  1 
ATOM 1099 C CE2  . PHE B 2 1  ? 1.246   9.567   10.203  1.00 99.99 ? 1  PHE B CE2  1 
ATOM 1100 C CZ   . PHE B 2 1  ? 1.939   9.077   11.267  1.00 99.99 ? 1  PHE B CZ   1 
ATOM 1101 H H1   . PHE B 2 1  ? 3.682   7.994   5.184   1.00 99.99 ? 1  PHE B H1   1 
ATOM 1102 H HA   . PHE B 2 1  ? 4.082   6.642   7.599   1.00 99.99 ? 1  PHE B HA   1 
ATOM 1103 H HB2  . PHE B 2 1  ? 1.235   7.431   6.849   1.00 99.99 ? 1  PHE B HB2  1 
ATOM 1104 H HB3  . PHE B 2 1  ? 1.496   5.913   7.716   1.00 99.99 ? 1  PHE B HB3  1 
ATOM 1105 H HD1  . PHE B 2 1  ? 3.150   6.251   9.836   1.00 99.99 ? 1  PHE B HD1  1 
ATOM 1106 H HD2  . PHE B 2 1  ? 0.678   9.244   8.123   1.00 99.99 ? 1  PHE B HD2  1 
ATOM 1107 H HE1  . PHE B 2 1  ? 3.175   7.513   12.007  1.00 99.99 ? 1  PHE B HE1  1 
ATOM 1108 H HE2  . PHE B 2 1  ? 0.702   10.506  10.293  1.00 99.99 ? 1  PHE B HE2  1 
ATOM 1109 H HZ   . PHE B 2 1  ? 1.950   9.625   12.209  1.00 99.99 ? 1  PHE B HZ   1 
ATOM 1110 N N    . ARG B 2 2  ? 3.141   5.932   4.630   1.00 99.99 ? 2  ARG B N    1 
ATOM 1111 C CA   . ARG B 2 2  ? 3.107   4.913   3.593   1.00 99.99 ? 2  ARG B CA   1 
ATOM 1112 C C    . ARG B 2 2  ? 4.469   4.809   2.904   1.00 99.99 ? 2  ARG B C    1 
ATOM 1113 O O    . ARG B 2 2  ? 5.428   5.465   3.314   1.00 99.99 ? 2  ARG B O    1 
ATOM 1114 C CB   . ARG B 2 2  ? 2.037   5.228   2.547   1.00 99.99 ? 2  ARG B CB   1 
ATOM 1115 C CG   . ARG B 2 2  ? 1.215   6.453   2.954   1.00 99.99 ? 2  ARG B CG   1 
ATOM 1116 C CD   . ARG B 2 2  ? -0.251  6.292   2.545   1.00 99.99 ? 2  ARG B CD   1 
ATOM 1117 N NE   . ARG B 2 2  ? -1.086  6.051   3.742   1.00 99.99 ? 2  ARG B NE   1 
ATOM 1118 C CZ   . ARG B 2 2  ? -2.429  6.197   3.768   1.00 99.99 ? 2  ARG B CZ   1 
ATOM 1119 N NH1  . ARG B 2 2  ? -3.099  6.583   2.663   1.00 99.99 ? 2  ARG B NH1  1 
ATOM 1120 N NH2  . ARG B 2 2  ? -3.075  5.956   4.895   1.00 99.99 ? 2  ARG B NH2  1 
ATOM 1121 H H    . ARG B 2 2  ? 3.079   6.873   4.297   1.00 99.99 ? 2  ARG B H    1 
ATOM 1122 H HA   . ARG B 2 2  ? 2.862   3.990   4.119   1.00 99.99 ? 2  ARG B HA   1 
ATOM 1123 H HB2  . ARG B 2 2  ? 2.526   5.435   1.594   1.00 99.99 ? 2  ARG B HB2  1 
ATOM 1124 H HB3  . ARG B 2 2  ? 1.379   4.369   2.424   1.00 99.99 ? 2  ARG B HB3  1 
ATOM 1125 H HG2  . ARG B 2 2  ? 1.267   6.566   4.037   1.00 99.99 ? 2  ARG B HG2  1 
ATOM 1126 H HG3  . ARG B 2 2  ? 1.630   7.346   2.488   1.00 99.99 ? 2  ARG B HG3  1 
ATOM 1127 H HD2  . ARG B 2 2  ? -0.587  7.203   2.051   1.00 99.99 ? 2  ARG B HD2  1 
ATOM 1128 H HD3  . ARG B 2 2  ? -0.352  5.460   1.849   1.00 99.99 ? 2  ARG B HD3  1 
ATOM 1129 H HE   . ARG B 2 2  ? -0.629  5.763   4.584   1.00 99.99 ? 2  ARG B HE   1 
ATOM 1130 H HH11 . ARG B 2 2  ? -2.600  6.764   1.814   1.00 99.99 ? 2  ARG B HH11 1 
ATOM 1131 H HH12 . ARG B 2 2  ? -4.091  6.689   2.692   1.00 99.99 ? 2  ARG B HH12 1 
ATOM 1132 H HH21 . ARG B 2 2  ? -2.544  5.668   5.705   1.00 99.99 ? 2  ARG B HH21 1 
ATOM 1133 H HH22 . ARG B 2 2  ? -4.067  6.040   4.998   1.00 99.99 ? 2  ARG B HH22 1 
ATOM 1134 N N    . TYR B 2 3  ? 4.513   3.982   1.872   1.00 99.99 ? 3  TYR B N    1 
ATOM 1135 C CA   . TYR B 2 3  ? 5.743   3.785   1.122   1.00 99.99 ? 3  TYR B CA   1 
ATOM 1136 C C    . TYR B 2 3  ? 5.796   4.707   -0.097  1.00 99.99 ? 3  TYR B C    1 
ATOM 1137 O O    . TYR B 2 3  ? 6.577   4.479   -1.019  1.00 99.99 ? 3  TYR B O    1 
ATOM 1138 C CB   . TYR B 2 3  ? 5.716   2.331   0.645   1.00 99.99 ? 3  TYR B CB   1 
ATOM 1139 C CG   . TYR B 2 3  ? 5.467   1.314   1.761   1.00 99.99 ? 3  TYR B CG   1 
ATOM 1140 C CD1  . TYR B 2 3  ? 5.967   1.542   3.027   1.00 99.99 ? 3  TYR B CD1  1 
ATOM 1141 C CD2  . TYR B 2 3  ? 4.739   0.170   1.500   1.00 99.99 ? 3  TYR B CD2  1 
ATOM 1142 C CE1  . TYR B 2 3  ? 5.731   0.584   4.077   1.00 99.99 ? 3  TYR B CE1  1 
ATOM 1143 C CE2  . TYR B 2 3  ? 4.503   -0.786  2.551   1.00 99.99 ? 3  TYR B CE2  1 
ATOM 1144 C CZ   . TYR B 2 3  ? 5.012   -0.533  3.788   1.00 99.99 ? 3  TYR B CZ   1 
ATOM 1145 O OH   . TYR B 2 3  ? 4.789   -1.436  4.779   1.00 99.99 ? 3  TYR B OH   1 
ATOM 1146 H H    . TYR B 2 3  ? 3.730   3.452   1.546   1.00 99.99 ? 3  TYR B H    1 
ATOM 1147 H HA   . TYR B 2 3  ? 6.579   4.016   1.782   1.00 99.99 ? 3  TYR B HA   1 
ATOM 1148 H HB2  . TYR B 2 3  ? 4.924   2.228   -0.096  1.00 99.99 ? 3  TYR B HB2  1 
ATOM 1149 H HB3  . TYR B 2 3  ? 6.667   2.099   0.164   1.00 99.99 ? 3  TYR B HB3  1 
ATOM 1150 H HD1  . TYR B 2 3  ? 6.541   2.444   3.231   1.00 99.99 ? 3  TYR B HD1  1 
ATOM 1151 H HD2  . TYR B 2 3  ? 4.343   -0.009  0.501   1.00 99.99 ? 3  TYR B HD2  1 
ATOM 1152 H HE1  . TYR B 2 3  ? 6.121   0.751   5.082   1.00 99.99 ? 3  TYR B HE1  1 
ATOM 1153 H HE2  . TYR B 2 3  ? 3.932   -1.695  2.360   1.00 99.99 ? 3  TYR B HE2  1 
ATOM 1154 H HH   . TYR B 2 3  ? 4.463   -2.297  4.389   1.00 99.99 ? 3  TYR B HH   1 
ATOM 1155 N N    . TYR B 2 4  ? 4.955   5.731   -0.061  1.00 99.99 ? 4  TYR B N    1 
ATOM 1156 C CA   . TYR B 2 4  ? 4.897   6.690   -1.152  1.00 99.99 ? 4  TYR B CA   1 
ATOM 1157 C C    . TYR B 2 4  ? 5.812   6.268   -2.302  1.00 99.99 ? 4  TYR B C    1 
ATOM 1158 O O    . TYR B 2 4  ? 6.991   5.984   -2.090  1.00 99.99 ? 4  TYR B O    1 
ATOM 1159 C CB   . TYR B 2 4  ? 5.400   8.016   -0.576  1.00 99.99 ? 4  TYR B CB   1 
ATOM 1160 C CG   . TYR B 2 4  ? 4.403   8.705   0.358   1.00 99.99 ? 4  TYR B CG   1 
ATOM 1161 C CD1  . TYR B 2 4  ? 4.275   8.284   1.665   1.00 99.99 ? 4  TYR B CD1  1 
ATOM 1162 C CD2  . TYR B 2 4  ? 3.632   9.751   -0.109  1.00 99.99 ? 4  TYR B CD2  1 
ATOM 1163 C CE1  . TYR B 2 4  ? 3.336   8.934   2.544   1.00 99.99 ? 4  TYR B CE1  1 
ATOM 1164 C CE2  . TYR B 2 4  ? 2.694   10.402  0.769   1.00 99.99 ? 4  TYR B CE2  1 
ATOM 1165 C CZ   . TYR B 2 4  ? 2.592   9.961   2.052   1.00 99.99 ? 4  TYR B CZ   1 
ATOM 1166 O OH   . TYR B 2 4  ? 1.706   10.575  2.880   1.00 99.99 ? 4  TYR B OH   1 
ATOM 1167 H H    . TYR B 2 4  ? 4.323   5.909   0.693   1.00 99.99 ? 4  TYR B H    1 
ATOM 1168 H HA   . TYR B 2 4  ? 3.870   6.729   -1.510  1.00 99.99 ? 4  TYR B HA   1 
ATOM 1169 H HB2  . TYR B 2 4  ? 6.315   7.821   -0.016  1.00 99.99 ? 4  TYR B HB2  1 
ATOM 1170 H HB3  . TYR B 2 4  ? 5.640   8.689   -1.396  1.00 99.99 ? 4  TYR B HB3  1 
ATOM 1171 H HD1  . TYR B 2 4  ? 4.883   7.459   2.034   1.00 99.99 ? 4  TYR B HD1  1 
ATOM 1172 H HD2  . TYR B 2 4  ? 3.734   10.084  -1.142  1.00 99.99 ? 4  TYR B HD2  1 
ATOM 1173 H HE1  . TYR B 2 4  ? 3.224   8.611   3.578   1.00 99.99 ? 4  TYR B HE1  1 
ATOM 1174 H HE2  . TYR B 2 4  ? 2.078   11.228  0.414   1.00 99.99 ? 4  TYR B HE2  1 
ATOM 1175 H HH   . TYR B 2 4  ? 1.602   10.047  3.723   1.00 99.99 ? 4  TYR B HH   1 
ATOM 1176 N N    . GLU B 2 5  ? 5.238   6.241   -3.495  1.00 99.99 ? 5  GLU B N    1 
ATOM 1177 C CA   . GLU B 2 5  ? 5.987   5.860   -4.679  1.00 99.99 ? 5  GLU B CA   1 
ATOM 1178 C C    . GLU B 2 5  ? 7.392   6.465   -4.636  1.00 99.99 ? 5  GLU B C    1 
ATOM 1179 O O    . GLU B 2 5  ? 8.289   6.014   -5.349  1.00 99.99 ? 5  GLU B O    1 
ATOM 1180 C CB   . GLU B 2 5  ? 5.250   6.276   -5.954  1.00 99.99 ? 5  GLU B CB   1 
ATOM 1181 C CG   . GLU B 2 5  ? 5.846   5.588   -7.182  1.00 99.99 ? 5  GLU B CG   1 
ATOM 1182 C CD   . GLU B 2 5  ? 6.397   6.616   -8.174  1.00 99.99 ? 5  GLU B CD   1 
ATOM 1183 O OE1  . GLU B 2 5  ? 5.950   7.772   -8.181  1.00 99.99 ? 5  GLU B OE1  1 
ATOM 1184 O OE2  . GLU B 2 5  ? 7.325   6.177   -8.956  1.00 99.99 ? 5  GLU B OE2  1 
ATOM 1185 H H    . GLU B 2 5  ? 4.280   6.475   -3.659  1.00 99.99 ? 5  GLU B H    1 
ATOM 1186 H HA   . GLU B 2 5  ? 6.051   4.772   -4.643  1.00 99.99 ? 5  GLU B HA   1 
ATOM 1187 H HB2  . GLU B 2 5  ? 4.203   5.987   -5.864  1.00 99.99 ? 5  GLU B HB2  1 
ATOM 1188 H HB3  . GLU B 2 5  ? 5.307   7.358   -6.074  1.00 99.99 ? 5  GLU B HB3  1 
ATOM 1189 H HG2  . GLU B 2 5  ? 6.659   4.936   -6.862  1.00 99.99 ? 5  GLU B HG2  1 
ATOM 1190 H HG3  . GLU B 2 5  ? 5.084   4.980   -7.669  1.00 99.99 ? 5  GLU B HG3  1 
ATOM 1191 H HE2  . GLU B 2 5  ? 8.161   6.709   -8.827  1.00 99.99 ? 5  GLU B HE2  1 
ATOM 1192 N N    . SER B 2 6  ? 7.539   7.477   -3.795  1.00 99.99 ? 6  SER B N    1 
ATOM 1193 C CA   . SER B 2 6  ? 8.821   8.148   -3.650  1.00 99.99 ? 6  SER B CA   1 
ATOM 1194 C C    . SER B 2 6  ? 9.871   7.165   -3.130  1.00 99.99 ? 6  SER B C    1 
ATOM 1195 O O    . SER B 2 6  ? 10.966  7.070   -3.685  1.00 99.99 ? 6  SER B O    1 
ATOM 1196 C CB   . SER B 2 6  ? 8.710   9.351   -2.709  1.00 99.99 ? 6  SER B CB   1 
ATOM 1197 O OG   . SER B 2 6  ? 7.858   9.081   -1.599  1.00 99.99 ? 6  SER B OG   1 
ATOM 1198 H H    . SER B 2 6  ? 6.806   7.838   -3.218  1.00 99.99 ? 6  SER B H    1 
ATOM 1199 H HA   . SER B 2 6  ? 9.081   8.493   -4.650  1.00 99.99 ? 6  SER B HA   1 
ATOM 1200 H HB2  . SER B 2 6  ? 9.704   9.592   -2.333  1.00 99.99 ? 6  SER B HB2  1 
ATOM 1201 H HB3  . SER B 2 6  ? 8.324   10.208  -3.261  1.00 99.99 ? 6  SER B HB3  1 
ATOM 1202 H HG   . SER B 2 6  ? 8.266   8.378   -1.018  1.00 99.99 ? 6  SER B HG   1 
ATOM 1203 N N    . SER B 2 7  ? 9.502   6.457   -2.072  1.00 99.99 ? 7  SER B N    1 
ATOM 1204 C CA   . SER B 2 7  ? 10.399  5.484   -1.474  1.00 99.99 ? 7  SER B CA   1 
ATOM 1205 C C    . SER B 2 7  ? 9.598   4.463   -0.661  1.00 99.99 ? 7  SER B C    1 
ATOM 1206 O O    . SER B 2 7  ? 8.750   3.760   -1.207  1.00 99.99 ? 7  SER B O    1 
ATOM 1207 C CB   . SER B 2 7  ? 11.441  6.168   -0.586  1.00 99.99 ? 7  SER B CB   1 
ATOM 1208 O OG   . SER B 2 7  ? 12.255  7.079   -1.321  1.00 99.99 ? 7  SER B OG   1 
ATOM 1209 H H    . SER B 2 7  ? 8.611   6.541   -1.629  1.00 99.99 ? 7  SER B H    1 
ATOM 1210 H HA   . SER B 2 7  ? 10.900  4.999   -2.311  1.00 99.99 ? 7  SER B HA   1 
ATOM 1211 H HB2  . SER B 2 7  ? 10.921  6.724   0.195   1.00 99.99 ? 7  SER B HB2  1 
ATOM 1212 H HB3  . SER B 2 7  ? 12.072  5.413   -0.119  1.00 99.99 ? 7  SER B HB3  1 
ATOM 1213 H HG   . SER B 2 7  ? 13.128  7.214   -0.851  1.00 99.99 ? 7  SER B HG   1 
ATOM 1214 N N    . LEU B 2 8  ? 9.897   4.415   0.628   1.00 99.99 ? 8  LEU B N    1 
ATOM 1215 C CA   . LEU B 2 8  ? 9.215   3.493   1.521   1.00 99.99 ? 8  LEU B CA   1 
ATOM 1216 C C    . LEU B 2 8  ? 9.277   4.034   2.950   1.00 99.99 ? 8  LEU B C    1 
ATOM 1217 O O    . LEU B 2 8  ? 9.147   3.276   3.910   1.00 99.99 ? 8  LEU B O    1 
ATOM 1218 C CB   . LEU B 2 8  ? 9.789   2.083   1.372   1.00 99.99 ? 8  LEU B CB   1 
ATOM 1219 C CG   . LEU B 2 8  ? 9.220   1.245   0.225   1.00 99.99 ? 8  LEU B CG   1 
ATOM 1220 C CD1  . LEU B 2 8  ? 10.168  1.244   -0.977  1.00 99.99 ? 8  LEU B CD1  1 
ATOM 1221 C CD2  . LEU B 2 8  ? 8.888   -0.174  0.694   1.00 99.99 ? 8  LEU B CD2  1 
ATOM 1222 H H    . LEU B 2 8  ? 10.589  4.991   1.064   1.00 99.99 ? 8  LEU B H    1 
ATOM 1223 H HA   . LEU B 2 8  ? 8.172   3.451   1.210   1.00 99.99 ? 8  LEU B HA   1 
ATOM 1224 H HB2  . LEU B 2 8  ? 10.862  2.180   1.208   1.00 99.99 ? 8  LEU B HB2  1 
ATOM 1225 H HB3  . LEU B 2 8  ? 9.623   1.545   2.305   1.00 99.99 ? 8  LEU B HB3  1 
ATOM 1226 H HG   . LEU B 2 8  ? 8.287   1.703   -0.103  1.00 99.99 ? 8  LEU B HG   1 
ATOM 1227 H HD11 . LEU B 2 8  ? 11.118  0.789   -0.690  1.00 99.99 ? 8  LEU B HD11 1 
ATOM 1228 H HD12 . LEU B 2 8  ? 9.724   0.671   -1.790  1.00 99.99 ? 8  LEU B HD12 1 
ATOM 1229 H HD13 . LEU B 2 8  ? 10.342  2.268   -1.302  1.00 99.99 ? 8  LEU B HD13 1 
ATOM 1230 H HD21 . LEU B 2 8  ? 7.871   -0.199  1.085   1.00 99.99 ? 8  LEU B HD21 1 
ATOM 1231 H HD22 . LEU B 2 8  ? 8.970   -0.862  -0.147  1.00 99.99 ? 8  LEU B HD22 1 
ATOM 1232 H HD23 . LEU B 2 8  ? 9.586   -0.470  1.477   1.00 99.99 ? 8  LEU B HD23 1 
ATOM 1233 N N    . GLU B 2 9  ? 9.473   5.341   3.046   1.00 99.99 ? 9  GLU B N    1 
ATOM 1234 C CA   . GLU B 2 9  ? 9.553   5.993   4.343   1.00 99.99 ? 9  GLU B CA   1 
ATOM 1235 C C    . GLU B 2 9  ? 8.155   6.389   4.823   1.00 99.99 ? 9  GLU B C    1 
ATOM 1236 O O    . GLU B 2 9  ? 7.298   6.756   4.019   1.00 99.99 ? 9  GLU B O    1 
ATOM 1237 C CB   . GLU B 2 9  ? 10.479  7.208   4.289   1.00 99.99 ? 9  GLU B CB   1 
ATOM 1238 C CG   . GLU B 2 9  ? 11.726  6.911   3.454   1.00 99.99 ? 9  GLU B CG   1 
ATOM 1239 C CD   . GLU B 2 9  ? 12.788  7.995   3.650   1.00 99.99 ? 9  GLU B CD   1 
ATOM 1240 O OE1  . GLU B 2 9  ? 13.212  8.251   4.785   1.00 99.99 ? 9  GLU B OE1  1 
ATOM 1241 O OE2  . GLU B 2 9  ? 13.173  8.582   2.565   1.00 99.99 ? 9  GLU B OE2  1 
ATOM 1242 H H    . GLU B 2 9  ? 9.577   5.950   2.260   1.00 99.99 ? 9  GLU B H    1 
ATOM 1243 H HA   . GLU B 2 9  ? 9.978   5.248   5.016   1.00 99.99 ? 9  GLU B HA   1 
ATOM 1244 H HB2  . GLU B 2 9  ? 9.942   8.041   3.836   1.00 99.99 ? 9  GLU B HB2  1 
ATOM 1245 H HB3  . GLU B 2 9  ? 10.773  7.490   5.301   1.00 99.99 ? 9  GLU B HB3  1 
ATOM 1246 H HG2  . GLU B 2 9  ? 12.140  5.951   3.766   1.00 99.99 ? 9  GLU B HG2  1 
ATOM 1247 H HG3  . GLU B 2 9  ? 11.455  6.846   2.400   1.00 99.99 ? 9  GLU B HG3  1 
ATOM 1248 H HE2  . GLU B 2 9  ? 14.038  9.057   2.723   1.00 99.99 ? 9  GLU B HE2  1 
ATOM 1249 N N    . PRO B 2 10 ? 7.963   6.300   6.167   1.00 99.99 ? 10 PRO B N    1 
ATOM 1250 C CA   . PRO B 2 10 ? 6.684   6.646   6.765   1.00 99.99 ? 10 PRO B CA   1 
ATOM 1251 C C    . PRO B 2 10 ? 6.488   8.163   6.802   1.00 99.99 ? 10 PRO B C    1 
ATOM 1252 O O    . PRO B 2 10 ? 6.161   8.725   7.847   1.00 99.99 ? 10 PRO B O    1 
ATOM 1253 C CB   . PRO B 2 10 ? 6.712   6.016   8.147   1.00 99.99 ? 10 PRO B CB   1 
ATOM 1254 C CG   . PRO B 2 10 ? 8.177   5.742   8.449   1.00 99.99 ? 10 PRO B CG   1 
ATOM 1255 C CD   . PRO B 2 10 ? 8.953   5.871   7.149   1.00 99.99 ? 10 PRO B CD   1 
ATOM 1256 H HA   . PRO B 2 10 ? 5.934   6.287   6.210   1.00 99.99 ? 10 PRO B HA   1 
ATOM 1257 H HB2  . PRO B 2 10 ? 6.291   6.697   8.886   1.00 99.99 ? 10 PRO B HB2  1 
ATOM 1258 H HB3  . PRO B 2 10 ? 6.129   5.096   8.170   1.00 99.99 ? 10 PRO B HB3  1 
ATOM 1259 H HG2  . PRO B 2 10 ? 8.533   6.509   9.138   1.00 99.99 ? 10 PRO B HG2  1 
ATOM 1260 H HG3  . PRO B 2 10 ? 8.299   4.743   8.869   1.00 99.99 ? 10 PRO B HG3  1 
ATOM 1261 H HD2  . PRO B 2 10 ? 9.743   6.615   7.252   1.00 99.99 ? 10 PRO B HD2  1 
ATOM 1262 H HD3  . PRO B 2 10 ? 9.409   4.922   6.864   1.00 99.99 ? 10 PRO B HD3  1 
ATOM 1263 N N    . TRP B 2 11 ? 6.696   8.783   5.650   1.00 99.99 ? 11 TRP B N    1 
ATOM 1264 C CA   . TRP B 2 11 ? 6.547   10.224  5.537   1.00 99.99 ? 11 TRP B CA   1 
ATOM 1265 C C    . TRP B 2 11 ? 6.977   10.636  4.128   1.00 99.99 ? 11 TRP B C    1 
ATOM 1266 O O    . TRP B 2 11 ? 7.978   11.332  3.960   1.00 99.99 ? 11 TRP B O    1 
ATOM 1267 C CB   . TRP B 2 11 ? 7.329   10.944  6.636   1.00 99.99 ? 11 TRP B CB   1 
ATOM 1268 C CG   . TRP B 2 11 ? 6.459   11.450  7.789   1.00 99.99 ? 11 TRP B CG   1 
ATOM 1269 C CD1  . TRP B 2 11 ? 6.522   11.106  9.083   1.00 99.99 ? 11 TRP B CD1  1 
ATOM 1270 C CD2  . TRP B 2 11 ? 5.388   12.413  7.699   1.00 99.99 ? 11 TRP B CD2  1 
ATOM 1271 N NE1  . TRP B 2 11 ? 5.573   11.774  9.830   1.00 99.99 ? 11 TRP B NE1  1 
ATOM 1272 C CE2  . TRP B 2 11 ? 4.861   12.593  8.962   1.00 99.99 ? 11 TRP B CE2  1 
ATOM 1273 C CE3  . TRP B 2 11 ? 4.881   13.108  6.588   1.00 99.99 ? 11 TRP B CE3  1 
ATOM 1274 C CZ2  . TRP B 2 11 ? 3.801   13.467  9.233   1.00 99.99 ? 11 TRP B CZ2  1 
ATOM 1275 C CZ3  . TRP B 2 11 ? 3.820   13.976  6.876   1.00 99.99 ? 11 TRP B CZ3  1 
ATOM 1276 C CH2  . TRP B 2 11 ? 3.279   14.169  8.141   1.00 99.99 ? 11 TRP B CH2  1 
ATOM 1277 H H    . TRP B 2 11 ? 6.960   8.319   4.804   1.00 99.99 ? 11 TRP B H    1 
ATOM 1278 H HA   . TRP B 2 11 ? 5.493   10.462  5.688   1.00 99.99 ? 11 TRP B HA   1 
ATOM 1279 H HB2  . TRP B 2 11 ? 8.067   10.252  7.041   1.00 99.99 ? 11 TRP B HB2  1 
ATOM 1280 H HB3  . TRP B 2 11 ? 7.860   11.788  6.198   1.00 99.99 ? 11 TRP B HB3  1 
ATOM 1281 H HD1  . TRP B 2 11 ? 7.233   10.389  9.492   1.00 99.99 ? 11 TRP B HD1  1 
ATOM 1282 H HE1  . TRP B 2 11 ? 5.412   11.677  10.904  1.00 99.99 ? 11 TRP B HE1  1 
ATOM 1283 H HE3  . TRP B 2 11 ? 5.279   12.983  5.580   1.00 99.99 ? 11 TRP B HE3  1 
ATOM 1284 H HZ2  . TRP B 2 11 ? 3.403   13.592  10.240  1.00 99.99 ? 11 TRP B HZ2  1 
ATOM 1285 H HZ3  . TRP B 2 11 ? 3.388   14.539  6.048   1.00 99.99 ? 11 TRP B HZ3  1 
ATOM 1286 H HH2  . TRP B 2 11 ? 2.452   14.865  8.281   1.00 99.99 ? 11 TRP B HH2  1 
ATOM 1287 N N    . ASP B 2 12 ? 6.202   10.189  3.151   1.00 99.99 ? 12 ASP B N    1 
ATOM 1288 C CA   . ASP B 2 12 ? 6.492   10.502  1.762   1.00 99.99 ? 12 ASP B CA   1 
ATOM 1289 C C    . ASP B 2 12 ? 7.991   10.331  1.508   1.00 99.99 ? 12 ASP B C    1 
ATOM 1290 O O    . ASP B 2 12 ? 8.691   11.302  1.219   1.00 99.99 ? 12 ASP B O    1 
ATOM 1291 C CB   . ASP B 2 12 ? 6.120   11.950  1.435   1.00 99.99 ? 12 ASP B CB   1 
ATOM 1292 C CG   . ASP B 2 12 ? 6.659   12.994  2.415   1.00 99.99 ? 12 ASP B CG   1 
ATOM 1293 O OD1  . ASP B 2 12 ? 5.932   13.481  3.293   1.00 99.99 ? 12 ASP B OD1  1 
ATOM 1294 O OD2  . ASP B 2 12 ? 7.898   13.309  2.248   1.00 99.99 ? 12 ASP B OD2  1 
ATOM 1295 H H    . ASP B 2 12 ? 5.390   9.624   3.297   1.00 99.99 ? 12 ASP B H    1 
ATOM 1296 H HA   . ASP B 2 12 ? 5.888   9.807   1.180   1.00 99.99 ? 12 ASP B HA   1 
ATOM 1297 H HB2  . ASP B 2 12 ? 6.515   12.183  0.447   1.00 99.99 ? 12 ASP B HB2  1 
ATOM 1298 H HB3  . ASP B 2 12 ? 5.032   12.031  1.402   1.00 99.99 ? 12 ASP B HB3  1 
ATOM 1299 H HD2  . ASP B 2 12 ? 7.968   14.220  1.840   1.00 99.99 ? 12 ASP B HD2  1 
ATOM 1300 N N    . ASP B 2 13 ? 8.441   9.090   1.622   1.00 99.99 ? 13 ASP B N    1 
ATOM 1301 C CA   . ASP B 2 13 ? 9.844   8.780   1.409   1.00 99.99 ? 13 ASP B CA   1 
ATOM 1302 C C    . ASP B 2 13 ? 10.694  9.562   2.411   1.00 99.99 ? 13 ASP B C    1 
ATOM 1303 O O    . ASP B 2 13 ? 10.195  10.464  3.084   1.00 99.99 ? 13 ASP B O    1 
ATOM 1304 C CB   . ASP B 2 13 ? 10.287  9.178   -0.001  1.00 99.99 ? 13 ASP B CB   1 
ATOM 1305 C CG   . ASP B 2 13 ? 11.626  9.913   -0.072  1.00 99.99 ? 13 ASP B CG   1 
ATOM 1306 O OD1  . ASP B 2 13 ? 11.811  10.967  0.554   1.00 99.99 ? 13 ASP B OD1  1 
ATOM 1307 O OD2  . ASP B 2 13 ? 12.516  9.353   -0.822  1.00 99.99 ? 13 ASP B OD2  1 
ATOM 1308 H H    . ASP B 2 13 ? 7.865   8.306   1.858   1.00 99.99 ? 13 ASP B H    1 
ATOM 1309 H HA   . ASP B 2 13 ? 9.922   7.701   1.548   1.00 99.99 ? 13 ASP B HA   1 
ATOM 1310 H HB2  . ASP B 2 13 ? 10.364  8.271   -0.602  1.00 99.99 ? 13 ASP B HB2  1 
ATOM 1311 H HB3  . ASP B 2 13 ? 9.521   9.826   -0.428  1.00 99.99 ? 13 ASP B HB3  1 
ATOM 1312 H HD2  . ASP B 2 13 ? 13.343  9.839   -0.845  1.00 99.99 ? 13 ASP B HD2  1 
# 
